data_7DXY
# 
_entry.id   7DXY 
# 
_audit_conform.dict_name       mmcif_pdbx.dic 
_audit_conform.dict_version    5.380 
_audit_conform.dict_location   http://mmcif.pdb.org/dictionaries/ascii/mmcif_pdbx.dic 
# 
loop_
_database_2.database_id 
_database_2.database_code 
_database_2.pdbx_database_accession 
_database_2.pdbx_DOI 
PDB   7DXY         pdb_00007dxy 10.2210/pdb7dxy/pdb 
WWPDB D_1300020276 ?            ?                   
# 
_pdbx_database_status.status_code                     REL 
_pdbx_database_status.status_code_sf                  REL 
_pdbx_database_status.status_code_mr                  ? 
_pdbx_database_status.entry_id                        7DXY 
_pdbx_database_status.recvd_initial_deposition_date   2021-01-20 
_pdbx_database_status.SG_entry                        N 
_pdbx_database_status.deposit_site                    PDBJ 
_pdbx_database_status.process_site                    PDBJ 
_pdbx_database_status.status_code_cs                  ? 
_pdbx_database_status.status_code_nmr_data            ? 
_pdbx_database_status.methods_development_category    ? 
_pdbx_database_status.pdb_format_compatible           Y 
# 
loop_
_audit_author.name 
_audit_author.pdbx_ordinal 
_audit_author.identifier_ORCID 
'Yagi, S.'   1 ? 
'Tagami, S.' 2 ? 
# 
loop_
_citation.abstract 
_citation.abstract_id_CAS 
_citation.book_id_ISBN 
_citation.book_publisher 
_citation.book_publisher_city 
_citation.book_title 
_citation.coordinate_linkage 
_citation.country 
_citation.database_id_Medline 
_citation.details 
_citation.id 
_citation.journal_abbrev 
_citation.journal_id_ASTM 
_citation.journal_id_CSD 
_citation.journal_id_ISSN 
_citation.journal_full 
_citation.journal_issue 
_citation.journal_volume 
_citation.language 
_citation.page_first 
_citation.page_last 
_citation.title 
_citation.year 
_citation.database_id_CSD 
_citation.pdbx_database_id_DOI 
_citation.pdbx_database_id_PubMed 
_citation.unpublished_flag 
? ? ? ? ? ? ? US ? ? primary J.Am.Chem.Soc. JACSAT ? 1520-5126 ? ? 143 ? 15998 16006 
'Seven Amino Acid Types Suffice to Create the Core Fold of RNA Polymerase.'      2021 ? 10.1021/jacs.1c05367      34559526 ? 
? ? ? ? ? ? ? US ? ? 1       Biorxiv        ?      ? 2692-8205 ? ? ?   ? ?     ?     
'Seven amino acid types suffice to reconstruct the core fold of RNA polymerase.' 2021 ? 10.1101/2021.02.22.432383 ?        ? 
# 
loop_
_citation_author.citation_id 
_citation_author.name 
_citation_author.ordinal 
_citation_author.identifier_ORCID 
primary 'Yagi, S.'      1  ?                   
primary 'Padhi, A.K.'   2  ?                   
primary 'Vucinic, J.'   3  ?                   
primary 'Barbe, S.'     4  ?                   
primary 'Schiex, T.'    5  ?                   
primary 'Nakagawa, R.'  6  0000-0002-6178-2945 
primary 'Simoncini, D.' 7  ?                   
primary 'Zhang, K.Y.J.' 8  0000-0002-9282-8045 
primary 'Tagami, S.'    9  0000-0002-1720-3627 
1       'Yagi, S.'      10 ?                   
1       'Padhi, A.K.'   11 ?                   
1       'Vucinic, J.'   12 ?                   
1       'Barbe, S.'     13 ?                   
1       'Schiex, T.'    14 ?                   
1       'Nakagawa, R.'  15 ?                   
1       'Simoncini, D.' 16 ?                   
1       'Zhang, K.Y.J.' 17 ?                   
1       'Tagami, S.'    18 ?                   
# 
_cell.angle_alpha                  90.000 
_cell.angle_alpha_esd              ? 
_cell.angle_beta                   90.000 
_cell.angle_beta_esd               ? 
_cell.angle_gamma                  90.000 
_cell.angle_gamma_esd              ? 
_cell.entry_id                     7DXY 
_cell.details                      ? 
_cell.formula_units_Z              ? 
_cell.length_a                     30.660 
_cell.length_a_esd                 ? 
_cell.length_b                     39.688 
_cell.length_b_esd                 ? 
_cell.length_c                     64.283 
_cell.length_c_esd                 ? 
_cell.volume                       ? 
_cell.volume_esd                   ? 
_cell.Z_PDB                        8 
_cell.reciprocal_angle_alpha       ? 
_cell.reciprocal_angle_beta        ? 
_cell.reciprocal_angle_gamma       ? 
_cell.reciprocal_angle_alpha_esd   ? 
_cell.reciprocal_angle_beta_esd    ? 
_cell.reciprocal_angle_gamma_esd   ? 
_cell.reciprocal_length_a          ? 
_cell.reciprocal_length_b          ? 
_cell.reciprocal_length_c          ? 
_cell.reciprocal_length_a_esd      ? 
_cell.reciprocal_length_b_esd      ? 
_cell.reciprocal_length_c_esd      ? 
_cell.pdbx_unique_axis             ? 
# 
_symmetry.entry_id                         7DXY 
_symmetry.cell_setting                     ? 
_symmetry.Int_Tables_number                19 
_symmetry.space_group_name_Hall            ? 
_symmetry.space_group_name_H-M             'P 21 21 21' 
_symmetry.pdbx_full_space_group_name_H-M   ? 
# 
loop_
_entity.id 
_entity.type 
_entity.src_method 
_entity.pdbx_description 
_entity.formula_weight 
_entity.pdbx_number_of_molecules 
_entity.pdbx_ec 
_entity.pdbx_mutation 
_entity.pdbx_fragment 
_entity.details 
1 polymer man mk2h_deltaMILPS 4846.713 2  ? ? ? ? 
2 water   nat water           18.015   96 ? ? ? ? 
# 
_entity_poly.entity_id                      1 
_entity_poly.type                           'polypeptide(L)' 
_entity_poly.nstd_linkage                   no 
_entity_poly.nstd_monomer                   no 
_entity_poly.pdbx_seq_one_letter_code       KKVVARVAEAYAEDVGKRVVRVDKYERAKVGVKVGDYVEVKKV 
_entity_poly.pdbx_seq_one_letter_code_can   KKVVARVAEAYAEDVGKRVVRVDKYERAKVGVKVGDYVEVKKV 
_entity_poly.pdbx_strand_id                 B,A 
_entity_poly.pdbx_target_identifier         ? 
# 
loop_
_entity_poly_seq.entity_id 
_entity_poly_seq.num 
_entity_poly_seq.mon_id 
_entity_poly_seq.hetero 
1 1  LYS n 
1 2  LYS n 
1 3  VAL n 
1 4  VAL n 
1 5  ALA n 
1 6  ARG n 
1 7  VAL n 
1 8  ALA n 
1 9  GLU n 
1 10 ALA n 
1 11 TYR n 
1 12 ALA n 
1 13 GLU n 
1 14 ASP n 
1 15 VAL n 
1 16 GLY n 
1 17 LYS n 
1 18 ARG n 
1 19 VAL n 
1 20 VAL n 
1 21 ARG n 
1 22 VAL n 
1 23 ASP n 
1 24 LYS n 
1 25 TYR n 
1 26 GLU n 
1 27 ARG n 
1 28 ALA n 
1 29 LYS n 
1 30 VAL n 
1 31 GLY n 
1 32 VAL n 
1 33 LYS n 
1 34 VAL n 
1 35 GLY n 
1 36 ASP n 
1 37 TYR n 
1 38 VAL n 
1 39 GLU n 
1 40 VAL n 
1 41 LYS n 
1 42 LYS n 
1 43 VAL n 
# 
_entity_src_gen.entity_id                          1 
_entity_src_gen.pdbx_src_id                        1 
_entity_src_gen.pdbx_alt_source_flag               sample 
_entity_src_gen.pdbx_seq_type                      'Biological sequence' 
_entity_src_gen.pdbx_beg_seq_num                   1 
_entity_src_gen.pdbx_end_seq_num                   43 
_entity_src_gen.gene_src_common_name               ? 
_entity_src_gen.gene_src_genus                     ? 
_entity_src_gen.pdbx_gene_src_gene                 ? 
_entity_src_gen.gene_src_species                   ? 
_entity_src_gen.gene_src_strain                    ? 
_entity_src_gen.gene_src_tissue                    ? 
_entity_src_gen.gene_src_tissue_fraction           ? 
_entity_src_gen.gene_src_details                   ? 
_entity_src_gen.pdbx_gene_src_fragment             ? 
_entity_src_gen.pdbx_gene_src_scientific_name      'synthetic construct' 
_entity_src_gen.pdbx_gene_src_ncbi_taxonomy_id     32630 
_entity_src_gen.pdbx_gene_src_variant              ? 
_entity_src_gen.pdbx_gene_src_cell_line            ? 
_entity_src_gen.pdbx_gene_src_atcc                 ? 
_entity_src_gen.pdbx_gene_src_organ                ? 
_entity_src_gen.pdbx_gene_src_organelle            ? 
_entity_src_gen.pdbx_gene_src_cell                 ? 
_entity_src_gen.pdbx_gene_src_cellular_location    ? 
_entity_src_gen.host_org_common_name               ? 
_entity_src_gen.pdbx_host_org_scientific_name      'Escherichia coli' 
_entity_src_gen.pdbx_host_org_ncbi_taxonomy_id     562 
_entity_src_gen.host_org_genus                     ? 
_entity_src_gen.pdbx_host_org_gene                 ? 
_entity_src_gen.pdbx_host_org_organ                ? 
_entity_src_gen.host_org_species                   ? 
_entity_src_gen.pdbx_host_org_tissue               ? 
_entity_src_gen.pdbx_host_org_tissue_fraction      ? 
_entity_src_gen.pdbx_host_org_strain               ? 
_entity_src_gen.pdbx_host_org_variant              ? 
_entity_src_gen.pdbx_host_org_cell_line            ? 
_entity_src_gen.pdbx_host_org_atcc                 ? 
_entity_src_gen.pdbx_host_org_culture_collection   ? 
_entity_src_gen.pdbx_host_org_cell                 ? 
_entity_src_gen.pdbx_host_org_organelle            ? 
_entity_src_gen.pdbx_host_org_cellular_location    ? 
_entity_src_gen.pdbx_host_org_vector_type          ? 
_entity_src_gen.pdbx_host_org_vector               ? 
_entity_src_gen.host_org_details                   ? 
_entity_src_gen.expression_system_id               ? 
_entity_src_gen.plasmid_name                       ? 
_entity_src_gen.plasmid_details                    ? 
_entity_src_gen.pdbx_description                   ? 
# 
_struct_ref.id                         1 
_struct_ref.db_name                    PDB 
_struct_ref.db_code                    7DXY 
_struct_ref.pdbx_db_accession          7DXY 
_struct_ref.pdbx_db_isoform            ? 
_struct_ref.entity_id                  1 
_struct_ref.pdbx_seq_one_letter_code   ? 
_struct_ref.pdbx_align_begin           1 
# 
loop_
_struct_ref_seq.align_id 
_struct_ref_seq.ref_id 
_struct_ref_seq.pdbx_PDB_id_code 
_struct_ref_seq.pdbx_strand_id 
_struct_ref_seq.seq_align_beg 
_struct_ref_seq.pdbx_seq_align_beg_ins_code 
_struct_ref_seq.seq_align_end 
_struct_ref_seq.pdbx_seq_align_end_ins_code 
_struct_ref_seq.pdbx_db_accession 
_struct_ref_seq.db_align_beg 
_struct_ref_seq.pdbx_db_align_beg_ins_code 
_struct_ref_seq.db_align_end 
_struct_ref_seq.pdbx_db_align_end_ins_code 
_struct_ref_seq.pdbx_auth_seq_align_beg 
_struct_ref_seq.pdbx_auth_seq_align_end 
1 1 7DXY B 1 ? 43 ? 7DXY 4 ? 46 ? 4 46 
2 1 7DXY A 1 ? 43 ? 7DXY 4 ? 46 ? 4 46 
# 
loop_
_chem_comp.id 
_chem_comp.type 
_chem_comp.mon_nstd_flag 
_chem_comp.name 
_chem_comp.pdbx_synonyms 
_chem_comp.formula 
_chem_comp.formula_weight 
ALA 'L-peptide linking' y ALANINE         ? 'C3 H7 N O2'     89.093  
ARG 'L-peptide linking' y ARGININE        ? 'C6 H15 N4 O2 1' 175.209 
ASP 'L-peptide linking' y 'ASPARTIC ACID' ? 'C4 H7 N O4'     133.103 
GLU 'L-peptide linking' y 'GLUTAMIC ACID' ? 'C5 H9 N O4'     147.129 
GLY 'peptide linking'   y GLYCINE         ? 'C2 H5 N O2'     75.067  
HOH non-polymer         . WATER           ? 'H2 O'           18.015  
LYS 'L-peptide linking' y LYSINE          ? 'C6 H15 N2 O2 1' 147.195 
TYR 'L-peptide linking' y TYROSINE        ? 'C9 H11 N O3'    181.189 
VAL 'L-peptide linking' y VALINE          ? 'C5 H11 N O2'    117.146 
# 
_exptl.absorpt_coefficient_mu     ? 
_exptl.absorpt_correction_T_max   ? 
_exptl.absorpt_correction_T_min   ? 
_exptl.absorpt_correction_type    ? 
_exptl.absorpt_process_details    ? 
_exptl.entry_id                   7DXY 
_exptl.crystals_number            1 
_exptl.details                    ? 
_exptl.method                     'X-RAY DIFFRACTION' 
_exptl.method_details             ? 
# 
_exptl_crystal.colour                      ? 
_exptl_crystal.density_diffrn              ? 
_exptl_crystal.density_Matthews            2.02 
_exptl_crystal.density_method              ? 
_exptl_crystal.density_percent_sol         39.03 
_exptl_crystal.description                 ? 
_exptl_crystal.F_000                       ? 
_exptl_crystal.id                          1 
_exptl_crystal.preparation                 ? 
_exptl_crystal.size_max                    ? 
_exptl_crystal.size_mid                    ? 
_exptl_crystal.size_min                    ? 
_exptl_crystal.size_rad                    ? 
_exptl_crystal.colour_lustre               ? 
_exptl_crystal.colour_modifier             ? 
_exptl_crystal.colour_primary              ? 
_exptl_crystal.density_meas                ? 
_exptl_crystal.density_meas_esd            ? 
_exptl_crystal.density_meas_gt             ? 
_exptl_crystal.density_meas_lt             ? 
_exptl_crystal.density_meas_temp           ? 
_exptl_crystal.density_meas_temp_esd       ? 
_exptl_crystal.density_meas_temp_gt        ? 
_exptl_crystal.density_meas_temp_lt        ? 
_exptl_crystal.pdbx_crystal_image_url      ? 
_exptl_crystal.pdbx_crystal_image_format   ? 
_exptl_crystal.pdbx_mosaicity              ? 
_exptl_crystal.pdbx_mosaicity_esd          ? 
# 
_exptl_crystal_grow.apparatus       ? 
_exptl_crystal_grow.atmosphere      ? 
_exptl_crystal_grow.crystal_id      1 
_exptl_crystal_grow.details         ? 
_exptl_crystal_grow.method          'VAPOR DIFFUSION, SITTING DROP' 
_exptl_crystal_grow.method_ref      ? 
_exptl_crystal_grow.pH              ? 
_exptl_crystal_grow.pressure        ? 
_exptl_crystal_grow.pressure_esd    ? 
_exptl_crystal_grow.seeding         ? 
_exptl_crystal_grow.seeding_ref     ? 
_exptl_crystal_grow.temp            293 
_exptl_crystal_grow.temp_details    ? 
_exptl_crystal_grow.temp_esd        ? 
_exptl_crystal_grow.time            ? 
_exptl_crystal_grow.pdbx_details    
'400mM Sodium phosphate monobasic/1600mM Pottasium phosphate dibasic, 100 mM imidazole_HCl, pH 8.0, 200 mM NaCl' 
_exptl_crystal_grow.pdbx_pH_range   ? 
# 
_diffrn.ambient_environment              ? 
_diffrn.ambient_temp                     100 
_diffrn.ambient_temp_details             ? 
_diffrn.ambient_temp_esd                 ? 
_diffrn.crystal_id                       1 
_diffrn.crystal_support                  ? 
_diffrn.crystal_treatment                ? 
_diffrn.details                          ? 
_diffrn.id                               1 
_diffrn.ambient_pressure                 ? 
_diffrn.ambient_pressure_esd             ? 
_diffrn.ambient_pressure_gt              ? 
_diffrn.ambient_pressure_lt              ? 
_diffrn.ambient_temp_gt                  ? 
_diffrn.ambient_temp_lt                  ? 
_diffrn.pdbx_serial_crystal_experiment   N 
# 
_diffrn_detector.details                      ? 
_diffrn_detector.detector                     PIXEL 
_diffrn_detector.diffrn_id                    1 
_diffrn_detector.type                         'DECTRIS EIGER X 16M' 
_diffrn_detector.area_resol_mean              ? 
_diffrn_detector.dtime                        ? 
_diffrn_detector.pdbx_frames_total            ? 
_diffrn_detector.pdbx_collection_time_total   ? 
_diffrn_detector.pdbx_collection_date         2020-09-11 
_diffrn_detector.pdbx_frequency               ? 
# 
_diffrn_radiation.collimation                      ? 
_diffrn_radiation.diffrn_id                        1 
_diffrn_radiation.filter_edge                      ? 
_diffrn_radiation.inhomogeneity                    ? 
_diffrn_radiation.monochromator                    ? 
_diffrn_radiation.polarisn_norm                    ? 
_diffrn_radiation.polarisn_ratio                   ? 
_diffrn_radiation.probe                            ? 
_diffrn_radiation.type                             ? 
_diffrn_radiation.xray_symbol                      ? 
_diffrn_radiation.wavelength_id                    1 
_diffrn_radiation.pdbx_monochromatic_or_laue_m_l   M 
_diffrn_radiation.pdbx_wavelength_list             ? 
_diffrn_radiation.pdbx_wavelength                  ? 
_diffrn_radiation.pdbx_diffrn_protocol             'SINGLE WAVELENGTH' 
_diffrn_radiation.pdbx_analyzer                    ? 
_diffrn_radiation.pdbx_scattering_type             x-ray 
# 
_diffrn_radiation_wavelength.id           1 
_diffrn_radiation_wavelength.wavelength   1 
_diffrn_radiation_wavelength.wt           1.0 
# 
_diffrn_source.current                     ? 
_diffrn_source.details                     ? 
_diffrn_source.diffrn_id                   1 
_diffrn_source.power                       ? 
_diffrn_source.size                        ? 
_diffrn_source.source                      SYNCHROTRON 
_diffrn_source.target                      ? 
_diffrn_source.type                        'SLS BEAMLINE X06SA' 
_diffrn_source.voltage                     ? 
_diffrn_source.take-off_angle              ? 
_diffrn_source.pdbx_wavelength_list        1 
_diffrn_source.pdbx_wavelength             ? 
_diffrn_source.pdbx_synchrotron_beamline   X06SA 
_diffrn_source.pdbx_synchrotron_site       SLS 
# 
_reflns.B_iso_Wilson_estimate            ? 
_reflns.entry_id                         7DXY 
_reflns.data_reduction_details           ? 
_reflns.data_reduction_method            ? 
_reflns.d_resolution_high                1.35 
_reflns.d_resolution_low                 50 
_reflns.details                          ? 
_reflns.limit_h_max                      ? 
_reflns.limit_h_min                      ? 
_reflns.limit_k_max                      ? 
_reflns.limit_k_min                      ? 
_reflns.limit_l_max                      ? 
_reflns.limit_l_min                      ? 
_reflns.number_all                       ? 
_reflns.number_obs                       17566 
_reflns.observed_criterion               ? 
_reflns.observed_criterion_F_max         ? 
_reflns.observed_criterion_F_min         ? 
_reflns.observed_criterion_I_max         ? 
_reflns.observed_criterion_I_min         ? 
_reflns.observed_criterion_sigma_F       ? 
_reflns.observed_criterion_sigma_I       ? 
_reflns.percent_possible_obs             99.2 
_reflns.R_free_details                   ? 
_reflns.Rmerge_F_all                     ? 
_reflns.Rmerge_F_obs                     ? 
_reflns.Friedel_coverage                 ? 
_reflns.number_gt                        ? 
_reflns.threshold_expression             ? 
_reflns.pdbx_redundancy                  6.26 
_reflns.pdbx_Rmerge_I_obs                ? 
_reflns.pdbx_Rmerge_I_all                ? 
_reflns.pdbx_Rsym_value                  ? 
_reflns.pdbx_netI_over_av_sigmaI         ? 
_reflns.pdbx_netI_over_sigmaI            18.85 
_reflns.pdbx_res_netI_over_av_sigmaI_2   ? 
_reflns.pdbx_res_netI_over_sigmaI_2      ? 
_reflns.pdbx_chi_squared                 ? 
_reflns.pdbx_scaling_rejects             ? 
_reflns.pdbx_d_res_high_opt              ? 
_reflns.pdbx_d_res_low_opt               ? 
_reflns.pdbx_d_res_opt_method            ? 
_reflns.phase_calculation_details        ? 
_reflns.pdbx_Rrim_I_all                  ? 
_reflns.pdbx_Rpim_I_all                  ? 
_reflns.pdbx_d_opt                       ? 
_reflns.pdbx_number_measured_all         ? 
_reflns.pdbx_diffrn_id                   1 
_reflns.pdbx_ordinal                     1 
_reflns.pdbx_CC_half                     1 
_reflns.pdbx_CC_star                     ? 
_reflns.pdbx_R_split                     ? 
# 
_reflns_shell.d_res_high                  1.35 
_reflns_shell.d_res_low                   1.44 
_reflns_shell.meanI_over_sigI_all         ? 
_reflns_shell.meanI_over_sigI_obs         ? 
_reflns_shell.number_measured_all         ? 
_reflns_shell.number_measured_obs         ? 
_reflns_shell.number_possible             ? 
_reflns_shell.number_unique_all           ? 
_reflns_shell.number_unique_obs           2759 
_reflns_shell.percent_possible_all        ? 
_reflns_shell.percent_possible_obs        ? 
_reflns_shell.Rmerge_F_all                ? 
_reflns_shell.Rmerge_F_obs                ? 
_reflns_shell.Rmerge_I_all                ? 
_reflns_shell.Rmerge_I_obs                ? 
_reflns_shell.meanI_over_sigI_gt          ? 
_reflns_shell.meanI_over_uI_all           ? 
_reflns_shell.meanI_over_uI_gt            ? 
_reflns_shell.number_measured_gt          ? 
_reflns_shell.number_unique_gt            ? 
_reflns_shell.percent_possible_gt         ? 
_reflns_shell.Rmerge_F_gt                 ? 
_reflns_shell.Rmerge_I_gt                 ? 
_reflns_shell.pdbx_redundancy             ? 
_reflns_shell.pdbx_Rsym_value             ? 
_reflns_shell.pdbx_chi_squared            ? 
_reflns_shell.pdbx_netI_over_sigmaI_all   ? 
_reflns_shell.pdbx_netI_over_sigmaI_obs   ? 
_reflns_shell.pdbx_Rrim_I_all             ? 
_reflns_shell.pdbx_Rpim_I_all             ? 
_reflns_shell.pdbx_rejects                ? 
_reflns_shell.pdbx_ordinal                1 
_reflns_shell.pdbx_diffrn_id              1 
_reflns_shell.pdbx_CC_half                0.832 
_reflns_shell.pdbx_CC_star                ? 
_reflns_shell.pdbx_R_split                ? 
# 
_refine.aniso_B[1][1]                            ? 
_refine.aniso_B[1][2]                            ? 
_refine.aniso_B[1][3]                            ? 
_refine.aniso_B[2][2]                            ? 
_refine.aniso_B[2][3]                            ? 
_refine.aniso_B[3][3]                            ? 
_refine.B_iso_max                                98.940 
_refine.B_iso_mean                               31.1788 
_refine.B_iso_min                                16.930 
_refine.correlation_coeff_Fo_to_Fc               ? 
_refine.correlation_coeff_Fo_to_Fc_free          ? 
_refine.details                                  ? 
_refine.diff_density_max                         ? 
_refine.diff_density_max_esd                     ? 
_refine.diff_density_min                         ? 
_refine.diff_density_min_esd                     ? 
_refine.diff_density_rms                         ? 
_refine.diff_density_rms_esd                     ? 
_refine.entry_id                                 7DXY 
_refine.pdbx_refine_id                           'X-RAY DIFFRACTION' 
_refine.ls_abs_structure_details                 ? 
_refine.ls_abs_structure_Flack                   ? 
_refine.ls_abs_structure_Flack_esd               ? 
_refine.ls_abs_structure_Rogers                  ? 
_refine.ls_abs_structure_Rogers_esd              ? 
_refine.ls_d_res_high                            1.4000 
_refine.ls_d_res_low                             24.2630 
_refine.ls_extinction_coef                       ? 
_refine.ls_extinction_coef_esd                   ? 
_refine.ls_extinction_expression                 ? 
_refine.ls_extinction_method                     ? 
_refine.ls_goodness_of_fit_all                   ? 
_refine.ls_goodness_of_fit_all_esd               ? 
_refine.ls_goodness_of_fit_obs                   ? 
_refine.ls_goodness_of_fit_obs_esd               ? 
_refine.ls_hydrogen_treatment                    ? 
_refine.ls_matrix_type                           ? 
_refine.ls_number_constraints                    ? 
_refine.ls_number_parameters                     ? 
_refine.ls_number_reflns_all                     ? 
_refine.ls_number_reflns_obs                     15896 
_refine.ls_number_reflns_R_free                  1592 
_refine.ls_number_reflns_R_work                  14304 
_refine.ls_number_restraints                     ? 
_refine.ls_percent_reflns_obs                    99.1600 
_refine.ls_percent_reflns_R_free                 10.0200 
_refine.ls_R_factor_all                          ? 
_refine.ls_R_factor_obs                          0.2129 
_refine.ls_R_factor_R_free                       0.2296 
_refine.ls_R_factor_R_free_error                 ? 
_refine.ls_R_factor_R_free_error_details         ? 
_refine.ls_R_factor_R_work                       0.2110 
_refine.ls_R_Fsqd_factor_obs                     ? 
_refine.ls_R_I_factor_obs                        ? 
_refine.ls_redundancy_reflns_all                 ? 
_refine.ls_redundancy_reflns_obs                 ? 
_refine.ls_restrained_S_all                      ? 
_refine.ls_restrained_S_obs                      ? 
_refine.ls_shift_over_esd_max                    ? 
_refine.ls_shift_over_esd_mean                   ? 
_refine.ls_structure_factor_coef                 ? 
_refine.ls_weighting_details                     ? 
_refine.ls_weighting_scheme                      ? 
_refine.ls_wR_factor_all                         ? 
_refine.ls_wR_factor_obs                         ? 
_refine.ls_wR_factor_R_free                      ? 
_refine.ls_wR_factor_R_work                      ? 
_refine.occupancy_max                            ? 
_refine.occupancy_min                            ? 
_refine.solvent_model_details                    'FLAT BULK SOLVENT MODEL' 
_refine.solvent_model_param_bsol                 ? 
_refine.solvent_model_param_ksol                 ? 
_refine.pdbx_R_complete                          ? 
_refine.ls_R_factor_gt                           ? 
_refine.ls_goodness_of_fit_gt                    ? 
_refine.ls_goodness_of_fit_ref                   ? 
_refine.ls_shift_over_su_max                     ? 
_refine.ls_shift_over_su_max_lt                  ? 
_refine.ls_shift_over_su_mean                    ? 
_refine.ls_shift_over_su_mean_lt                 ? 
_refine.pdbx_ls_sigma_I                          ? 
_refine.pdbx_ls_sigma_F                          1.470 
_refine.pdbx_ls_sigma_Fsqd                       ? 
_refine.pdbx_data_cutoff_high_absF               ? 
_refine.pdbx_data_cutoff_high_rms_absF           ? 
_refine.pdbx_data_cutoff_low_absF                ? 
_refine.pdbx_isotropic_thermal_model             ? 
_refine.pdbx_ls_cross_valid_method               THROUGHOUT 
_refine.pdbx_method_to_determine_struct          'MOLECULAR REPLACEMENT' 
_refine.pdbx_starting_model                      7DXX 
_refine.pdbx_stereochemistry_target_values       ML 
_refine.pdbx_R_Free_selection_details            ? 
_refine.pdbx_stereochem_target_val_spec_case     ? 
_refine.pdbx_overall_ESU_R                       ? 
_refine.pdbx_overall_ESU_R_Free                  ? 
_refine.pdbx_solvent_vdw_probe_radii             1.1100 
_refine.pdbx_solvent_ion_probe_radii             ? 
_refine.pdbx_solvent_shrinkage_radii             0.9000 
_refine.pdbx_real_space_R                        ? 
_refine.pdbx_density_correlation                 ? 
_refine.pdbx_pd_number_of_powder_patterns        ? 
_refine.pdbx_pd_number_of_points                 ? 
_refine.pdbx_pd_meas_number_of_points            ? 
_refine.pdbx_pd_proc_ls_prof_R_factor            ? 
_refine.pdbx_pd_proc_ls_prof_wR_factor           ? 
_refine.pdbx_pd_Marquardt_correlation_coeff      ? 
_refine.pdbx_pd_Fsqrd_R_factor                   ? 
_refine.pdbx_pd_ls_matrix_band_width             ? 
_refine.pdbx_overall_phase_error                 29.1500 
_refine.pdbx_overall_SU_R_free_Cruickshank_DPI   ? 
_refine.pdbx_overall_SU_R_free_Blow_DPI          ? 
_refine.pdbx_overall_SU_R_Blow_DPI               ? 
_refine.pdbx_TLS_residual_ADP_flag               ? 
_refine.pdbx_diffrn_id                           1 
_refine.overall_SU_B                             ? 
_refine.overall_SU_ML                            0.1300 
_refine.overall_SU_R_Cruickshank_DPI             ? 
_refine.overall_SU_R_free                        ? 
_refine.overall_FOM_free_R_set                   ? 
_refine.overall_FOM_work_R_set                   ? 
_refine.pdbx_average_fsc_overall                 ? 
_refine.pdbx_average_fsc_work                    ? 
_refine.pdbx_average_fsc_free                    ? 
# 
_refine_hist.pdbx_refine_id                   'X-RAY DIFFRACTION' 
_refine_hist.cycle_id                         final 
_refine_hist.details                          ? 
_refine_hist.d_res_high                       1.4000 
_refine_hist.d_res_low                        24.2630 
_refine_hist.number_atoms_solvent             96 
_refine_hist.number_atoms_total               760 
_refine_hist.number_reflns_all                ? 
_refine_hist.number_reflns_obs                ? 
_refine_hist.number_reflns_R_free             ? 
_refine_hist.number_reflns_R_work             ? 
_refine_hist.R_factor_all                     ? 
_refine_hist.R_factor_obs                     ? 
_refine_hist.R_factor_R_free                  ? 
_refine_hist.R_factor_R_work                  ? 
_refine_hist.pdbx_number_residues_total       84 
_refine_hist.pdbx_B_iso_mean_ligand           ? 
_refine_hist.pdbx_B_iso_mean_solvent          40.46 
_refine_hist.pdbx_number_atoms_protein        664 
_refine_hist.pdbx_number_atoms_nucleic_acid   0 
_refine_hist.pdbx_number_atoms_ligand         0 
_refine_hist.pdbx_number_atoms_lipid          ? 
_refine_hist.pdbx_number_atoms_carb           ? 
_refine_hist.pdbx_pseudo_atom_details         ? 
# 
loop_
_refine_ls_shell.pdbx_refine_id 
_refine_ls_shell.d_res_high 
_refine_ls_shell.d_res_low 
_refine_ls_shell.number_reflns_all 
_refine_ls_shell.number_reflns_obs 
_refine_ls_shell.number_reflns_R_free 
_refine_ls_shell.number_reflns_R_work 
_refine_ls_shell.percent_reflns_obs 
_refine_ls_shell.percent_reflns_R_free 
_refine_ls_shell.R_factor_all 
_refine_ls_shell.R_factor_obs 
_refine_ls_shell.R_factor_R_free 
_refine_ls_shell.R_factor_R_free_error 
_refine_ls_shell.R_factor_R_work 
_refine_ls_shell.redundancy_reflns_all 
_refine_ls_shell.redundancy_reflns_obs 
_refine_ls_shell.wR_factor_all 
_refine_ls_shell.wR_factor_obs 
_refine_ls_shell.wR_factor_R_free 
_refine_ls_shell.wR_factor_R_work 
_refine_ls_shell.pdbx_R_complete 
_refine_ls_shell.pdbx_total_number_of_bins_used 
_refine_ls_shell.pdbx_phase_error 
_refine_ls_shell.pdbx_fsc_work 
_refine_ls_shell.pdbx_fsc_free 
'X-RAY DIFFRACTION' 1.4000 1.4452  . . 139 1253 100.0000 . . . 0.3184 0.0000 0.3257 . . . . . . . . . . . 
'X-RAY DIFFRACTION' 1.4452 1.4968  . . 144 1286 100.0000 . . . 0.2958 0.0000 0.2961 . . . . . . . . . . . 
'X-RAY DIFFRACTION' 1.4968 1.5568  . . 143 1288 100.0000 . . . 0.2821 0.0000 0.2763 . . . . . . . . . . . 
'X-RAY DIFFRACTION' 1.5568 1.6276  . . 142 1292 100.0000 . . . 0.2440 0.0000 0.2559 . . . . . . . . . . . 
'X-RAY DIFFRACTION' 1.6276 1.7134  . . 144 1291 99.0000  . . . 0.2987 0.0000 0.2542 . . . . . . . . . . . 
'X-RAY DIFFRACTION' 1.7134 1.8207  . . 144 1285 99.0000  . . . 0.2363 0.0000 0.2355 . . . . . . . . . . . 
'X-RAY DIFFRACTION' 1.8207 1.9612  . . 142 1284 99.0000  . . . 0.2217 0.0000 0.2300 . . . . . . . . . . . 
'X-RAY DIFFRACTION' 1.9612 2.1585  . . 147 1322 100.0000 . . . 0.1884 0.0000 0.1976 . . . . . . . . . . . 
'X-RAY DIFFRACTION' 2.1585 2.4705  . . 145 1311 99.0000  . . . 0.2465 0.0000 0.1961 . . . . . . . . . . . 
'X-RAY DIFFRACTION' 2.4705 3.1116  . . 150 1336 100.0000 . . . 0.2137 0.0000 0.2110 . . . . . . . . . . . 
'X-RAY DIFFRACTION' 3.1116 24.2630 . . 152 1356 95.0000  . . . 0.2227 0.0000 0.1908 . . . . . . . . . . . 
# 
_struct.entry_id                     7DXY 
_struct.title                        'Crystal structure of the chemically synthesized mk2h_deltaMILPS peptide homodimer' 
_struct.pdbx_model_details           ? 
_struct.pdbx_formula_weight          ? 
_struct.pdbx_formula_weight_method   ? 
_struct.pdbx_model_type_details      ? 
_struct.pdbx_CASP_flag               N 
# 
_struct_keywords.entry_id        7DXY 
_struct_keywords.text            'Double psi beta barrel, CHAPERONE' 
_struct_keywords.pdbx_keywords   CHAPERONE 
# 
loop_
_struct_asym.id 
_struct_asym.pdbx_blank_PDB_chainid_flag 
_struct_asym.pdbx_modified 
_struct_asym.entity_id 
_struct_asym.details 
A N N 1 ? 
B N N 1 ? 
C N N 2 ? 
D N N 2 ? 
# 
loop_
_struct_conf.conf_type_id 
_struct_conf.id 
_struct_conf.pdbx_PDB_helix_id 
_struct_conf.beg_label_comp_id 
_struct_conf.beg_label_asym_id 
_struct_conf.beg_label_seq_id 
_struct_conf.pdbx_beg_PDB_ins_code 
_struct_conf.end_label_comp_id 
_struct_conf.end_label_asym_id 
_struct_conf.end_label_seq_id 
_struct_conf.pdbx_end_PDB_ins_code 
_struct_conf.beg_auth_comp_id 
_struct_conf.beg_auth_asym_id 
_struct_conf.beg_auth_seq_id 
_struct_conf.end_auth_comp_id 
_struct_conf.end_auth_asym_id 
_struct_conf.end_auth_seq_id 
_struct_conf.pdbx_PDB_helix_class 
_struct_conf.details 
_struct_conf.pdbx_PDB_helix_length 
HELX_P HELX_P1 AA1 TYR A 11 ? VAL A 15 ? TYR B 14 VAL B 18 5 ? 5 
HELX_P HELX_P2 AA2 ASP A 23 ? GLY A 31 ? ASP B 26 GLY B 34 1 ? 9 
HELX_P HELX_P3 AA3 TYR B 11 ? VAL B 15 ? TYR A 14 VAL A 18 5 ? 5 
HELX_P HELX_P4 AA4 ASP B 23 ? GLY B 31 ? ASP A 26 GLY A 34 1 ? 9 
# 
_struct_conf_type.id          HELX_P 
_struct_conf_type.criteria    ? 
_struct_conf_type.reference   ? 
# 
_struct_sheet.id               AA1 
_struct_sheet.type             ? 
_struct_sheet.number_strands   7 
_struct_sheet.details          ? 
# 
loop_
_struct_sheet_order.sheet_id 
_struct_sheet_order.range_id_1 
_struct_sheet_order.range_id_2 
_struct_sheet_order.offset 
_struct_sheet_order.sense 
AA1 1 2 ? parallel      
AA1 2 3 ? anti-parallel 
AA1 3 4 ? parallel      
AA1 4 5 ? anti-parallel 
AA1 5 6 ? anti-parallel 
AA1 6 7 ? anti-parallel 
# 
loop_
_struct_sheet_range.sheet_id 
_struct_sheet_range.id 
_struct_sheet_range.beg_label_comp_id 
_struct_sheet_range.beg_label_asym_id 
_struct_sheet_range.beg_label_seq_id 
_struct_sheet_range.pdbx_beg_PDB_ins_code 
_struct_sheet_range.end_label_comp_id 
_struct_sheet_range.end_label_asym_id 
_struct_sheet_range.end_label_seq_id 
_struct_sheet_range.pdbx_end_PDB_ins_code 
_struct_sheet_range.beg_auth_comp_id 
_struct_sheet_range.beg_auth_asym_id 
_struct_sheet_range.beg_auth_seq_id 
_struct_sheet_range.end_auth_comp_id 
_struct_sheet_range.end_auth_asym_id 
_struct_sheet_range.end_auth_seq_id 
AA1 1 VAL A 3  ? GLU A 9  ? VAL B 6  GLU B 12 
AA1 2 VAL B 19 ? VAL B 22 ? VAL A 22 VAL A 25 
AA1 3 VAL A 19 ? VAL A 22 ? VAL B 22 VAL B 25 
AA1 4 VAL B 3  ? GLU B 9  ? VAL A 6  GLU A 12 
AA1 5 TYR A 37 ? LYS A 42 ? TYR B 40 LYS B 45 
AA1 6 TYR B 37 ? LYS B 42 ? TYR A 40 LYS A 45 
AA1 7 VAL A 3  ? GLU A 9  ? VAL B 6  GLU B 12 
# 
loop_
_pdbx_struct_sheet_hbond.sheet_id 
_pdbx_struct_sheet_hbond.range_id_1 
_pdbx_struct_sheet_hbond.range_id_2 
_pdbx_struct_sheet_hbond.range_1_label_atom_id 
_pdbx_struct_sheet_hbond.range_1_label_comp_id 
_pdbx_struct_sheet_hbond.range_1_label_asym_id 
_pdbx_struct_sheet_hbond.range_1_label_seq_id 
_pdbx_struct_sheet_hbond.range_1_PDB_ins_code 
_pdbx_struct_sheet_hbond.range_1_auth_atom_id 
_pdbx_struct_sheet_hbond.range_1_auth_comp_id 
_pdbx_struct_sheet_hbond.range_1_auth_asym_id 
_pdbx_struct_sheet_hbond.range_1_auth_seq_id 
_pdbx_struct_sheet_hbond.range_2_label_atom_id 
_pdbx_struct_sheet_hbond.range_2_label_comp_id 
_pdbx_struct_sheet_hbond.range_2_label_asym_id 
_pdbx_struct_sheet_hbond.range_2_label_seq_id 
_pdbx_struct_sheet_hbond.range_2_PDB_ins_code 
_pdbx_struct_sheet_hbond.range_2_auth_atom_id 
_pdbx_struct_sheet_hbond.range_2_auth_comp_id 
_pdbx_struct_sheet_hbond.range_2_auth_asym_id 
_pdbx_struct_sheet_hbond.range_2_auth_seq_id 
AA1 1 2 N ARG A 6  ? N ARG B 9  O VAL B 20 ? O VAL A 23 
AA1 2 3 O ARG B 21 ? O ARG A 24 N ARG A 21 ? N ARG B 24 
AA1 3 4 N VAL A 20 ? N VAL B 23 O ARG B 6  ? O ARG A 9  
AA1 4 5 O VAL B 3  ? O VAL A 6  N VAL A 40 ? N VAL B 43 
AA1 5 6 N LYS A 41 ? N LYS B 44 O GLU B 39 ? O GLU A 42 
AA1 6 7 O VAL B 40 ? O VAL A 43 N VAL A 3  ? N VAL B 6  
# 
_atom_sites.entry_id                    7DXY 
_atom_sites.Cartn_transf_matrix[1][1]   ? 
_atom_sites.Cartn_transf_matrix[1][2]   ? 
_atom_sites.Cartn_transf_matrix[1][3]   ? 
_atom_sites.Cartn_transf_matrix[2][1]   ? 
_atom_sites.Cartn_transf_matrix[2][2]   ? 
_atom_sites.Cartn_transf_matrix[2][3]   ? 
_atom_sites.Cartn_transf_matrix[3][1]   ? 
_atom_sites.Cartn_transf_matrix[3][2]   ? 
_atom_sites.Cartn_transf_matrix[3][3]   ? 
_atom_sites.Cartn_transf_vector[1]      ? 
_atom_sites.Cartn_transf_vector[2]      ? 
_atom_sites.Cartn_transf_vector[3]      ? 
_atom_sites.fract_transf_matrix[1][1]   0.01784474 
_atom_sites.fract_transf_matrix[1][2]   0.02470352 
_atom_sites.fract_transf_matrix[1][3]   0.01162346 
_atom_sites.fract_transf_matrix[2][1]   0.00845847 
_atom_sites.fract_transf_matrix[2][2]   -0.01482957 
_atom_sites.fract_transf_matrix[2][3]   0.01853178 
_atom_sites.fract_transf_matrix[3][1]   0.01192825 
_atom_sites.fract_transf_matrix[3][2]   -0.00439859 
_atom_sites.fract_transf_matrix[3][3]   -0.00896428 
_atom_sites.fract_transf_vector[1]      0.255836 
_atom_sites.fract_transf_vector[2]      0.253613 
_atom_sites.fract_transf_vector[3]      0.156870 
_atom_sites.solution_primary            ? 
_atom_sites.solution_secondary          ? 
_atom_sites.solution_hydrogens          ? 
_atom_sites.special_details             ? 
# 
loop_
_atom_type.symbol 
C 
N 
O 
# 
loop_
_atom_site.group_PDB 
_atom_site.id 
_atom_site.type_symbol 
_atom_site.label_atom_id 
_atom_site.label_alt_id 
_atom_site.label_comp_id 
_atom_site.label_asym_id 
_atom_site.label_entity_id 
_atom_site.label_seq_id 
_atom_site.pdbx_PDB_ins_code 
_atom_site.Cartn_x 
_atom_site.Cartn_y 
_atom_site.Cartn_z 
_atom_site.occupancy 
_atom_site.B_iso_or_equiv 
_atom_site.pdbx_formal_charge 
_atom_site.auth_seq_id 
_atom_site.auth_comp_id 
_atom_site.auth_asym_id 
_atom_site.auth_atom_id 
_atom_site.pdbx_PDB_model_num 
ATOM   1   N N   . LYS A 1 2  ? 5.975   0.910   -14.152 1.00 41.00 ? 5   LYS B N   1 
ATOM   2   C CA  . LYS A 1 2  ? 5.860   0.638   -12.725 1.00 49.27 ? 5   LYS B CA  1 
ATOM   3   C C   . LYS A 1 2  ? 4.712   1.421   -12.095 1.00 44.20 ? 5   LYS B C   1 
ATOM   4   O O   . LYS A 1 2  ? 4.502   2.598   -12.396 1.00 47.13 ? 5   LYS B O   1 
ATOM   5   C CB  . LYS A 1 2  ? 7.169   0.951   -12.003 1.00 51.21 ? 5   LYS B CB  1 
ATOM   6   C CG  . LYS A 1 2  ? 7.737   2.330   -12.286 1.00 52.84 ? 5   LYS B CG  1 
ATOM   7   C CD  . LYS A 1 2  ? 8.788   2.686   -11.246 1.00 52.66 ? 5   LYS B CD  1 
ATOM   8   C CE  . LYS A 1 2  ? 9.867   3.579   -11.825 1.00 54.02 ? 5   LYS B CE  1 
ATOM   9   N NZ  . LYS A 1 2  ? 11.211  3.112   -11.383 1.00 56.44 ? 5   LYS B NZ  1 
ATOM   10  N N   . VAL A 1 3  ? 3.983   0.751   -11.209 1.00 33.03 ? 6   VAL B N   1 
ATOM   11  C CA  . VAL A 1 3  ? 2.814   1.323   -10.553 1.00 29.35 ? 6   VAL B CA  1 
ATOM   12  C C   . VAL A 1 3  ? 3.277   1.997   -9.266  1.00 27.53 ? 6   VAL B C   1 
ATOM   13  O O   . VAL A 1 3  ? 3.882   1.357   -8.400  1.00 29.78 ? 6   VAL B O   1 
ATOM   14  C CB  . VAL A 1 3  ? 1.767   0.238   -10.272 1.00 29.11 ? 6   VAL B CB  1 
ATOM   15  C CG1 . VAL A 1 3  ? 0.506   0.852   -9.700  1.00 28.81 ? 6   VAL B CG1 1 
ATOM   16  C CG2 . VAL A 1 3  ? 1.451   -0.520  -11.561 1.00 34.40 ? 6   VAL B CG2 1 
ATOM   17  N N   . VAL A 1 4  ? 3.001   3.291   -9.142  1.00 23.62 ? 7   VAL B N   1 
ATOM   18  C CA  . VAL A 1 4  ? 3.521   4.091   -8.043  1.00 25.23 ? 7   VAL B CA  1 
ATOM   19  C C   . VAL A 1 4  ? 2.355   4.803   -7.358  1.00 25.79 ? 7   VAL B C   1 
ATOM   20  O O   . VAL A 1 4  ? 1.424   5.262   -8.017  1.00 26.36 ? 7   VAL B O   1 
ATOM   21  C CB  . VAL A 1 4  ? 4.599   5.081   -8.537  1.00 26.50 ? 7   VAL B CB  1 
ATOM   22  C CG1 . VAL A 1 4  ? 4.865   6.161   -7.504  1.00 29.06 ? 7   VAL B CG1 1 
ATOM   23  C CG2 . VAL A 1 4  ? 5.881   4.312   -8.870  1.00 27.60 ? 7   VAL B CG2 1 
ATOM   24  N N   . ALA A 1 5  ? 2.406   4.846   -6.027  1.00 24.10 ? 8   ALA B N   1 
ATOM   25  C CA  . ALA A 1 5  ? 1.363   5.488   -5.240  1.00 23.69 ? 8   ALA B CA  1 
ATOM   26  C C   . ALA A 1 5  ? 2.006   6.261   -4.098  1.00 23.01 ? 8   ALA B C   1 
ATOM   27  O O   . ALA A 1 5  ? 3.136   5.982   -3.691  1.00 22.72 ? 8   ALA B O   1 
ATOM   28  C CB  . ALA A 1 5  ? 0.355   4.467   -4.688  1.00 22.12 ? 8   ALA B CB  1 
ATOM   29  N N   . ARG A 1 6  ? 1.268   7.239   -3.584  1.00 21.07 ? 9   ARG B N   1 
ATOM   30  C CA  . ARG A 1 6  ? 1.728   8.037   -2.454  1.00 20.03 ? 9   ARG B CA  1 
ATOM   31  C C   . ARG A 1 6  ? 1.405   7.329   -1.145  1.00 22.81 ? 9   ARG B C   1 
ATOM   32  O O   . ARG A 1 6  ? 0.316   6.769   -0.971  1.00 22.69 ? 9   ARG B O   1 
ATOM   33  C CB  . ARG A 1 6  ? 1.032   9.397   -2.477  1.00 22.11 ? 9   ARG B CB  1 
ATOM   34  C CG  . ARG A 1 6  ? 1.240   10.240  -1.247  1.00 33.20 ? 9   ARG B CG  1 
ATOM   35  C CD  . ARG A 1 6  ? 0.735   11.673  -1.433  1.00 37.00 ? 9   ARG B CD  1 
ATOM   36  N NE  . ARG A 1 6  ? -0.677  11.777  -1.809  1.00 41.52 ? 9   ARG B NE  1 
ATOM   37  C CZ  . ARG A 1 6  ? -1.689  11.886  -0.950  1.00 45.19 ? 9   ARG B CZ  1 
ATOM   38  N NH1 . ARG A 1 6  ? -2.934  11.996  -1.401  1.00 46.33 ? 9   ARG B NH1 1 
ATOM   39  N NH2 . ARG A 1 6  ? -1.464  11.884  0.358   1.00 46.04 ? 9   ARG B NH2 1 
ATOM   40  N N   . VAL A 1 7  ? 2.353   7.366   -0.214  1.00 19.80 ? 10  VAL B N   1 
ATOM   41  C CA  . VAL A 1 7  ? 2.186   6.703   1.074   1.00 20.57 ? 10  VAL B CA  1 
ATOM   42  C C   . VAL A 1 7  ? 1.328   7.566   1.985   1.00 18.00 ? 10  VAL B C   1 
ATOM   43  O O   . VAL A 1 7  ? 1.626   8.742   2.225   1.00 20.19 ? 10  VAL B O   1 
ATOM   44  C CB  . VAL A 1 7  ? 3.556   6.413   1.704   1.00 19.93 ? 10  VAL B CB  1 
ATOM   45  C CG1 . VAL A 1 7  ? 3.385   5.804   3.079   1.00 21.49 ? 10  VAL B CG1 1 
ATOM   46  C CG2 . VAL A 1 7  ? 4.351   5.490   0.801   1.00 22.61 ? 10  VAL B CG2 1 
ATOM   47  N N   . ALA A 1 8  ? 0.280   6.962   2.537   1.00 20.90 ? 11  ALA B N   1 
ATOM   48  C CA  . ALA A 1 8  ? -0.526  7.573   3.579   1.00 21.26 ? 11  ALA B CA  1 
ATOM   49  C C   . ALA A 1 8  ? -0.454  6.709   4.833   1.00 19.59 ? 11  ALA B C   1 
ATOM   50  O O   . ALA A 1 8  ? -0.158  5.510   4.764   1.00 20.09 ? 11  ALA B O   1 
ATOM   51  C CB  . ALA A 1 8  ? -1.987  7.768   3.122   1.00 21.19 ? 11  ALA B CB  1 
ATOM   52  N N   . GLU A 1 9  ? -0.709  7.335   5.978   1.00 19.17 ? 12  GLU B N   1 
ATOM   53  C CA  . GLU A 1 9  ? -0.615  6.640   7.255   1.00 19.43 ? 12  GLU B CA  1 
ATOM   54  C C   . GLU A 1 9  ? -1.646  5.519   7.336   1.00 19.99 ? 12  GLU B C   1 
ATOM   55  O O   . GLU A 1 9  ? -2.780  5.655   6.876   1.00 22.63 ? 12  GLU B O   1 
ATOM   56  C CB  . GLU A 1 9  ? -0.837  7.642   8.393   1.00 20.67 ? 12  GLU B CB  1 
ATOM   57  C CG  . GLU A 1 9  ? -0.668  7.072   9.798   1.00 21.77 ? 12  GLU B CG  1 
ATOM   58  C CD  . GLU A 1 9  ? 0.725   6.502   10.027  1.00 22.48 ? 12  GLU B CD  1 
ATOM   59  O OE1 . GLU A 1 9  ? 0.912   5.283   9.852   1.00 23.07 ? 12  GLU B OE1 1 
ATOM   60  O OE2 . GLU A 1 9  ? 1.635   7.284   10.380  1.00 27.25 ? 12  GLU B OE2 1 
ATOM   61  N N   . ALA A 1 10 ? -1.258  4.417   7.970   1.00 19.27 ? 13  ALA B N   1 
ATOM   62  C CA  . ALA A 1 10 ? -2.174  3.297   8.122   1.00 21.61 ? 13  ALA B CA  1 
ATOM   63  C C   . ALA A 1 10 ? -3.248  3.633   9.148   1.00 19.74 ? 13  ALA B C   1 
ATOM   64  O O   . ALA A 1 10 ? -2.991  4.300   10.151  1.00 21.41 ? 13  ALA B O   1 
ATOM   65  C CB  . ALA A 1 10 ? -1.422  2.052   8.593   1.00 20.66 ? 13  ALA B CB  1 
ATOM   66  N N   A TYR A 1 11 ? -4.443  3.119   8.886   0.50 21.18 ? 14  TYR B N   1 
ATOM   67  N N   B TYR A 1 11 ? -4.440  3.103   8.889   0.50 21.18 ? 14  TYR B N   1 
ATOM   68  C CA  A TYR A 1 11 ? -5.540  3.238   9.870   0.50 21.83 ? 14  TYR B CA  1 
ATOM   69  C CA  B TYR A 1 11 ? -5.553  3.222   9.857   0.50 21.83 ? 14  TYR B CA  1 
ATOM   70  C C   A TYR A 1 11 ? -5.155  2.383   11.081  0.50 21.15 ? 14  TYR B C   1 
ATOM   71  C C   B TYR A 1 11 ? -5.154  2.385   11.077  0.50 21.15 ? 14  TYR B C   1 
ATOM   72  O O   A TYR A 1 11 ? -4.568  1.341   10.914  0.50 21.88 ? 14  TYR B O   1 
ATOM   73  O O   B TYR A 1 11 ? -4.561  1.324   10.907  0.50 21.88 ? 14  TYR B O   1 
ATOM   74  C CB  A TYR A 1 11 ? -6.881  2.803   9.285   0.50 23.11 ? 14  TYR B CB  1 
ATOM   75  C CB  B TYR A 1 11 ? -6.879  2.819   9.213   0.50 23.11 ? 14  TYR B CB  1 
ATOM   76  C CG  A TYR A 1 11 ? -7.626  3.873   8.530   0.50 28.24 ? 14  TYR B CG  1 
ATOM   77  C CG  B TYR A 1 11 ? -7.295  3.734   8.090   0.50 28.24 ? 14  TYR B CG  1 
ATOM   78  C CD1 A TYR A 1 11 ? -7.000  5.015   8.108   0.50 45.99 ? 14  TYR B CD1 1 
ATOM   79  C CD1 B TYR A 1 11 ? -7.552  5.070   8.315   0.50 45.99 ? 14  TYR B CD1 1 
ATOM   80  C CD2 A TYR A 1 11 ? -8.981  3.781   8.308   0.50 28.35 ? 14  TYR B CD2 1 
ATOM   81  C CD2 B TYR A 1 11 ? -7.346  3.281   6.783   0.50 28.35 ? 14  TYR B CD2 1 
ATOM   82  C CE1 A TYR A 1 11 ? -7.651  5.989   7.383   0.50 53.20 ? 14  TYR B CE1 1 
ATOM   83  C CE1 B TYR A 1 11 ? -7.928  5.920   7.291   0.50 53.20 ? 14  TYR B CE1 1 
ATOM   84  C CE2 A TYR A 1 11 ? -9.667  4.760   7.609   0.50 32.00 ? 14  TYR B CE2 1 
ATOM   85  C CE2 B TYR A 1 11 ? -7.701  4.119   5.740   0.50 32.00 ? 14  TYR B CE2 1 
ATOM   86  C CZ  A TYR A 1 11 ? -8.991  5.864   7.139   0.50 52.78 ? 14  TYR B CZ  1 
ATOM   87  C CZ  B TYR A 1 11 ? -7.990  5.447   5.994   0.50 52.78 ? 14  TYR B CZ  1 
ATOM   88  O OH  A TYR A 1 11 ? -9.641  6.833   6.436   0.50 60.91 ? 14  TYR B OH  1 
ATOM   89  O OH  B TYR A 1 11 ? -8.346  6.277   4.975   0.50 60.91 ? 14  TYR B OH  1 
ATOM   90  N N   . ALA A 1 12 ? -5.534  2.846   12.260  1.00 24.22 ? 15  ALA B N   1 
ATOM   91  C CA  . ALA A 1 12 ? -5.080  2.208   13.494  1.00 24.56 ? 15  ALA B CA  1 
ATOM   92  C C   . ALA A 1 12 ? -5.380  0.715   13.520  1.00 22.43 ? 15  ALA B C   1 
ATOM   93  O O   . ALA A 1 12 ? -4.546  -0.083  13.977  1.00 23.24 ? 15  ALA B O   1 
ATOM   94  C CB  . ALA A 1 12 ? -5.709  2.905   14.704  1.00 27.11 ? 15  ALA B CB  1 
ATOM   95  N N   . GLU A 1 13 ? -6.555  0.319   13.035  1.00 23.78 ? 16  GLU B N   1 
ATOM   96  C CA  . GLU A 1 13 ? -6.983  -1.108  13.099  1.00 26.50 ? 16  GLU B CA  1 
ATOM   97  C C   . GLU A 1 13 ? -6.127  -1.996  12.188  1.00 27.64 ? 16  GLU B C   1 
ATOM   98  O O   . GLU A 1 13 ? -6.153  -3.196  12.368  1.00 28.56 ? 16  GLU B O   1 
ATOM   99  C CB  . GLU A 1 13 ? -8.451  -1.237  12.681  1.00 35.88 ? 16  GLU B CB  1 
ATOM   100 C CG  . GLU A 1 13 ? -8.804  -0.575  11.357  1.00 65.82 ? 16  GLU B CG  1 
ATOM   101 C CD  . GLU A 1 13 ? -9.132  0.921   11.355  1.00 82.45 ? 16  GLU B CD  1 
ATOM   102 O OE1 . GLU A 1 13 ? -8.592  1.660   12.218  1.00 88.05 ? 16  GLU B OE1 1 
ATOM   103 O OE2 . GLU A 1 13 ? -9.969  1.335   10.536  1.00 86.92 ? 16  GLU B OE2 1 
ATOM   104 N N   . ASP A 1 14 ? -5.346  -1.416  11.282  1.00 22.53 ? 17  ASP B N   1 
ATOM   105 C CA  . ASP A 1 14 ? -4.507  -2.186  10.380  1.00 21.82 ? 17  ASP B CA  1 
ATOM   106 C C   . ASP A 1 14 ? -3.064  -2.274  10.845  1.00 23.31 ? 17  ASP B C   1 
ATOM   107 O O   . ASP A 1 14 ? -2.296  -3.051  10.272  1.00 24.10 ? 17  ASP B O   1 
ATOM   108 C CB  . ASP A 1 14 ? -4.527  -1.546  8.989   1.00 22.76 ? 17  ASP B CB  1 
ATOM   109 C CG  . ASP A 1 14 ? -5.886  -1.616  8.345   1.00 23.96 ? 17  ASP B CG  1 
ATOM   110 O OD1 . ASP A 1 14 ? -6.575  -2.644  8.529   1.00 31.13 ? 17  ASP B OD1 1 
ATOM   111 O OD2 . ASP A 1 14 ? -6.266  -0.637  7.664   1.00 26.95 ? 17  ASP B OD2 1 
ATOM   112 N N   . VAL A 1 15 ? -2.681  -1.507  11.862  1.00 22.82 ? 18  VAL B N   1 
ATOM   113 C CA  . VAL A 1 15 ? -1.272  -1.405  12.233  1.00 21.19 ? 18  VAL B CA  1 
ATOM   114 C C   . VAL A 1 15 ? -0.772  -2.736  12.773  1.00 22.42 ? 18  VAL B C   1 
ATOM   115 O O   . VAL A 1 15 ? -1.422  -3.369  13.619  1.00 25.42 ? 18  VAL B O   1 
ATOM   116 C CB  . VAL A 1 15 ? -1.075  -0.261  13.235  1.00 22.92 ? 18  VAL B CB  1 
ATOM   117 C CG1 . VAL A 1 15 ? 0.363   -0.234  13.743  1.00 26.64 ? 18  VAL B CG1 1 
ATOM   118 C CG2 . VAL A 1 15 ? -1.458  1.069   12.579  1.00 22.98 ? 18  VAL B CG2 1 
ATOM   119 N N   . GLY A 1 16 ? 0.387   -3.176  12.277  1.00 22.63 ? 19  GLY B N   1 
ATOM   120 C CA  . GLY A 1 16 ? 1.018   -4.382  12.775  1.00 22.87 ? 19  GLY B CA  1 
ATOM   121 C C   . GLY A 1 16 ? 0.582   -5.661  12.098  1.00 27.28 ? 19  GLY B C   1 
ATOM   122 O O   . GLY A 1 16 ? 1.034   -6.744  12.500  1.00 32.01 ? 19  GLY B O   1 
ATOM   123 N N   . LYS A 1 17 ? -0.266  -5.580  11.081  1.00 25.75 ? 20  LYS B N   1 
ATOM   124 C CA  . LYS A 1 17 ? -0.832  -6.752  10.433  1.00 25.34 ? 20  LYS B CA  1 
ATOM   125 C C   . LYS A 1 17 ? -0.210  -7.040  9.078   1.00 26.82 ? 20  LYS B C   1 
ATOM   126 O O   . LYS A 1 17 ? -0.689  -7.930  8.362   1.00 26.40 ? 20  LYS B O   1 
ATOM   127 C CB  . LYS A 1 17 ? -2.340  -6.577  10.273  1.00 26.43 ? 20  LYS B CB  1 
ATOM   128 C CG  . LYS A 1 17 ? -3.085  -6.387  11.577  1.00 31.45 ? 20  LYS B CG  1 
ATOM   129 C CD  . LYS A 1 17 ? -4.575  -6.265  11.306  1.00 32.76 ? 20  LYS B CD  1 
ATOM   130 C CE  . LYS A 1 17 ? -5.395  -6.392  12.574  1.00 39.65 ? 20  LYS B CE  1 
ATOM   131 N NZ  . LYS A 1 17 ? -6.846  -6.214  12.283  1.00 43.41 ? 20  LYS B NZ  1 
ATOM   132 N N   . ARG A 1 18 ? 0.846   -6.317  8.711   1.00 24.80 ? 21  ARG B N   1 
ATOM   133 C CA  . ARG A 1 18 ? 1.492   -6.488  7.415   1.00 21.85 ? 21  ARG B CA  1 
ATOM   134 C C   . ARG A 1 18 ? 0.481   -6.354  6.276   1.00 22.82 ? 21  ARG B C   1 
ATOM   135 O O   . ARG A 1 18 ? 0.435   -7.161  5.348   1.00 24.66 ? 21  ARG B O   1 
ATOM   136 C CB  . ARG A 1 18 ? 2.283   -7.801  7.349   1.00 30.12 ? 21  ARG B CB  1 
ATOM   137 C CG  . ARG A 1 18 ? 3.430   -7.789  6.350   1.00 33.25 ? 21  ARG B CG  1 
ATOM   138 C CD  . ARG A 1 18 ? 4.389   -8.953  6.597   1.00 35.19 ? 21  ARG B CD  1 
ATOM   139 N NE  . ARG A 1 18 ? 3.724   -10.242 6.459   1.00 42.10 ? 21  ARG B NE  1 
ATOM   140 C CZ  . ARG A 1 18 ? 3.809   -11.020 5.385   1.00 42.69 ? 21  ARG B CZ  1 
ATOM   141 N NH1 . ARG A 1 18 ? 3.156   -12.173 5.357   1.00 46.42 ? 21  ARG B NH1 1 
ATOM   142 N NH2 . ARG A 1 18 ? 4.543   -10.650 4.340   1.00 35.27 ? 21  ARG B NH2 1 
ATOM   143 N N   . VAL A 1 19 ? -0.337  -5.319  6.380   1.00 23.24 ? 22  VAL B N   1 
ATOM   144 C CA  . VAL A 1 19 ? -1.384  -5.074  5.363   1.00 25.10 ? 22  VAL B CA  1 
ATOM   145 C C   . VAL A 1 19 ? -1.125  -3.725  4.706   1.00 21.99 ? 22  VAL B C   1 
ATOM   146 O O   . VAL A 1 19 ? -0.598  -2.836  5.351   1.00 24.48 ? 22  VAL B O   1 
ATOM   147 C CB  . VAL A 1 19 ? -2.778  -5.091  6.014   1.00 30.33 ? 22  VAL B CB  1 
ATOM   148 C CG1 . VAL A 1 19 ? -3.779  -4.271  5.230   1.00 38.61 ? 22  VAL B CG1 1 
ATOM   149 C CG2 . VAL A 1 19 ? -3.279  -6.504  6.220   1.00 31.72 ? 22  VAL B CG2 1 
ATOM   150 N N   . VAL A 1 20 ? -1.463  -3.650  3.433   1.00 21.47 ? 23  VAL B N   1 
ATOM   151 C CA  . VAL A 1 20 ? -1.409  -2.371  2.673   1.00 22.82 ? 23  VAL B CA  1 
ATOM   152 C C   . VAL A 1 20 ? -2.753  -2.175  1.985   1.00 20.93 ? 23  VAL B C   1 
ATOM   153 O O   . VAL A 1 20 ? -3.259  -3.089  1.370   1.00 23.15 ? 23  VAL B O   1 
ATOM   154 C CB  . VAL A 1 20 ? -0.250  -2.236  1.674   1.00 22.72 ? 23  VAL B CB  1 
ATOM   155 C CG1 . VAL A 1 20 ? 1.085   -2.105  2.378   1.00 30.76 ? 23  VAL B CG1 1 
ATOM   156 C CG2 . VAL A 1 20 ? -0.262  -3.304  0.597   1.00 22.04 ? 23  VAL B CG2 1 
ATOM   157 N N   . ARG A 1 21 ? -3.277  -0.972  2.114   1.00 18.36 ? 24  ARG B N   1 
ATOM   158 C CA  . ARG A 1 21 ? -4.576  -0.651  1.514   1.00 20.69 ? 24  ARG B CA  1 
ATOM   159 C C   . ARG A 1 21 ? -4.361  -0.034  0.142   1.00 20.06 ? 24  ARG B C   1 
ATOM   160 O O   . ARG A 1 21 ? -3.693  0.997   0.021   1.00 19.55 ? 24  ARG B O   1 
ATOM   161 C CB  . ARG A 1 21 ? -5.351  0.315   2.412   1.00 20.04 ? 24  ARG B CB  1 
ATOM   162 C CG  . ARG A 1 21 ? -5.628  -0.230  3.815   1.00 23.21 ? 24  ARG B CG  1 
ATOM   163 C CD  . ARG A 1 21 ? -7.056  -0.653  3.913   1.00 23.66 ? 24  ARG B CD  1 
ATOM   164 N NE  . ARG A 1 21 ? -7.379  -1.284  5.186   1.00 25.96 ? 24  ARG B NE  1 
ATOM   165 C CZ  . ARG A 1 21 ? -8.416  -2.092  5.360   1.00 23.94 ? 24  ARG B CZ  1 
ATOM   166 N NH1 . ARG A 1 21 ? -9.220  -2.365  4.345   1.00 23.47 ? 24  ARG B NH1 1 
ATOM   167 N NH2 . ARG A 1 21 ? -8.637  -2.636  6.551   1.00 27.74 ? 24  ARG B NH2 1 
ATOM   168 N N   . VAL A 1 22 ? -4.918  -0.671  -0.886  1.00 20.62 ? 25  VAL B N   1 
ATOM   169 C CA  . VAL A 1 22 ? -4.681  -0.346  -2.288  1.00 20.26 ? 25  VAL B CA  1 
ATOM   170 C C   . VAL A 1 22 ? -6.031  -0.331  -2.979  1.00 22.15 ? 25  VAL B C   1 
ATOM   171 O O   . VAL A 1 22 ? -6.824  -1.263  -2.806  1.00 22.73 ? 25  VAL B O   1 
ATOM   172 C CB  . VAL A 1 22 ? -3.792  -1.411  -2.958  1.00 23.42 ? 25  VAL B CB  1 
ATOM   173 C CG1 . VAL A 1 22 ? -3.459  -0.976  -4.360  1.00 24.37 ? 25  VAL B CG1 1 
ATOM   174 C CG2 . VAL A 1 22 ? -2.545  -1.669  -2.150  1.00 22.92 ? 25  VAL B CG2 1 
ATOM   175 N N   . ASP A 1 23 ? -6.300  0.718   -3.760  1.00 19.36 ? 26  ASP B N   1 
ATOM   176 C CA  . ASP A 1 23 ? -7.626  0.833   -4.359  1.00 22.52 ? 26  ASP B CA  1 
ATOM   177 C C   . ASP A 1 23 ? -7.735  0.021   -5.650  1.00 21.96 ? 26  ASP B C   1 
ATOM   178 O O   . ASP A 1 23 ? -6.776  -0.587  -6.118  1.00 20.96 ? 26  ASP B O   1 
ATOM   179 C CB  . ASP A 1 23 ? -8.066  2.296   -4.500  1.00 22.24 ? 26  ASP B CB  1 
ATOM   180 C CG  . ASP A 1 23 ? -7.425  3.033   -5.673  1.00 22.14 ? 26  ASP B CG  1 
ATOM   181 O OD1 . ASP A 1 23 ? -6.793  2.424   -6.565  1.00 23.53 ? 26  ASP B OD1 1 
ATOM   182 O OD2 . ASP A 1 23 ? -7.576  4.278   -5.676  1.00 23.86 ? 26  ASP B OD2 1 
ATOM   183 N N   . LYS A 1 24 ? -8.943  0.024   -6.228  1.00 20.38 ? 27  LYS B N   1 
ATOM   184 C CA  . LYS A 1 24 ? -9.198  -0.828  -7.388  1.00 22.61 ? 27  LYS B CA  1 
ATOM   185 C C   . LYS A 1 24 ? -8.375  -0.414  -8.598  1.00 22.90 ? 27  LYS B C   1 
ATOM   186 O O   . LYS A 1 24 ? -8.098  -1.250  -9.463  1.00 25.15 ? 27  LYS B O   1 
ATOM   187 C CB  . LYS A 1 24 ? -10.677 -0.813  -7.746  1.00 24.76 ? 27  LYS B CB  1 
ATOM   188 C CG  . LYS A 1 24 ? -11.219 0.577   -8.036  1.00 23.77 ? 27  LYS B CG  1 
ATOM   189 C CD  . LYS A 1 24 ? -12.685 0.499   -8.433  1.00 27.42 ? 27  LYS B CD  1 
ATOM   190 C CE  . LYS A 1 24 ? -13.254 1.863   -8.747  1.00 33.53 ? 27  LYS B CE  1 
ATOM   191 N NZ  . LYS A 1 24 ? -14.628 1.737   -9.317  1.00 33.70 ? 27  LYS B NZ  1 
ATOM   192 N N   . TYR A 1 25 ? -7.969  0.854   -8.670  1.00 22.25 ? 28  TYR B N   1 
ATOM   193 C CA  . TYR A 1 25 ? -7.176  1.314   -9.807  1.00 23.97 ? 28  TYR B CA  1 
ATOM   194 C C   . TYR A 1 25 ? -5.752  0.787   -9.726  1.00 21.89 ? 28  TYR B C   1 
ATOM   195 O O   . TYR A 1 25 ? -5.253  0.168   -10.673 1.00 25.09 ? 28  TYR B O   1 
ATOM   196 C CB  . TYR A 1 25 ? -7.206  2.842   -9.886  1.00 24.97 ? 28  TYR B CB  1 
ATOM   197 C CG  . TYR A 1 25 ? -8.615  3.388   -9.963  1.00 28.70 ? 28  TYR B CG  1 
ATOM   198 C CD1 . TYR A 1 25 ? -9.366  3.251   -11.126 1.00 31.35 ? 28  TYR B CD1 1 
ATOM   199 C CD2 . TYR A 1 25 ? -9.197  4.032   -8.878  1.00 28.57 ? 28  TYR B CD2 1 
ATOM   200 C CE1 . TYR A 1 25 ? -10.658 3.739   -11.204 1.00 32.62 ? 28  TYR B CE1 1 
ATOM   201 C CE2 . TYR A 1 25 ? -10.487 4.525   -8.946  1.00 25.83 ? 28  TYR B CE2 1 
ATOM   202 C CZ  . TYR A 1 25 ? -11.213 4.376   -10.115 1.00 28.35 ? 28  TYR B CZ  1 
ATOM   203 O OH  . TYR A 1 25 ? -12.499 4.863   -10.194 1.00 34.04 ? 28  TYR B OH  1 
ATOM   204 N N   . GLU A 1 26 ? -5.080  1.009   -8.596  1.00 23.74 ? 29  GLU B N   1 
ATOM   205 C CA  . GLU A 1 26 ? -3.733  0.470   -8.450  1.00 23.67 ? 29  GLU B CA  1 
ATOM   206 C C   . GLU A 1 26 ? -3.742  -1.054  -8.493  1.00 23.74 ? 29  GLU B C   1 
ATOM   207 O O   . GLU A 1 26 ? -2.830  -1.666  -9.049  1.00 24.03 ? 29  GLU B O   1 
ATOM   208 C CB  . GLU A 1 26 ? -3.077  0.984   -7.168  1.00 24.92 ? 29  GLU B CB  1 
ATOM   209 C CG  . GLU A 1 26 ? -2.308  2.280   -7.344  1.00 24.64 ? 29  GLU B CG  1 
ATOM   210 C CD  . GLU A 1 26 ? -3.195  3.432   -7.743  1.00 25.32 ? 29  GLU B CD  1 
ATOM   211 O OE1 . GLU A 1 26 ? -4.112  3.784   -6.978  1.00 25.64 ? 29  GLU B OE1 1 
ATOM   212 O OE2 . GLU A 1 26 ? -2.971  3.989   -8.838  1.00 28.33 ? 29  GLU B OE2 1 
ATOM   213 N N   . ARG A 1 27 ? -4.777  -1.686  -7.932  1.00 20.71 ? 30  ARG B N   1 
ATOM   214 C CA  . ARG A 1 27 ? -4.825  -3.147  -7.948  1.00 22.63 ? 30  ARG B CA  1 
ATOM   215 C C   . ARG A 1 27 ? -4.918  -3.674  -9.369  1.00 22.76 ? 30  ARG B C   1 
ATOM   216 O O   . ARG A 1 27 ? -4.268  -4.668  -9.716  1.00 24.65 ? 30  ARG B O   1 
ATOM   217 C CB  . ARG A 1 27 ? -6.033  -3.640  -7.155  1.00 23.95 ? 30  ARG B CB  1 
ATOM   218 C CG  . ARG A 1 27 ? -5.862  -3.595  -5.648  1.00 21.04 ? 30  ARG B CG  1 
ATOM   219 C CD  . ARG A 1 27 ? -6.807  -4.566  -4.964  1.00 21.48 ? 30  ARG B CD  1 
ATOM   220 N NE  . ARG A 1 27 ? -8.203  -4.434  -5.392  1.00 22.68 ? 30  ARG B NE  1 
ATOM   221 C CZ  . ARG A 1 27 ? -9.094  -3.625  -4.826  1.00 22.74 ? 30  ARG B CZ  1 
ATOM   222 N NH1 . ARG A 1 27 ? -8.752  -2.829  -3.819  1.00 22.32 ? 30  ARG B NH1 1 
ATOM   223 N NH2 . ARG A 1 27 ? -10.339 -3.596  -5.281  1.00 24.84 ? 30  ARG B NH2 1 
ATOM   224 N N   . ALA A 1 28 ? -5.727  -3.021  -10.205 1.00 24.76 ? 31  ALA B N   1 
ATOM   225 C CA  . ALA A 1 28 ? -5.865  -3.449  -11.593 1.00 27.69 ? 31  ALA B CA  1 
ATOM   226 C C   . ALA A 1 28 ? -4.552  -3.303  -12.347 1.00 28.44 ? 31  ALA B C   1 
ATOM   227 O O   . ALA A 1 28 ? -4.156  -4.204  -13.099 1.00 29.52 ? 31  ALA B O   1 
ATOM   228 C CB  . ALA A 1 28 ? -6.968  -2.647  -12.278 1.00 29.02 ? 31  ALA B CB  1 
ATOM   229 N N   . LYS A 1 29 ? -3.854  -2.182  -12.142 1.00 28.26 ? 32  LYS B N   1 
ATOM   230 C CA  . LYS A 1 29 ? -2.579  -1.953  -12.816 1.00 28.70 ? 32  LYS B CA  1 
ATOM   231 C C   . LYS A 1 29 ? -1.526  -2.966  -12.374 1.00 26.03 ? 32  LYS B C   1 
ATOM   232 O O   . LYS A 1 29 ? -0.762  -3.484  -13.199 1.00 29.05 ? 32  LYS B O   1 
ATOM   233 C CB  . LYS A 1 29 ? -2.102  -0.530  -12.544 1.00 26.88 ? 32  LYS B CB  1 
ATOM   234 C CG  . LYS A 1 29 ? -3.065  0.543   -13.028 1.00 29.26 ? 32  LYS B CG  1 
ATOM   235 C CD  . LYS A 1 29 ? -2.623  1.935   -12.596 1.00 32.53 ? 32  LYS B CD  1 
ATOM   236 C CE  . LYS A 1 29 ? -3.507  3.024   -13.190 1.00 42.55 ? 32  LYS B CE  1 
ATOM   237 N NZ  . LYS A 1 29 ? -2.936  4.385   -12.966 1.00 44.07 ? 32  LYS B NZ  1 
ATOM   238 N N   . VAL A 1 30 ? -1.461  -3.253  -11.068 1.00 26.28 ? 33  VAL B N   1 
ATOM   239 C CA  . VAL A 1 30 ? -0.503  -4.217  -10.530 1.00 26.36 ? 33  VAL B CA  1 
ATOM   240 C C   . VAL A 1 30 ? -0.844  -5.628  -10.995 1.00 25.88 ? 33  VAL B C   1 
ATOM   241 O O   . VAL A 1 30 ? 0.047   -6.451  -11.245 1.00 28.68 ? 33  VAL B O   1 
ATOM   242 C CB  . VAL A 1 30 ? -0.442  -4.113  -8.988  1.00 26.91 ? 33  VAL B CB  1 
ATOM   243 C CG1 . VAL A 1 30 ? 0.441   -5.210  -8.394  1.00 33.18 ? 33  VAL B CG1 1 
ATOM   244 C CG2 . VAL A 1 30 ? 0.067   -2.750  -8.566  1.00 33.95 ? 33  VAL B CG2 1 
ATOM   245 N N   . GLY A 1 31 ? -2.135  -5.927  -11.073 1.00 28.76 ? 34  GLY B N   1 
ATOM   246 C CA  . GLY A 1 31 ? -2.611  -7.251  -11.412 1.00 28.15 ? 34  GLY B CA  1 
ATOM   247 C C   . GLY A 1 31 ? -2.905  -8.125  -10.208 1.00 28.90 ? 34  GLY B C   1 
ATOM   248 O O   . GLY A 1 31 ? -2.625  -9.328  -10.233 1.00 31.85 ? 34  GLY B O   1 
ATOM   249 N N   . VAL A 1 32 ? -3.475  -7.541  -9.148  1.00 24.94 ? 35  VAL B N   1 
ATOM   250 C CA  . VAL A 1 32 ? -3.729  -8.259  -7.906  1.00 25.19 ? 35  VAL B CA  1 
ATOM   251 C C   . VAL A 1 32 ? -5.156  -7.995  -7.449  1.00 25.14 ? 35  VAL B C   1 
ATOM   252 O O   . VAL A 1 32 ? -5.818  -7.052  -7.890  1.00 25.63 ? 35  VAL B O   1 
ATOM   253 C CB  . VAL A 1 32 ? -2.723  -7.909  -6.780  1.00 26.26 ? 35  VAL B CB  1 
ATOM   254 C CG1 . VAL A 1 32 ? -1.313  -8.395  -7.145  1.00 27.92 ? 35  VAL B CG1 1 
ATOM   255 C CG2 . VAL A 1 32 ? -2.734  -6.409  -6.479  1.00 26.02 ? 35  VAL B CG2 1 
ATOM   256 N N   . LYS A 1 33 ? -5.625  -8.853  -6.548  1.00 26.44 ? 36  LYS B N   1 
ATOM   257 C CA  . LYS A 1 33 ? -6.905  -8.705  -5.879  1.00 23.25 ? 36  LYS B CA  1 
ATOM   258 C C   . LYS A 1 33 ? -6.658  -8.533  -4.389  1.00 23.16 ? 36  LYS B C   1 
ATOM   259 O O   . LYS A 1 33 ? -5.563  -8.789  -3.885  1.00 24.20 ? 36  LYS B O   1 
ATOM   260 C CB  . LYS A 1 33 ? -7.774  -9.952  -6.083  1.00 22.56 ? 36  LYS B CB  1 
ATOM   261 C CG  . LYS A 1 33 ? -8.032  -10.323 -7.535  1.00 25.70 ? 36  LYS B CG  1 
ATOM   262 C CD  . LYS A 1 33 ? -8.949  -9.318  -8.204  1.00 32.01 ? 36  LYS B CD  1 
ATOM   263 C CE  . LYS A 1 33 ? -9.003  -9.527  -9.707  1.00 36.47 ? 36  LYS B CE  1 
ATOM   264 N NZ  . LYS A 1 33 ? -9.752  -8.431  -10.380 1.00 46.71 ? 36  LYS B NZ  1 
ATOM   265 N N   . VAL A 1 34 ? -7.716  -8.155  -3.687  1.00 22.96 ? 37  VAL B N   1 
ATOM   266 C CA  . VAL A 1 34 ? -7.643  -8.075  -2.206  1.00 22.33 ? 37  VAL B CA  1 
ATOM   267 C C   . VAL A 1 34 ? -7.278  -9.482  -1.722  1.00 21.45 ? 37  VAL B C   1 
ATOM   268 O O   . VAL A 1 34 ? -7.842  -10.429 -2.228  1.00 23.37 ? 37  VAL B O   1 
ATOM   269 C CB  . VAL A 1 34 ? -8.998  -7.612  -1.647  1.00 22.83 ? 37  VAL B CB  1 
ATOM   270 C CG1 . VAL A 1 34 ? -9.114  -7.891  -0.165  1.00 24.39 ? 37  VAL B CG1 1 
ATOM   271 C CG2 . VAL A 1 34 ? -9.238  -6.141  -1.940  1.00 24.28 ? 37  VAL B CG2 1 
ATOM   272 N N   . GLY A 1 35 ? -6.338  -9.612  -0.799  1.00 20.04 ? 38  GLY B N   1 
ATOM   273 C CA  . GLY A 1 35 ? -5.980  -10.966 -0.343  1.00 20.14 ? 38  GLY B CA  1 
ATOM   274 C C   . GLY A 1 35 ? -4.677  -11.407 -0.965  1.00 22.93 ? 38  GLY B C   1 
ATOM   275 O O   . GLY A 1 35 ? -4.001  -12.232 -0.392  1.00 25.48 ? 38  GLY B O   1 
ATOM   276 N N   . ASP A 1 36 ? -4.315  -10.799 -2.088  1.00 21.00 ? 39  ASP B N   1 
ATOM   277 C CA  . ASP A 1 36 ? -3.004  -11.067 -2.722  1.00 21.07 ? 39  ASP B CA  1 
ATOM   278 C C   . ASP A 1 36 ? -1.913  -10.288 -1.974  1.00 21.57 ? 39  ASP B C   1 
ATOM   279 O O   . ASP A 1 36 ? -2.204  -9.419  -1.161  1.00 24.27 ? 39  ASP B O   1 
ATOM   280 C CB  . ASP A 1 36 ? -2.997  -10.667 -4.196  1.00 22.30 ? 39  ASP B CB  1 
ATOM   281 C CG  . ASP A 1 36 ? -3.658  -11.666 -5.129  1.00 28.48 ? 39  ASP B CG  1 
ATOM   282 O OD1 . ASP A 1 36 ? -3.592  -12.855 -4.836  1.00 33.39 ? 39  ASP B OD1 1 
ATOM   283 O OD2 . ASP A 1 36 ? -4.222  -11.237 -6.126  1.00 29.07 ? 39  ASP B OD2 1 
ATOM   284 N N   . TYR A 1 37 ? -0.671  -10.589 -2.288  1.00 22.27 ? 40  TYR B N   1 
ATOM   285 C CA  . TYR A 1 37 ? 0.468   -9.928  -1.676  1.00 25.54 ? 40  TYR B CA  1 
ATOM   286 C C   . TYR A 1 37 ? 1.181   -9.080  -2.710  1.00 26.05 ? 40  TYR B C   1 
ATOM   287 O O   . TYR A 1 37 ? 1.178   -9.397  -3.901  1.00 26.93 ? 40  TYR B O   1 
ATOM   288 C CB  . TYR A 1 37 ? 1.437   -10.961 -1.089  1.00 25.31 ? 40  TYR B CB  1 
ATOM   289 C CG  . TYR A 1 37 ? 0.831   -11.651 0.096   1.00 23.69 ? 40  TYR B CG  1 
ATOM   290 C CD1 . TYR A 1 37 ? 1.094   -11.214 1.379   1.00 23.39 ? 40  TYR B CD1 1 
ATOM   291 C CD2 . TYR A 1 37 ? -0.040  -12.717 -0.077  1.00 26.91 ? 40  TYR B CD2 1 
ATOM   292 C CE1 . TYR A 1 37 ? 0.501   -11.823 2.468   1.00 24.43 ? 40  TYR B CE1 1 
ATOM   293 C CE2 . TYR A 1 37 ? -0.631  -13.333 1.009   1.00 27.61 ? 40  TYR B CE2 1 
ATOM   294 C CZ  . TYR A 1 37 ? -0.357  -12.879 2.273   1.00 28.18 ? 40  TYR B CZ  1 
ATOM   295 O OH  . TYR A 1 37 ? -0.940  -13.493 3.359   1.00 31.66 ? 40  TYR B OH  1 
ATOM   296 N N   . VAL A 1 38 ? 1.799   -8.002  -2.249  1.00 23.94 ? 41  VAL B N   1 
ATOM   297 C CA  . VAL A 1 38 ? 2.571   -7.134  -3.124  1.00 22.89 ? 41  VAL B CA  1 
ATOM   298 C C   . VAL A 1 38 ? 3.886   -6.797  -2.446  1.00 25.79 ? 41  VAL B C   1 
ATOM   299 O O   . VAL A 1 38 ? 3.990   -6.777  -1.218  1.00 23.88 ? 41  VAL B O   1 
ATOM   300 C CB  . VAL A 1 38 ? 1.826   -5.827  -3.483  1.00 23.51 ? 41  VAL B CB  1 
ATOM   301 C CG1 . VAL A 1 38 ? 0.636   -6.115  -4.408  1.00 25.15 ? 41  VAL B CG1 1 
ATOM   302 C CG2 . VAL A 1 38 ? 1.384   -5.081  -2.235  1.00 24.20 ? 41  VAL B CG2 1 
ATOM   303 N N   . GLU A 1 39 ? 4.894   -6.516  -3.265  1.00 25.66 ? 42  GLU B N   1 
ATOM   304 C CA  . GLU A 1 39 ? 6.092   -5.873  -2.760  1.00 27.48 ? 42  GLU B CA  1 
ATOM   305 C C   . GLU A 1 39 ? 5.893   -4.368  -2.809  1.00 30.15 ? 42  GLU B C   1 
ATOM   306 O O   . GLU A 1 39 ? 5.325   -3.835  -3.766  1.00 27.72 ? 42  GLU B O   1 
ATOM   307 C CB  . GLU A 1 39 ? 7.326   -6.269  -3.575  1.00 29.41 ? 42  GLU B CB  1 
ATOM   308 C CG  . GLU A 1 39 ? 8.619   -5.769  -2.947  1.00 37.62 ? 42  GLU B CG  1 
ATOM   309 C CD  . GLU A 1 39 ? 9.806   -5.805  -3.886  1.00 48.44 ? 42  GLU B CD  1 
ATOM   310 O OE1 . GLU A 1 39 ? 10.878  -5.302  -3.488  1.00 52.93 ? 42  GLU B OE1 1 
ATOM   311 O OE2 . GLU A 1 39 ? 9.676   -6.342  -5.006  1.00 46.29 ? 42  GLU B OE2 1 
ATOM   312 N N   . VAL A 1 40 ? 6.329   -3.689  -1.754  1.00 27.87 ? 43  VAL B N   1 
ATOM   313 C CA  . VAL A 1 40 ? 6.375   -2.232  -1.689  1.00 27.69 ? 43  VAL B CA  1 
ATOM   314 C C   . VAL A 1 40 ? 7.846   -1.840  -1.666  1.00 29.12 ? 43  VAL B C   1 
ATOM   315 O O   . VAL A 1 40 ? 8.616   -2.368  -0.854  1.00 30.85 ? 43  VAL B O   1 
ATOM   316 C CB  . VAL A 1 40 ? 5.668   -1.738  -0.414  1.00 26.42 ? 43  VAL B CB  1 
ATOM   317 C CG1 . VAL A 1 40 ? 5.684   -0.225  -0.343  1.00 31.19 ? 43  VAL B CG1 1 
ATOM   318 C CG2 . VAL A 1 40 ? 4.240   -2.274  -0.341  1.00 34.81 ? 43  VAL B CG2 1 
ATOM   319 N N   . LYS A 1 41 ? 8.245   -0.938  -2.560  1.00 28.48 ? 44  LYS B N   1 
ATOM   320 C CA  . LYS A 1 41 ? 9.635   -0.498  -2.613  1.00 27.93 ? 44  LYS B CA  1 
ATOM   321 C C   . LYS A 1 41 ? 9.729   1.002   -2.865  1.00 28.40 ? 44  LYS B C   1 
ATOM   322 O O   . LYS A 1 41 ? 8.823   1.616   -3.435  1.00 30.57 ? 44  LYS B O   1 
ATOM   323 C CB  . LYS A 1 41 ? 10.437  -1.233  -3.691  1.00 30.61 ? 44  LYS B CB  1 
ATOM   324 C CG  . LYS A 1 41 ? 9.955   -0.971  -5.093  1.00 53.49 ? 44  LYS B CG  1 
ATOM   325 C CD  . LYS A 1 41 ? 9.966   -2.250  -5.893  1.00 58.70 ? 44  LYS B CD  1 
ATOM   326 C CE  . LYS A 1 41 ? 11.369  -2.846  -5.929  1.00 68.47 ? 44  LYS B CE  1 
ATOM   327 N NZ  . LYS A 1 41 ? 11.386  -4.203  -6.540  1.00 72.01 ? 44  LYS B NZ  1 
ATOM   328 N N   . LYS A 1 42 ? 10.850  1.585   -2.444  1.00 36.51 ? 45  LYS B N   1 
ATOM   329 C CA  . LYS A 1 42 ? 11.076  2.998   -2.696  1.00 40.60 ? 45  LYS B CA  1 
ATOM   330 C C   . LYS A 1 42 ? 11.152  3.245   -4.195  1.00 41.42 ? 45  LYS B C   1 
ATOM   331 O O   . LYS A 1 42 ? 11.594  2.387   -4.962  1.00 40.67 ? 45  LYS B O   1 
ATOM   332 C CB  . LYS A 1 42 ? 12.374  3.447   -2.033  1.00 54.52 ? 45  LYS B CB  1 
ATOM   333 C CG  . LYS A 1 42 ? 12.330  4.880   -1.567  1.00 67.03 ? 45  LYS B CG  1 
ATOM   334 C CD  . LYS A 1 42 ? 13.567  5.252   -0.795  1.00 76.15 ? 45  LYS B CD  1 
ATOM   335 C CE  . LYS A 1 42 ? 13.475  6.704   -0.356  1.00 79.56 ? 45  LYS B CE  1 
ATOM   336 N NZ  . LYS A 1 42 ? 14.259  6.997   0.882   1.00 78.85 ? 45  LYS B NZ  1 
ATOM   337 N N   . VAL A 1 43 ? 10.691  4.415   -4.619  1.00 38.94 ? 46  VAL B N   1 
ATOM   338 C CA  . VAL A 1 43 ? 10.785  4.751   -6.038  1.00 40.60 ? 46  VAL B CA  1 
ATOM   339 C C   . VAL A 1 43 ? 12.230  5.063   -6.431  1.00 53.22 ? 46  VAL B C   1 
ATOM   340 O O   . VAL A 1 43 ? 12.790  4.398   -7.304  1.00 53.47 ? 46  VAL B O   1 
ATOM   341 C CB  . VAL A 1 43 ? 9.824   5.884   -6.432  1.00 36.24 ? 46  VAL B CB  1 
ATOM   342 C CG1 . VAL A 1 43 ? 10.097  6.344   -7.863  1.00 41.27 ? 46  VAL B CG1 1 
ATOM   343 C CG2 . VAL A 1 43 ? 8.390   5.425   -6.292  1.00 34.96 ? 46  VAL B CG2 1 
ATOM   344 O OXT . VAL A 1 43 ? 12.872  5.966   -5.884  1.00 56.75 ? 46  VAL B OXT 1 
ATOM   345 N N   . LYS B 1 2  ? 13.094  -7.838  0.177   1.00 49.34 ? 5   LYS A N   1 
ATOM   346 C CA  . LYS B 1 2  ? 11.772  -7.462  -0.364  1.00 45.04 ? 5   LYS A CA  1 
ATOM   347 C C   . LYS B 1 2  ? 10.804  -7.229  0.790   1.00 42.20 ? 5   LYS A C   1 
ATOM   348 O O   . LYS B 1 2  ? 10.682  -8.079  1.617   1.00 45.92 ? 5   LYS A O   1 
ATOM   349 C CB  . LYS B 1 2  ? 11.172  -8.647  -1.113  1.00 48.62 ? 5   LYS A CB  1 
ATOM   350 C CG  . LYS B 1 2  ? 11.505  -8.750  -2.584  1.00 54.24 ? 5   LYS A CG  1 
ATOM   351 C CD  . LYS B 1 2  ? 10.583  -9.719  -3.293  1.00 57.57 ? 5   LYS A CD  1 
ATOM   352 C CE  . LYS B 1 2  ? 11.121  -10.168 -4.636  1.00 57.58 ? 5   LYS A CE  1 
ATOM   353 N NZ  . LYS B 1 2  ? 10.096  -10.848 -5.451  1.00 55.86 ? 5   LYS A NZ  1 
ATOM   354 N N   . VAL B 1 3  ? 10.174  -6.074  0.841   1.00 29.22 ? 6   VAL A N   1 
ATOM   355 C CA  . VAL B 1 3  ? 9.148   -5.826  1.843   1.00 25.23 ? 6   VAL A CA  1 
ATOM   356 C C   . VAL B 1 3  ? 7.807   -6.151  1.199   1.00 26.36 ? 6   VAL A C   1 
ATOM   357 O O   . VAL B 1 3  ? 7.418   -5.528  0.206   1.00 27.06 ? 6   VAL A O   1 
ATOM   358 C CB  . VAL B 1 3  ? 9.195   -4.375  2.346   1.00 29.04 ? 6   VAL A CB  1 
ATOM   359 C CG1 . VAL B 1 3  ? 8.165   -4.166  3.436   1.00 28.89 ? 6   VAL A CG1 1 
ATOM   360 C CG2 . VAL B 1 3  ? 10.597  -4.039  2.850   1.00 31.96 ? 6   VAL A CG2 1 
ATOM   361 N N   . VAL B 1 4  ? 7.102   -7.115  1.777   1.00 22.67 ? 7   VAL A N   1 
ATOM   362 C CA  . VAL B 1 4  ? 5.893   -7.668  1.184   1.00 23.51 ? 7   VAL A CA  1 
ATOM   363 C C   . VAL B 1 4  ? 4.739   -7.542  2.172   1.00 22.89 ? 7   VAL A C   1 
ATOM   364 O O   . VAL B 1 4  ? 4.898   -7.814  3.362   1.00 26.92 ? 7   VAL A O   1 
ATOM   365 C CB  . VAL B 1 4  ? 6.126   -9.137  0.774   1.00 28.43 ? 7   VAL A CB  1 
ATOM   366 C CG1 . VAL B 1 4  ? 4.814   -9.804  0.398   1.00 28.58 ? 7   VAL A CG1 1 
ATOM   367 C CG2 . VAL B 1 4  ? 7.094   -9.179  -0.386  1.00 27.44 ? 7   VAL A CG2 1 
ATOM   368 N N   . ALA B 1 5  ? 3.576   -7.120  1.665   1.00 23.23 ? 8   ALA A N   1 
ATOM   369 C CA  . ALA B 1 5  ? 2.394   -6.928  2.490   1.00 23.03 ? 8   ALA A CA  1 
ATOM   370 C C   . ALA B 1 5  ? 1.171   -7.470  1.765   1.00 21.61 ? 8   ALA A C   1 
ATOM   371 O O   . ALA B 1 5  ? 1.154   -7.582  0.533   1.00 22.26 ? 8   ALA A O   1 
ATOM   372 C CB  . ALA B 1 5  ? 2.173   -5.440  2.819   1.00 24.43 ? 8   ALA A CB  1 
ATOM   373 N N   . ARG B 1 6  ? 0.146   -7.786  2.544   1.00 20.79 ? 9   ARG A N   1 
ATOM   374 C CA  . ARG B 1 6  ? -1.112  -8.282  1.998   1.00 19.70 ? 9   ARG A CA  1 
ATOM   375 C C   . ARG B 1 6  ? -2.003  -7.112  1.605   1.00 22.53 ? 9   ARG A C   1 
ATOM   376 O O   . ARG B 1 6  ? -2.103  -6.112  2.323   1.00 22.52 ? 9   ARG A O   1 
ATOM   377 C CB  . ARG B 1 6  ? -1.827  -9.156  3.032   1.00 23.64 ? 9   ARG A CB  1 
ATOM   378 C CG  . ARG B 1 6  ? -3.255  -9.514  2.661   1.00 26.39 ? 9   ARG A CG  1 
ATOM   379 C CD  . ARG B 1 6  ? -3.841  -10.586 3.585   1.00 36.63 ? 9   ARG A CD  1 
ATOM   380 N NE  . ARG B 1 6  ? -3.771  -10.232 5.001   1.00 44.25 ? 9   ARG A NE  1 
ATOM   381 C CZ  . ARG B 1 6  ? -4.741  -9.618  5.670   1.00 46.19 ? 9   ARG A CZ  1 
ATOM   382 N NH1 . ARG B 1 6  ? -4.587  -9.350  6.959   1.00 43.76 ? 9   ARG A NH1 1 
ATOM   383 N NH2 . ARG B 1 6  ? -5.862  -9.271  5.054   1.00 49.93 ? 9   ARG A NH2 1 
ATOM   384 N N   . VAL B 1 7  ? -2.640  -7.240  0.447   1.00 20.87 ? 10  VAL A N   1 
ATOM   385 C CA  . VAL B 1 7  ? -3.470  -6.170  -0.087  1.00 20.81 ? 10  VAL A CA  1 
ATOM   386 C C   . VAL B 1 7  ? -4.836  -6.215  0.576   1.00 20.27 ? 10  VAL A C   1 
ATOM   387 O O   . VAL B 1 7  ? -5.509  -7.250  0.576   1.00 18.95 ? 10  VAL A O   1 
ATOM   388 C CB  . VAL B 1 7  ? -3.599  -6.314  -1.610  1.00 19.28 ? 10  VAL A CB  1 
ATOM   389 C CG1 . VAL B 1 7  ? -4.613  -5.324  -2.152  1.00 21.56 ? 10  VAL A CG1 1 
ATOM   390 C CG2 . VAL B 1 7  ? -2.248  -6.123  -2.263  1.00 21.71 ? 10  VAL A CG2 1 
ATOM   391 N N   . ALA B 1 8  ? -5.262  -5.078  1.123   1.00 21.79 ? 11  ALA A N   1 
ATOM   392 C CA  . ALA B 1 8  ? -6.610  -4.894  1.637   1.00 20.55 ? 11  ALA A CA  1 
ATOM   393 C C   . ALA B 1 8  ? -7.310  -3.802  0.837   1.00 19.65 ? 11  ALA A C   1 
ATOM   394 O O   . ALA B 1 8  ? -6.666  -2.958  0.207   1.00 20.08 ? 11  ALA A O   1 
ATOM   395 C CB  . ALA B 1 8  ? -6.590  -4.552  3.142   1.00 20.17 ? 11  ALA A CB  1 
ATOM   396 N N   . GLU B 1 9  ? -8.639  -3.824  0.873   1.00 20.52 ? 12  GLU A N   1 
ATOM   397 C CA  . GLU B 1 9  ? -9.427  -2.865  0.106   1.00 17.86 ? 12  GLU A CA  1 
ATOM   398 C C   . GLU B 1 9  ? -9.215  -1.441  0.610   1.00 19.92 ? 12  GLU A C   1 
ATOM   399 O O   . GLU B 1 9  ? -9.124  -1.192  1.812   1.00 22.43 ? 12  GLU A O   1 
ATOM   400 C CB  . GLU B 1 9  ? -10.911 -3.234  0.195   1.00 22.08 ? 12  GLU A CB  1 
ATOM   401 C CG  . GLU B 1 9  ? -11.834 -2.328  -0.632  1.00 21.52 ? 12  GLU A CG  1 
ATOM   402 C CD  . GLU B 1 9  ? -11.537 -2.376  -2.123  1.00 23.15 ? 12  GLU A CD  1 
ATOM   403 O OE1 . GLU B 1 9  ? -10.791 -1.511  -2.627  1.00 25.17 ? 12  GLU A OE1 1 
ATOM   404 O OE2 . GLU B 1 9  ? -12.046 -3.296  -2.786  1.00 28.37 ? 12  GLU A OE2 1 
ATOM   405 N N   . ALA B 1 10 ? -9.147  -0.491  -0.319  1.00 20.64 ? 13  ALA A N   1 
ATOM   406 C CA  . ALA B 1 10 ? -8.972  0.901   0.068   1.00 20.91 ? 13  ALA A CA  1 
ATOM   407 C C   . ALA B 1 10 ? -10.219 1.435   0.752   1.00 20.95 ? 13  ALA A C   1 
ATOM   408 O O   . ALA B 1 10 ? -11.348 1.128   0.359   1.00 22.07 ? 13  ALA A O   1 
ATOM   409 C CB  . ALA B 1 10 ? -8.682  1.759   -1.159  1.00 20.82 ? 13  ALA A CB  1 
ATOM   410 N N   A TYR B 1 11 ? -10.001 2.283   1.748   0.50 21.41 ? 14  TYR A N   1 
ATOM   411 N N   B TYR B 1 11 ? -9.995  2.288   1.749   0.50 21.41 ? 14  TYR A N   1 
ATOM   412 C CA  A TYR B 1 11 ? -11.126 3.012   2.374   0.50 21.53 ? 14  TYR A CA  1 
ATOM   413 C CA  B TYR B 1 11 ? -11.132 3.003   2.372   0.50 21.53 ? 14  TYR A CA  1 
ATOM   414 C C   A TYR B 1 11 ? -11.713 3.953   1.307   0.50 21.93 ? 14  TYR A C   1 
ATOM   415 C C   B TYR B 1 11 ? -11.725 3.888   1.269   0.50 21.93 ? 14  TYR A C   1 
ATOM   416 O O   A TYR B 1 11 ? -10.992 4.522   0.525   0.50 23.22 ? 14  TYR A O   1 
ATOM   417 O O   B TYR B 1 11 ? -10.969 4.533   0.551   0.50 23.22 ? 14  TYR A O   1 
ATOM   418 C CB  A TYR B 1 11 ? -10.639 3.728   3.634   0.50 24.15 ? 14  TYR A CB  1 
ATOM   419 C CB  B TYR B 1 11 ? -10.689 3.778   3.614   0.50 24.15 ? 14  TYR A CB  1 
ATOM   420 C CG  A TYR B 1 11 ? -10.141 2.787   4.699   0.50 33.55 ? 14  TYR A CG  1 
ATOM   421 C CG  B TYR B 1 11 ? -10.669 2.966   4.885   0.50 33.55 ? 14  TYR A CG  1 
ATOM   422 C CD1 A TYR B 1 11 ? -8.814  2.782   5.089   0.50 57.42 ? 14  TYR A CD1 1 
ATOM   423 C CD1 B TYR B 1 11 ? -10.624 1.592   4.846   0.50 57.42 ? 14  TYR A CD1 1 
ATOM   424 C CD2 A TYR B 1 11 ? -10.961 1.830   5.231   0.50 30.92 ? 14  TYR A CD2 1 
ATOM   425 C CD2 B TYR B 1 11 ? -10.723 3.569   6.127   0.50 30.92 ? 14  TYR A CD2 1 
ATOM   426 C CE1 A TYR B 1 11 ? -8.341  1.897   6.041   0.50 67.98 ? 14  TYR A CE1 1 
ATOM   427 C CE1 B TYR B 1 11 ? -10.587 0.828   5.995   0.50 67.98 ? 14  TYR A CE1 1 
ATOM   428 C CE2 A TYR B 1 11 ? -10.525 0.959   6.210   0.50 38.53 ? 14  TYR A CE2 1 
ATOM   429 C CE2 B TYR B 1 11 ? -10.703 2.824   7.291   0.50 38.53 ? 14  TYR A CE2 1 
ATOM   430 C CZ  A TYR B 1 11 ? -9.202  0.981   6.604   0.50 64.78 ? 14  TYR A CZ  1 
ATOM   431 C CZ  B TYR B 1 11 ? -10.632 1.446   7.222   0.50 64.78 ? 14  TYR A CZ  1 
ATOM   432 O OH  A TYR B 1 11 ? -8.755  0.115   7.556   0.50 80.58 ? 14  TYR A OH  1 
ATOM   433 O OH  B TYR B 1 11 ? -10.595 0.685   8.351   0.50 80.58 ? 14  TYR A OH  1 
ATOM   434 N N   . ALA B 1 12 ? -13.013 4.155   1.377   1.00 23.64 ? 15  ALA A N   1 
ATOM   435 C CA  . ALA B 1 12 ? -13.720 4.870   0.315   1.00 25.45 ? 15  ALA A CA  1 
ATOM   436 C C   . ALA B 1 12 ? -13.150 6.265   0.081   1.00 22.96 ? 15  ALA A C   1 
ATOM   437 O O   . ALA B 1 12 ? -13.048 6.713   -1.074  1.00 25.49 ? 15  ALA A O   1 
ATOM   438 C CB  . ALA B 1 12 ? -15.206 4.947   0.653   1.00 27.23 ? 15  ALA A CB  1 
ATOM   439 N N   . GLU B 1 13 ? -12.786 6.959   1.146   1.00 25.01 ? 16  GLU A N   1 
ATOM   440 C CA  . GLU B 1 13 ? -12.307 8.354   0.986   1.00 29.31 ? 16  GLU A CA  1 
ATOM   441 C C   . GLU B 1 13 ? -10.938 8.402   0.288   1.00 23.39 ? 16  GLU A C   1 
ATOM   442 O O   . GLU B 1 13 ? -10.617 9.428   -0.245  1.00 27.68 ? 16  GLU A O   1 
ATOM   443 C CB  . GLU B 1 13 ? -12.365 9.062   2.340   1.00 39.52 ? 16  GLU A CB  1 
ATOM   444 C CG  . GLU B 1 13 ? -11.687 8.301   3.461   1.00 70.63 ? 16  GLU A CG  1 
ATOM   445 C CD  . GLU B 1 13 ? -12.456 7.217   4.208   1.00 91.38 ? 16  GLU A CD  1 
ATOM   446 O OE1 . GLU B 1 13 ? -12.155 7.017   5.387   1.00 96.98 ? 16  GLU A OE1 1 
ATOM   447 O OE2 . GLU B 1 13 ? -13.321 6.559   3.607   1.00 98.94 ? 16  GLU A OE2 1 
ATOM   448 N N   . ASP B 1 14 ? -10.214 7.292   0.196   1.00 22.18 ? 17  ASP A N   1 
ATOM   449 C CA  . ASP B 1 14 ? -8.917  7.265   -0.465  1.00 22.71 ? 17  ASP A CA  1 
ATOM   450 C C   . ASP B 1 14 ? -8.996  6.850   -1.924  1.00 23.12 ? 17  ASP A C   1 
ATOM   451 O O   . ASP B 1 14 ? -7.999  6.986   -2.640  1.00 25.66 ? 17  ASP A O   1 
ATOM   452 C CB  . ASP B 1 14 ? -8.001  6.284   0.266   1.00 26.57 ? 17  ASP A CB  1 
ATOM   453 C CG  . ASP B 1 14 ? -7.723  6.714   1.678   1.00 28.32 ? 17  ASP A CG  1 
ATOM   454 O OD1 . ASP B 1 14 ? -7.572  7.938   1.899   1.00 30.49 ? 17  ASP A OD1 1 
ATOM   455 O OD2 . ASP B 1 14 ? -7.664  5.832   2.562   1.00 26.17 ? 17  ASP A OD2 1 
ATOM   456 N N   . VAL B 1 15 ? -10.149 6.366   -2.386  1.00 22.76 ? 18  VAL A N   1 
ATOM   457 C CA  . VAL B 1 15 ? -10.253 5.787   -3.720  1.00 22.16 ? 18  VAL A CA  1 
ATOM   458 C C   . VAL B 1 15 ? -10.035 6.861   -4.791  1.00 22.18 ? 18  VAL A C   1 
ATOM   459 O O   . VAL B 1 15 ? -10.599 7.959   -4.719  1.00 25.89 ? 18  VAL A O   1 
ATOM   460 C CB  . VAL B 1 15 ? -11.602 5.082   -3.893  1.00 22.98 ? 18  VAL A CB  1 
ATOM   461 C CG1 . VAL B 1 15 ? -11.757 4.568   -5.311  1.00 27.34 ? 18  VAL A CG1 1 
ATOM   462 C CG2 . VAL B 1 15 ? -11.729 3.934   -2.893  1.00 23.83 ? 18  VAL A CG2 1 
ATOM   463 N N   . GLY B 1 16 ? -9.217  6.534   -5.786  1.00 22.67 ? 19  GLY A N   1 
ATOM   464 C CA  . GLY B 1 16 ? -8.985  7.426   -6.907  1.00 21.73 ? 19  GLY A CA  1 
ATOM   465 C C   . GLY B 1 16 ? -7.930  8.482   -6.693  1.00 28.00 ? 19  GLY A C   1 
ATOM   466 O O   . GLY B 1 16 ? -7.780  9.368   -7.546  1.00 29.90 ? 19  GLY A O   1 
ATOM   467 N N   . LYS B 1 17 ? -7.188  8.413   -5.593  1.00 23.86 ? 20  LYS A N   1 
ATOM   468 C CA  . LYS B 1 17 ? -6.200  9.416   -5.234  1.00 27.40 ? 20  LYS A CA  1 
ATOM   469 C C   . LYS B 1 17 ? -4.773  8.913   -5.390  1.00 26.90 ? 20  LYS A C   1 
ATOM   470 O O   . LYS B 1 17 ? -3.838  9.635   -5.026  1.00 28.00 ? 20  LYS A O   1 
ATOM   471 C CB  . LYS B 1 17 ? -6.426  9.877   -3.794  1.00 29.11 ? 20  LYS A CB  1 
ATOM   472 C CG  . LYS B 1 17 ? -7.801  10.464  -3.542  1.00 29.69 ? 20  LYS A CG  1 
ATOM   473 C CD  . LYS B 1 17 ? -7.910  10.938  -2.100  1.00 32.64 ? 20  LYS A CD  1 
ATOM   474 C CE  . LYS B 1 17 ? -9.128  11.814  -1.880  1.00 42.60 ? 20  LYS A CE  1 
ATOM   475 N NZ  . LYS B 1 17 ? -9.196  12.278  -0.463  1.00 45.05 ? 20  LYS A NZ  1 
ATOM   476 N N   . ARG B 1 18 ? -4.596  7.698   -5.910  1.00 26.58 ? 21  ARG A N   1 
ATOM   477 C CA  . ARG B 1 18 ? -3.250  7.090   -6.071  1.00 23.89 ? 21  ARG A CA  1 
ATOM   478 C C   . ARG B 1 18 ? -2.543  7.100   -4.718  1.00 22.20 ? 21  ARG A C   1 
ATOM   479 O O   . ARG B 1 18 ? -1.411  7.509   -4.628  1.00 23.05 ? 21  ARG A O   1 
ATOM   480 C CB  . ARG B 1 18 ? -2.407  7.809   -7.125  1.00 25.35 ? 21  ARG A CB  1 
ATOM   481 C CG  . ARG B 1 18 ? -2.884  7.584   -8.544  1.00 30.27 ? 21  ARG A CG  1 
ATOM   482 C CD  . ARG B 1 18 ? -2.010  8.354   -9.510  1.00 34.18 ? 21  ARG A CD  1 
ATOM   483 N NE  . ARG B 1 18 ? -0.680  7.806   -9.473  1.00 36.34 ? 21  ARG A NE  1 
ATOM   484 C CZ  . ARG B 1 18 ? 0.424   8.515   -9.283  1.00 39.34 ? 21  ARG A CZ  1 
ATOM   485 N NH1 . ARG B 1 18 ? 1.589   7.910   -9.247  1.00 36.70 ? 21  ARG A NH1 1 
ATOM   486 N NH2 . ARG B 1 18 ? 0.357   9.817   -9.124  1.00 39.67 ? 21  ARG A NH2 1 
ATOM   487 N N   . VAL B 1 19 ? -3.259  6.623   -3.722  1.00 22.24 ? 22  VAL A N   1 
ATOM   488 C CA  . VAL B 1 19 ? -2.755  6.565   -2.332  1.00 25.23 ? 22  VAL A CA  1 
ATOM   489 C C   . VAL B 1 19 ? -2.678  5.109   -1.892  1.00 22.85 ? 22  VAL A C   1 
ATOM   490 O O   . VAL B 1 19 ? -3.495  4.314   -2.318  1.00 26.12 ? 22  VAL A O   1 
ATOM   491 C CB  . VAL B 1 19 ? -3.688  7.375   -1.420  1.00 29.30 ? 22  VAL A CB  1 
ATOM   492 C CG1 . VAL B 1 19 ? -3.580  6.940   0.023   1.00 32.39 ? 22  VAL A CG1 1 
ATOM   493 C CG2 . VAL B 1 19 ? -3.429  8.861   -1.561  1.00 29.34 ? 22  VAL A CG2 1 
ATOM   494 N N   . VAL B 1 20 ? -1.643  4.778   -1.139  1.00 21.44 ? 23  VAL A N   1 
ATOM   495 C CA  . VAL B 1 20 ? -1.562  3.432   -0.502  1.00 21.90 ? 23  VAL A CA  1 
ATOM   496 C C   . VAL B 1 20 ? -1.293  3.646   0.982   1.00 21.87 ? 23  VAL A C   1 
ATOM   497 O O   . VAL B 1 20 ? -0.417  4.426   1.319   1.00 22.69 ? 23  VAL A O   1 
ATOM   498 C CB  . VAL B 1 20 ? -0.527  2.476   -1.112  1.00 24.26 ? 23  VAL A CB  1 
ATOM   499 C CG1 . VAL B 1 20 ? -0.933  2.037   -2.499  1.00 29.76 ? 23  VAL A CG1 1 
ATOM   500 C CG2 . VAL B 1 20 ? 0.891   3.018   -1.055  1.00 22.11 ? 23  VAL A CG2 1 
ATOM   501 N N   . ARG B 1 21 ? -2.069  2.969   1.809   1.00 18.07 ? 24  ARG A N   1 
ATOM   502 C CA  . ARG B 1 21 ? -1.925  3.067   3.264   1.00 20.47 ? 24  ARG A CA  1 
ATOM   503 C C   . ARG B 1 21 ? -0.956  2.004   3.750   1.00 18.82 ? 24  ARG A C   1 
ATOM   504 O O   . ARG B 1 21 ? -1.194  0.810   3.545   1.00 19.68 ? 24  ARG A O   1 
ATOM   505 C CB  . ARG B 1 21 ? -3.293  2.891   3.930   1.00 20.43 ? 24  ARG A CB  1 
ATOM   506 C CG  . ARG B 1 21 ? -4.351  3.918   3.497   1.00 22.38 ? 24  ARG A CG  1 
ATOM   507 C CD  . ARG B 1 21 ? -4.537  4.946   4.574   1.00 23.27 ? 24  ARG A CD  1 
ATOM   508 N NE  . ARG B 1 21 ? -5.375  6.064   4.150   1.00 26.97 ? 24  ARG A NE  1 
ATOM   509 C CZ  . ARG B 1 21 ? -5.347  7.256   4.729   1.00 24.56 ? 24  ARG A CZ  1 
ATOM   510 N NH1 . ARG B 1 21 ? -4.522  7.489   5.736   1.00 23.70 ? 24  ARG A NH1 1 
ATOM   511 N NH2 . ARG B 1 21 ? -6.131  8.221   4.280   1.00 26.19 ? 24  ARG A NH2 1 
ATOM   512 N N   . VAL B 1 22 ? 0.134   2.443   4.387   1.00 21.24 ? 25  VAL A N   1 
ATOM   513 C CA  . VAL B 1 22 ? 1.249   1.610   4.815   1.00 19.67 ? 25  VAL A CA  1 
ATOM   514 C C   . VAL B 1 22 ? 1.577   1.983   6.252   1.00 20.22 ? 25  VAL A C   1 
ATOM   515 O O   . VAL B 1 22 ? 1.671   3.173   6.574   1.00 22.29 ? 25  VAL A O   1 
ATOM   516 C CB  . VAL B 1 22 ? 2.489   1.881   3.946   1.00 23.68 ? 25  VAL A CB  1 
ATOM   517 C CG1 . VAL B 1 22 ? 3.599   0.922   4.332   1.00 23.07 ? 25  VAL A CG1 1 
ATOM   518 C CG2 . VAL B 1 22 ? 2.158   1.801   2.487   1.00 24.87 ? 25  VAL A CG2 1 
ATOM   519 N N   . ASP B 1 23 ? 1.769   0.981   7.109   1.00 19.94 ? 26  ASP A N   1 
ATOM   520 C CA  . ASP B 1 23 ? 1.995   1.300   8.516   1.00 21.68 ? 26  ASP A CA  1 
ATOM   521 C C   . ASP B 1 23 ? 3.475   1.602   8.799   1.00 20.44 ? 26  ASP A C   1 
ATOM   522 O O   . ASP B 1 23 ? 4.339   1.514   7.924   1.00 20.62 ? 26  ASP A O   1 
ATOM   523 C CB  . ASP B 1 23 ? 1.368   0.252   9.447   1.00 22.71 ? 26  ASP A CB  1 
ATOM   524 C CG  . ASP B 1 23 ? 2.169   -1.046  9.556   1.00 24.21 ? 26  ASP A CG  1 
ATOM   525 O OD1 . ASP B 1 23 ? 3.359   -1.104  9.173   1.00 22.91 ? 26  ASP A OD1 1 
ATOM   526 O OD2 . ASP B 1 23 ? 1.579   -2.029  10.071  1.00 23.76 ? 26  ASP A OD2 1 
ATOM   527 N N   . LYS B 1 24 ? 3.752   1.979   10.050  1.00 20.68 ? 27  LYS A N   1 
ATOM   528 C CA  . LYS B 1 24 ? 5.096   2.423   10.418  1.00 20.54 ? 27  LYS A CA  1 
ATOM   529 C C   . LYS B 1 24 ? 6.126   1.321   10.246  1.00 22.63 ? 27  LYS A C   1 
ATOM   530 O O   . LYS B 1 24 ? 7.309   1.609   10.021  1.00 22.82 ? 27  LYS A O   1 
ATOM   531 C CB  . LYS B 1 24 ? 5.115   2.894   11.872  1.00 24.43 ? 27  LYS A CB  1 
ATOM   532 C CG  . LYS B 1 24 ? 4.567   1.892   12.867  1.00 26.38 ? 27  LYS A CG  1 
ATOM   533 C CD  . LYS B 1 24 ? 4.589   2.492   14.265  1.00 27.58 ? 27  LYS A CD  1 
ATOM   534 C CE  . LYS B 1 24 ? 4.254   1.473   15.333  1.00 30.56 ? 27  LYS A CE  1 
ATOM   535 N NZ  . LYS B 1 24 ? 4.672   1.972   16.671  1.00 38.42 ? 27  LYS A NZ  1 
ATOM   536 N N   . TYR B 1 25 ? 5.707   0.061   10.361  1.00 21.90 ? 28  TYR A N   1 
ATOM   537 C CA  . TYR B 1 25 ? 6.659   -1.042  10.252  1.00 22.70 ? 28  TYR A CA  1 
ATOM   538 C C   . TYR B 1 25 ? 7.086   -1.246  8.808   1.00 24.05 ? 28  TYR A C   1 
ATOM   539 O O   . TYR B 1 25 ? 8.284   -1.266  8.500   1.00 24.61 ? 28  TYR A O   1 
ATOM   540 C CB  . TYR B 1 25 ? 6.045   -2.318  10.825  1.00 24.96 ? 28  TYR A CB  1 
ATOM   541 C CG  . TYR B 1 25 ? 5.588   -2.169  12.255  1.00 24.77 ? 28  TYR A CG  1 
ATOM   542 C CD1 . TYR B 1 25 ? 6.518   -2.021  13.280  1.00 30.28 ? 28  TYR A CD1 1 
ATOM   543 C CD2 . TYR B 1 25 ? 4.237   -2.185  12.587  1.00 22.52 ? 28  TYR A CD2 1 
ATOM   544 C CE1 . TYR B 1 25 ? 6.118   -1.886  14.592  1.00 30.09 ? 28  TYR A CE1 1 
ATOM   545 C CE2 . TYR B 1 25 ? 3.828   -2.054  13.902  1.00 26.04 ? 28  TYR A CE2 1 
ATOM   546 C CZ  . TYR B 1 25 ? 4.775   -1.903  14.900  1.00 28.11 ? 28  TYR A CZ  1 
ATOM   547 O OH  . TYR B 1 25 ? 4.390   -1.767  16.210  1.00 32.10 ? 28  TYR A OH  1 
ATOM   548 N N   . GLU B 1 26 ? 6.116   -1.398  7.901   1.00 22.78 ? 29  GLU A N   1 
ATOM   549 C CA  . GLU B 1 26 ? 6.450   -1.503  6.484   1.00 23.62 ? 29  GLU A CA  1 
ATOM   550 C C   . GLU B 1 26 ? 7.148   -0.245  5.982   1.00 24.57 ? 29  GLU A C   1 
ATOM   551 O O   . GLU B 1 26 ? 8.086   -0.339  5.188   1.00 23.48 ? 29  GLU A O   1 
ATOM   552 C CB  . GLU B 1 26 ? 5.207   -1.799  5.645   1.00 25.75 ? 29  GLU A CB  1 
ATOM   553 C CG  . GLU B 1 26 ? 4.968   -3.267  5.390   1.00 28.29 ? 29  GLU A CG  1 
ATOM   554 C CD  . GLU B 1 26 ? 4.579   -4.006  6.643   1.00 26.17 ? 29  GLU A CD  1 
ATOM   555 O OE1 . GLU B 1 26 ? 3.560   -3.644  7.263   1.00 26.43 ? 29  GLU A OE1 1 
ATOM   556 O OE2 . GLU B 1 26 ? 5.299   -4.954  7.015   1.00 29.26 ? 29  GLU A OE2 1 
ATOM   557 N N   . ARG B 1 27 ? 6.725   0.939   6.447   1.00 21.28 ? 30  ARG A N   1 
ATOM   558 C CA  . ARG B 1 27 ? 7.399   2.165   6.015   1.00 24.28 ? 30  ARG A CA  1 
ATOM   559 C C   . ARG B 1 27 ? 8.865   2.168   6.428   1.00 21.69 ? 30  ARG A C   1 
ATOM   560 O O   . ARG B 1 27 ? 9.741   2.563   5.648   1.00 23.45 ? 30  ARG A O   1 
ATOM   561 C CB  . ARG B 1 27 ? 6.716   3.396   6.602   1.00 21.72 ? 30  ARG A CB  1 
ATOM   562 C CG  . ARG B 1 27 ? 5.401   3.769   5.945   1.00 19.26 ? 30  ARG A CG  1 
ATOM   563 C CD  . ARG B 1 27 ? 5.028   5.213   6.226   1.00 22.84 ? 30  ARG A CD  1 
ATOM   564 N NE  . ARG B 1 27 ? 5.120   5.598   7.634   1.00 21.88 ? 30  ARG A NE  1 
ATOM   565 C CZ  . ARG B 1 27 ? 4.110   5.516   8.494   1.00 21.33 ? 30  ARG A CZ  1 
ATOM   566 N NH1 . ARG B 1 27 ? 2.943   5.018   8.105   1.00 21.14 ? 30  ARG A NH1 1 
ATOM   567 N NH2 . ARG B 1 27 ? 4.264   5.916   9.749   1.00 22.38 ? 30  ARG A NH2 1 
ATOM   568 N N   . ALA B 1 28 ? 9.148   1.739   7.662   1.00 22.90 ? 31  ALA A N   1 
ATOM   569 C CA  . ALA B 1 28 ? 10.526  1.732   8.144   1.00 23.32 ? 31  ALA A CA  1 
ATOM   570 C C   . ALA B 1 28 ? 11.385  0.773   7.332   1.00 25.01 ? 31  ALA A C   1 
ATOM   571 O O   . ALA B 1 28 ? 12.526  1.093   6.981   1.00 27.52 ? 31  ALA A O   1 
ATOM   572 C CB  . ALA B 1 28 ? 10.555  1.356   9.622   1.00 24.51 ? 31  ALA A CB  1 
ATOM   573 N N   . LYS B 1 29 ? 10.833  -0.395  6.990   1.00 22.13 ? 32  LYS A N   1 
ATOM   574 C CA  . LYS B 1 29 ? 11.584  -1.367  6.203   1.00 22.20 ? 32  LYS A CA  1 
ATOM   575 C C   . LYS B 1 29 ? 11.853  -0.845  4.796   1.00 23.73 ? 32  LYS A C   1 
ATOM   576 O O   . LYS B 1 29 ? 12.958  -1.006  4.261   1.00 26.43 ? 32  LYS A O   1 
ATOM   577 C CB  . LYS B 1 29 ? 10.806  -2.682  6.136   1.00 22.27 ? 32  LYS A CB  1 
ATOM   578 C CG  . LYS B 1 29 ? 10.619  -3.387  7.479   1.00 26.82 ? 32  LYS A CG  1 
ATOM   579 C CD  . LYS B 1 29 ? 9.714   -4.612  7.334   1.00 29.97 ? 32  LYS A CD  1 
ATOM   580 C CE  . LYS B 1 29 ? 9.584   -5.391  8.637   1.00 40.09 ? 32  LYS A CE  1 
ATOM   581 N NZ  . LYS B 1 29 ? 8.752   -6.618  8.478   1.00 44.86 ? 32  LYS A NZ  1 
ATOM   582 N N   . VAL B 1 30 ? 10.849  -0.218  4.178   1.00 24.29 ? 33  VAL A N   1 
ATOM   583 C CA  . VAL B 1 30 ? 10.990  0.306   2.821   1.00 22.85 ? 33  VAL A CA  1 
ATOM   584 C C   . VAL B 1 30 ? 11.942  1.497   2.797   1.00 24.90 ? 33  VAL A C   1 
ATOM   585 O O   . VAL B 1 30 ? 12.682  1.706   1.826   1.00 26.20 ? 33  VAL A O   1 
ATOM   586 C CB  . VAL B 1 30 ? 9.597   0.662   2.256   1.00 25.37 ? 33  VAL A CB  1 
ATOM   587 C CG1 . VAL B 1 30 ? 9.717   1.374   0.920   1.00 29.13 ? 33  VAL A CG1 1 
ATOM   588 C CG2 . VAL B 1 30 ? 8.760   -0.589  2.098   1.00 30.92 ? 33  VAL A CG2 1 
ATOM   589 N N   . GLY B 1 31 ? 11.943  2.289   3.859   1.00 29.46 ? 34  GLY A N   1 
ATOM   590 C CA  . GLY B 1 31 ? 12.731  3.496   3.928   1.00 28.90 ? 34  GLY A CA  1 
ATOM   591 C C   . GLY B 1 31 ? 11.986  4.746   3.511   1.00 27.02 ? 34  GLY A C   1 
ATOM   592 O O   . GLY B 1 31 ? 12.604  5.643   2.919   1.00 27.93 ? 34  GLY A O   1 
ATOM   593 N N   . VAL B 1 32 ? 10.691  4.836   3.805   1.00 24.27 ? 35  VAL A N   1 
ATOM   594 C CA  . VAL B 1 32 ? 9.869   5.964   3.380   1.00 22.73 ? 35  VAL A CA  1 
ATOM   595 C C   . VAL B 1 32 ? 9.129   6.538   4.578   1.00 22.19 ? 35  VAL A C   1 
ATOM   596 O O   . VAL B 1 32 ? 9.003   5.913   5.633   1.00 25.79 ? 35  VAL A O   1 
ATOM   597 C CB  . VAL B 1 32 ? 8.862   5.603   2.264   1.00 25.04 ? 35  VAL A CB  1 
ATOM   598 C CG1 . VAL B 1 32 ? 9.582   5.237   0.971   1.00 29.59 ? 35  VAL A CG1 1 
ATOM   599 C CG2 . VAL B 1 32 ? 7.940   4.472   2.713   1.00 28.23 ? 35  VAL A CG2 1 
ATOM   600 N N   . LYS B 1 33 ? 8.656   7.764   4.398   1.00 24.98 ? 36  LYS A N   1 
ATOM   601 C CA  . LYS B 1 33 ? 7.760   8.437   5.322   1.00 22.15 ? 36  LYS A CA  1 
ATOM   602 C C   . LYS B 1 33 ? 6.428   8.677   4.629   1.00 24.39 ? 36  LYS A C   1 
ATOM   603 O O   . LYS B 1 33 ? 6.293   8.537   3.410   1.00 23.99 ? 36  LYS A O   1 
ATOM   604 C CB  . LYS B 1 33 ? 8.354   9.780   5.764   1.00 23.53 ? 36  LYS A CB  1 
ATOM   605 C CG  . LYS B 1 33 ? 9.748   9.678   6.365   1.00 25.82 ? 36  LYS A CG  1 
ATOM   606 C CD  . LYS B 1 33 ? 9.719   8.951   7.700   1.00 31.34 ? 36  LYS A CD  1 
ATOM   607 C CE  . LYS B 1 33 ? 11.121  8.728   8.247   1.00 32.51 ? 36  LYS A CE  1 
ATOM   608 N NZ  . LYS B 1 33 ? 11.098  7.854   9.455   1.00 42.92 ? 36  LYS A NZ  1 
ATOM   609 N N   . VAL B 1 34 ? 5.429   9.050   5.433   1.00 22.65 ? 37  VAL A N   1 
ATOM   610 C CA  . VAL B 1 34 ? 4.164   9.475   4.853   1.00 22.97 ? 37  VAL A CA  1 
ATOM   611 C C   . VAL B 1 34 ? 4.410   10.648  3.918   1.00 20.45 ? 37  VAL A C   1 
ATOM   612 O O   . VAL B 1 34 ? 5.174   11.574  4.224   1.00 24.70 ? 37  VAL A O   1 
ATOM   613 C CB  . VAL B 1 34 ? 3.167   9.813   5.979   1.00 22.67 ? 37  VAL A CB  1 
ATOM   614 C CG1 . VAL B 1 34 ? 1.943   10.522  5.421   1.00 25.18 ? 37  VAL A CG1 1 
ATOM   615 C CG2 . VAL B 1 34 ? 2.767   8.545   6.744   1.00 24.42 ? 37  VAL A CG2 1 
ATOM   616 N N   . GLY B 1 35 ? 3.792   10.596  2.740   1.00 21.93 ? 38  GLY A N   1 
ATOM   617 C CA  . GLY B 1 35 ? 4.005   11.599  1.722   1.00 21.97 ? 38  GLY A CA  1 
ATOM   618 C C   . GLY B 1 35 ? 5.039   11.230  0.682   1.00 23.62 ? 38  GLY A C   1 
ATOM   619 O O   . GLY B 1 35 ? 5.042   11.815  -0.407  1.00 24.52 ? 38  GLY A O   1 
ATOM   620 N N   . ASP B 1 36 ? 5.911   10.273  0.977   1.00 21.99 ? 39  ASP A N   1 
ATOM   621 C CA  . ASP B 1 36 ? 6.775   9.718   -0.048  1.00 21.33 ? 39  ASP A CA  1 
ATOM   622 C C   . ASP B 1 36 ? 5.960   8.834   -0.980  1.00 23.02 ? 39  ASP A C   1 
ATOM   623 O O   . ASP B 1 36 ? 4.788   8.520   -0.739  1.00 25.58 ? 39  ASP A O   1 
ATOM   624 C CB  . ASP B 1 36 ? 7.885   8.867   0.576   1.00 23.31 ? 39  ASP A CB  1 
ATOM   625 C CG  . ASP B 1 36 ? 9.005   9.699   1.164   1.00 27.11 ? 39  ASP A CG  1 
ATOM   626 O OD1 . ASP B 1 36 ? 9.321   10.762  0.590   1.00 34.91 ? 39  ASP A OD1 1 
ATOM   627 O OD2 . ASP B 1 36 ? 9.568   9.287   2.206   1.00 27.30 ? 39  ASP A OD2 1 
ATOM   628 N N   . TYR B 1 37 ? 6.607   8.407   -2.055  1.00 22.30 ? 40  TYR A N   1 
ATOM   629 C CA  . TYR B 1 37 ? 5.994   7.528   -3.027  1.00 23.32 ? 40  TYR A CA  1 
ATOM   630 C C   . TYR B 1 37 ? 6.684   6.174   -3.004  1.00 26.56 ? 40  TYR A C   1 
ATOM   631 O O   . TYR B 1 37 ? 7.872   6.065   -2.689  1.00 28.26 ? 40  TYR A O   1 
ATOM   632 C CB  . TYR B 1 37 ? 6.095   8.144   -4.425  1.00 22.01 ? 40  TYR A CB  1 
ATOM   633 C CG  . TYR B 1 37 ? 5.213   9.349   -4.567  1.00 22.64 ? 40  TYR A CG  1 
ATOM   634 C CD1 . TYR B 1 37 ? 3.954   9.242   -5.138  1.00 23.37 ? 40  TYR A CD1 1 
ATOM   635 C CD2 . TYR B 1 37 ? 5.634   10.603  -4.135  1.00 22.81 ? 40  TYR A CD2 1 
ATOM   636 C CE1 . TYR B 1 37 ? 3.124   10.340  -5.255  1.00 26.04 ? 40  TYR A CE1 1 
ATOM   637 C CE2 . TYR B 1 37 ? 4.798   11.710  -4.242  1.00 22.98 ? 40  TYR A CE2 1 
ATOM   638 C CZ  . TYR B 1 37 ? 3.552   11.563  -4.807  1.00 28.69 ? 40  TYR A CZ  1 
ATOM   639 O OH  . TYR B 1 37 ? 2.713   12.648  -4.933  1.00 28.17 ? 40  TYR A OH  1 
ATOM   640 N N   . VAL B 1 38 ? 5.916   5.139   -3.324  1.00 23.31 ? 41  VAL A N   1 
ATOM   641 C CA  . VAL B 1 38 ? 6.430   3.780   -3.368  1.00 24.14 ? 41  VAL A CA  1 
ATOM   642 C C   . VAL B 1 38 ? 5.945   3.128   -4.646  1.00 25.32 ? 41  VAL A C   1 
ATOM   643 O O   . VAL B 1 38 ? 4.896   3.489   -5.196  1.00 24.93 ? 41  VAL A O   1 
ATOM   644 C CB  . VAL B 1 38 ? 6.006   2.929   -2.149  1.00 25.06 ? 41  VAL A CB  1 
ATOM   645 C CG1 . VAL B 1 38 ? 6.716   3.410   -0.882  1.00 27.67 ? 41  VAL A CG1 1 
ATOM   646 C CG2 . VAL B 1 38 ? 4.498   2.920   -1.993  1.00 22.96 ? 41  VAL A CG2 1 
ATOM   647 N N   . GLU B 1 39 ? 6.722   2.167   -5.129  1.00 25.91 ? 42  GLU A N   1 
ATOM   648 C CA  . GLU B 1 39 ? 6.267   1.293   -6.195  1.00 25.22 ? 42  GLU A CA  1 
ATOM   649 C C   . GLU B 1 39 ? 5.562   0.108   -5.562  1.00 28.22 ? 42  GLU A C   1 
ATOM   650 O O   . GLU B 1 39 ? 5.993   -0.402  -4.520  1.00 27.54 ? 42  GLU A O   1 
ATOM   651 C CB  . GLU B 1 39 ? 7.470   0.797   -6.998  1.00 31.22 ? 42  GLU A CB  1 
ATOM   652 C CG  . GLU B 1 39 ? 7.119   0.100   -8.290  1.00 37.15 ? 42  GLU A CG  1 
ATOM   653 C CD  . GLU B 1 39 ? 8.349   -0.487  -8.969  1.00 48.40 ? 42  GLU A CD  1 
ATOM   654 O OE1 . GLU B 1 39 ? 8.189   -1.393  -9.808  1.00 54.58 ? 42  GLU A OE1 1 
ATOM   655 O OE2 . GLU B 1 39 ? 9.474   -0.037  -8.660  1.00 50.85 ? 42  GLU A OE2 1 
ATOM   656 N N   . VAL B 1 40 ? 4.463   -0.315  -6.175  1.00 27.08 ? 43  VAL A N   1 
ATOM   657 C CA  . VAL B 1 40 ? 3.739   -1.509  -5.762  1.00 27.77 ? 43  VAL A CA  1 
ATOM   658 C C   . VAL B 1 40 ? 3.811   -2.509  -6.902  1.00 28.50 ? 43  VAL A C   1 
ATOM   659 O O   . VAL B 1 40 ? 3.509   -2.169  -8.053  1.00 32.51 ? 43  VAL A O   1 
ATOM   660 C CB  . VAL B 1 40 ? 2.277   -1.180  -5.424  1.00 28.02 ? 43  VAL A CB  1 
ATOM   661 C CG1 . VAL B 1 40 ? 1.532   -2.442  -5.037  1.00 30.60 ? 43  VAL A CG1 1 
ATOM   662 C CG2 . VAL B 1 40 ? 2.210   -0.162  -4.294  1.00 33.24 ? 43  VAL A CG2 1 
ATOM   663 N N   . LYS B 1 41 ? 4.231   -3.735  -6.600  1.00 28.37 ? 44  LYS A N   1 
ATOM   664 C CA  . LYS B 1 41 ? 4.340   -4.737  -7.650  1.00 35.00 ? 44  LYS A CA  1 
ATOM   665 C C   . LYS B 1 41 ? 3.908   -6.099  -7.131  1.00 32.73 ? 44  LYS A C   1 
ATOM   666 O O   . LYS B 1 41 ? 3.987   -6.387  -5.933  1.00 29.31 ? 44  LYS A O   1 
ATOM   667 C CB  . LYS B 1 41 ? 5.756   -4.838  -8.243  1.00 40.68 ? 44  LYS A CB  1 
ATOM   668 C CG  . LYS B 1 41 ? 6.839   -5.085  -7.214  1.00 50.08 ? 44  LYS A CG  1 
ATOM   669 C CD  . LYS B 1 41 ? 8.203   -4.666  -7.739  1.00 66.05 ? 44  LYS A CD  1 
ATOM   670 C CE  . LYS B 1 41 ? 8.686   -5.590  -8.842  1.00 74.18 ? 44  LYS A CE  1 
ATOM   671 N NZ  . LYS B 1 41 ? 10.170  -5.554  -8.951  1.00 79.47 ? 44  LYS A NZ  1 
ATOM   672 N N   . LYS B 1 42 ? 3.517   -6.945  -8.062  1.00 38.27 ? 45  LYS A N   1 
ATOM   673 C CA  . LYS B 1 42 ? 3.048   -8.307  -7.766  1.00 46.32 ? 45  LYS A CA  1 
ATOM   674 C C   . LYS B 1 42 ? 4.210   -9.126  -7.244  1.00 46.66 ? 45  LYS A C   1 
ATOM   675 O O   . LYS B 1 42 ? 5.320   -8.839  -7.554  1.00 47.37 ? 45  LYS A O   1 
ATOM   676 C CB  . LYS B 1 42 ? 2.578   -8.932  -9.073  1.00 49.10 ? 45  LYS A CB  1 
ATOM   677 C CG  . LYS B 1 42 ? 1.338   -9.800  -9.006  1.00 59.12 ? 45  LYS A CG  1 
ATOM   678 C CD  . LYS B 1 42 ? 0.850   -10.155 -10.383 1.00 66.55 ? 45  LYS A CD  1 
ATOM   679 C CE  . LYS B 1 42 ? 1.472   -9.272  -11.439 1.00 68.22 ? 45  LYS A CE  1 
ATOM   680 N NZ  . LYS B 1 42 ? 0.857   -9.429  -12.777 1.00 70.87 ? 45  LYS A NZ  1 
ATOM   681 N N   . VAL B 1 43 ? 3.919   -10.053 -6.355  1.00 46.38 ? 46  VAL A N   1 
ATOM   682 C CA  . VAL B 1 43 ? 4.974   -10.933 -5.892  1.00 49.46 ? 46  VAL A CA  1 
ATOM   683 C C   . VAL B 1 43 ? 5.279   -11.990 -6.961  1.00 63.02 ? 46  VAL A C   1 
ATOM   684 O O   . VAL B 1 43 ? 6.308   -11.912 -7.633  1.00 75.93 ? 46  VAL A O   1 
ATOM   685 C CB  . VAL B 1 43 ? 4.654   -11.528 -4.514  1.00 41.23 ? 46  VAL A CB  1 
ATOM   686 C CG1 . VAL B 1 43 ? 5.686   -12.581 -4.131  1.00 41.43 ? 46  VAL A CG1 1 
ATOM   687 C CG2 . VAL B 1 43 ? 4.620   -10.425 -3.473  1.00 39.54 ? 46  VAL A CG2 1 
ATOM   688 O OXT . VAL B 1 43 ? 4.507   -12.920 -7.206  1.00 75.25 ? 46  VAL A OXT 1 
HETATM 689 O O   . HOH C 2 .  ? 11.458  3.144   -8.733  1.00 38.32 ? 101 HOH B O   1 
HETATM 690 O O   . HOH C 2 .  ? 8.592   -8.096  -6.201  1.00 44.31 ? 102 HOH B O   1 
HETATM 691 O O   . HOH C 2 .  ? -7.025  -4.864  9.343   1.00 43.70 ? 103 HOH B O   1 
HETATM 692 O O   . HOH C 2 .  ? -4.325  5.036   -10.602 1.00 46.15 ? 104 HOH B O   1 
HETATM 693 O O   . HOH C 2 .  ? 2.570   -7.788  14.185  1.00 62.63 ? 105 HOH B O   1 
HETATM 694 O O   . HOH C 2 .  ? 0.257   11.158  2.088   1.00 28.82 ? 106 HOH B O   1 
HETATM 695 O O   . HOH C 2 .  ? -3.765  -15.182 -5.883  1.00 49.06 ? 107 HOH B O   1 
HETATM 696 O O   . HOH C 2 .  ? -5.939  5.565   -7.417  1.00 23.98 ? 108 HOH B O   1 
HETATM 697 O O   . HOH C 2 .  ? -10.006 -9.654  -12.722 1.00 40.78 ? 109 HOH B O   1 
HETATM 698 O O   . HOH C 2 .  ? 3.710   -0.430  -14.518 1.00 55.19 ? 110 HOH B O   1 
HETATM 699 O O   . HOH C 2 .  ? 4.754   -1.728  -10.615 1.00 43.15 ? 111 HOH B O   1 
HETATM 700 O O   . HOH C 2 .  ? -9.280  -3.649  -9.593  1.00 45.46 ? 112 HOH B O   1 
HETATM 701 O O   . HOH C 2 .  ? -10.430 -11.124 -2.483  1.00 34.13 ? 113 HOH B O   1 
HETATM 702 O O   . HOH C 2 .  ? 0.461   -14.763 5.293   1.00 44.03 ? 114 HOH B O   1 
HETATM 703 O O   . HOH C 2 .  ? -2.189  -10.093 9.028   1.00 44.13 ? 115 HOH B O   1 
HETATM 704 O O   . HOH C 2 .  ? -0.504  4.690   -9.854  1.00 29.83 ? 116 HOH B O   1 
HETATM 705 O O   . HOH C 2 .  ? -2.939  0.564   16.118  1.00 30.94 ? 117 HOH B O   1 
HETATM 706 O O   . HOH C 2 .  ? 10.817  -4.082  -1.016  1.00 30.14 ? 118 HOH B O   1 
HETATM 707 O O   . HOH C 2 .  ? -4.385  1.202   6.770   1.00 23.14 ? 119 HOH B O   1 
HETATM 708 O O   . HOH C 2 .  ? -1.303  -11.974 5.663   1.00 56.48 ? 120 HOH B O   1 
HETATM 709 O O   . HOH C 2 .  ? 3.550   9.256   9.900   1.00 28.96 ? 121 HOH B O   1 
HETATM 710 O O   . HOH C 2 .  ? -11.924 -7.392  -8.960  1.00 56.47 ? 122 HOH B O   1 
HETATM 711 O O   . HOH C 2 .  ? 5.050   4.811   -14.040 1.00 65.06 ? 123 HOH B O   1 
HETATM 712 O O   . HOH C 2 .  ? -11.116 0.722   -4.588  1.00 26.99 ? 124 HOH B O   1 
HETATM 713 O O   . HOH C 2 .  ? -9.091  9.570   5.898   1.00 40.89 ? 125 HOH B O   1 
HETATM 714 O O   . HOH C 2 .  ? 12.782  0.187   -0.865  1.00 43.68 ? 126 HOH B O   1 
HETATM 715 O O   . HOH C 2 .  ? -1.628  10.056  5.936   1.00 26.86 ? 127 HOH B O   1 
HETATM 716 O O   . HOH C 2 .  ? -3.943  -2.905  14.957  1.00 37.73 ? 128 HOH B O   1 
HETATM 717 O O   . HOH C 2 .  ? -6.651  -7.289  -10.653 1.00 36.16 ? 129 HOH B O   1 
HETATM 718 O O   . HOH C 2 .  ? -1.558  -5.882  15.069  1.00 47.30 ? 130 HOH B O   1 
HETATM 719 O O   . HOH C 2 .  ? -5.548  3.201   -0.418  1.00 28.85 ? 131 HOH B O   1 
HETATM 720 O O   . HOH C 2 .  ? -10.257 -7.624  -5.037  1.00 23.91 ? 132 HOH B O   1 
HETATM 721 O O   . HOH C 2 .  ? 15.581  5.412   2.976   1.00 38.71 ? 133 HOH B O   1 
HETATM 722 O O   . HOH C 2 .  ? -0.304  -13.047 -3.973  1.00 36.27 ? 134 HOH B O   1 
HETATM 723 O O   . HOH C 2 .  ? -0.364  -10.022 5.870   1.00 65.62 ? 135 HOH B O   1 
HETATM 724 O O   . HOH C 2 .  ? -1.708  5.282   12.740  1.00 39.74 ? 136 HOH B O   1 
HETATM 725 O O   . HOH C 2 .  ? -9.800  -6.063  -7.433  1.00 43.02 ? 137 HOH B O   1 
HETATM 726 O O   . HOH C 2 .  ? -5.881  -6.731  -12.979 1.00 51.17 ? 138 HOH B O   1 
HETATM 727 O O   . HOH C 2 .  ? -12.005 -5.008  -7.480  1.00 43.64 ? 139 HOH B O   1 
HETATM 728 O O   . HOH C 2 .  ? -10.895 -4.790  5.404   1.00 16.93 ? 140 HOH B O   1 
HETATM 729 O O   . HOH C 2 .  ? 1.913   4.585   -11.780 1.00 49.53 ? 141 HOH B O   1 
HETATM 730 O O   . HOH C 2 .  ? -4.791  14.437  -0.423  1.00 57.28 ? 142 HOH B O   1 
HETATM 731 O O   . HOH C 2 .  ? -3.664  11.606  2.695   1.00 48.67 ? 143 HOH B O   1 
HETATM 732 O O   . HOH C 2 .  ? -5.568  11.822  0.882   1.00 49.73 ? 144 HOH B O   1 
HETATM 733 O O   . HOH C 2 .  ? 4.358   -5.839  11.528  1.00 31.15 ? 145 HOH B O   1 
HETATM 734 O O   . HOH C 2 .  ? 15.909  7.132   -7.881  1.00 52.49 ? 146 HOH B O   1 
HETATM 735 O O   . HOH C 2 .  ? 0.119   -16.274 6.121   1.00 51.39 ? 147 HOH B O   1 
HETATM 736 O O   . HOH C 2 .  ? -2.321  3.576   15.462  1.00 36.46 ? 148 HOH B O   1 
HETATM 737 O O   . HOH C 2 .  ? -15.451 3.283   -4.832  1.00 32.39 ? 149 HOH B O   1 
HETATM 738 O O   . HOH D 2 .  ? 0.577   -8.050  -13.874 1.00 58.48 ? 101 HOH A O   1 
HETATM 739 O O   . HOH D 2 .  ? 13.417  -6.172  1.318   1.00 34.08 ? 102 HOH A O   1 
HETATM 740 O O   . HOH D 2 .  ? 7.990   -10.839 -6.602  1.00 42.08 ? 103 HOH A O   1 
HETATM 741 O O   . HOH D 2 .  ? -1.183  11.378  -9.920  1.00 52.50 ? 104 HOH A O   1 
HETATM 742 O O   . HOH D 2 .  ? 6.116   -5.784  9.201   1.00 46.61 ? 105 HOH A O   1 
HETATM 743 O O   . HOH D 2 .  ? -6.075  5.786   -3.715  1.00 34.02 ? 106 HOH A O   1 
HETATM 744 O O   . HOH D 2 .  ? 11.305  12.337  0.568   1.00 48.64 ? 107 HOH A O   1 
HETATM 745 O O   . HOH D 2 .  ? 1.688   13.358  -7.160  1.00 35.98 ? 108 HOH A O   1 
HETATM 746 O O   . HOH D 2 .  ? -7.510  10.395  1.206   1.00 43.84 ? 109 HOH A O   1 
HETATM 747 O O   . HOH D 2 .  ? 11.820  10.307  2.946   1.00 47.64 ? 110 HOH A O   1 
HETATM 748 O O   . HOH D 2 .  ? -8.910  9.775   -9.857  1.00 45.02 ? 111 HOH A O   1 
HETATM 749 O O   . HOH D 2 .  ? 5.188   13.082  6.349   1.00 31.47 ? 112 HOH A O   1 
HETATM 750 O O   . HOH D 2 .  ? -6.722  -8.733  2.608   1.00 27.38 ? 113 HOH A O   1 
HETATM 751 O O   . HOH D 2 .  ? 2.776   -4.423  9.689   1.00 25.90 ? 114 HOH A O   1 
HETATM 752 O O   . HOH D 2 .  ? -3.822  12.274  -4.581  1.00 45.03 ? 115 HOH A O   1 
HETATM 753 O O   . HOH D 2 .  ? -4.436  2.840   -4.360  1.00 24.91 ? 116 HOH A O   1 
HETATM 754 O O   . HOH D 2 .  ? 6.449   -6.836  5.329   1.00 32.31 ? 117 HOH A O   1 
HETATM 755 O O   . HOH D 2 .  ? 3.077   -6.154  -10.612 1.00 48.46 ? 118 HOH A O   1 
HETATM 756 O O   . HOH D 2 .  ? -14.878 6.206   -3.037  1.00 32.38 ? 119 HOH A O   1 
HETATM 757 O O   . HOH D 2 .  ? -7.269  3.203   1.827   1.00 24.07 ? 120 HOH A O   1 
HETATM 758 O O   . HOH D 2 .  ? 1.714   -1.775  6.419   1.00 23.57 ? 121 HOH A O   1 
HETATM 759 O O   . HOH D 2 .  ? 8.272   4.181   10.384  1.00 35.78 ? 122 HOH A O   1 
HETATM 760 O O   . HOH D 2 .  ? 1.564   2.902   11.526  1.00 25.73 ? 123 HOH A O   1 
HETATM 761 O O   . HOH D 2 .  ? -16.099 6.952   3.733   1.00 43.40 ? 124 HOH A O   1 
HETATM 762 O O   . HOH D 2 .  ? -12.506 9.039   -2.933  1.00 36.74 ? 125 HOH A O   1 
HETATM 763 O O   . HOH D 2 .  ? 8.923   8.361   11.189  1.00 55.79 ? 126 HOH A O   1 
HETATM 764 O O   . HOH D 2 .  ? -11.348 -2.021  8.809   1.00 37.05 ? 127 HOH A O   1 
HETATM 765 O O   . HOH D 2 .  ? -12.113 -6.033  -3.639  1.00 28.41 ? 128 HOH A O   1 
HETATM 766 O O   . HOH D 2 .  ? -2.077  -0.306  6.053   1.00 27.88 ? 129 HOH A O   1 
HETATM 767 O O   . HOH D 2 .  ? 8.526   -8.817  3.651   1.00 35.11 ? 130 HOH A O   1 
HETATM 768 O O   . HOH D 2 .  ? 5.831   9.331   8.300   1.00 26.91 ? 131 HOH A O   1 
HETATM 769 O O   . HOH D 2 .  ? 9.158   9.702   -2.627  1.00 37.04 ? 132 HOH A O   1 
HETATM 770 O O   . HOH D 2 .  ? 11.387  5.512   7.281   1.00 41.72 ? 133 HOH A O   1 
HETATM 771 O O   . HOH D 2 .  ? -9.984  -5.843  2.536   1.00 26.95 ? 134 HOH A O   1 
HETATM 772 O O   . HOH D 2 .  ? -1.944  -10.286 -13.042 1.00 46.68 ? 135 HOH A O   1 
HETATM 773 O O   . HOH D 2 .  ? 7.391   6.791   9.074   1.00 41.50 ? 136 HOH A O   1 
HETATM 774 O O   . HOH D 2 .  ? -0.185  12.167  -4.771  1.00 57.15 ? 137 HOH A O   1 
HETATM 775 O O   . HOH D 2 .  ? -0.702  10.368  -5.333  1.00 60.04 ? 138 HOH A O   1 
HETATM 776 O O   . HOH D 2 .  ? 13.351  3.995   7.567   1.00 61.91 ? 139 HOH A O   1 
HETATM 777 O O   . HOH D 2 .  ? -10.754 10.810  -5.886  1.00 46.50 ? 140 HOH A O   1 
HETATM 778 O O   . HOH D 2 .  ? 6.568   0.140   18.374  1.00 39.95 ? 141 HOH A O   1 
HETATM 779 O O   . HOH D 2 .  ? 1.386   -2.859  16.355  1.00 44.34 ? 142 HOH A O   1 
HETATM 780 O O   . HOH D 2 .  ? -8.289  -7.054  5.944   1.00 44.11 ? 143 HOH A O   1 
HETATM 781 O O   . HOH D 2 .  ? -6.485  6.703   -9.778  1.00 28.95 ? 144 HOH A O   1 
HETATM 782 O O   . HOH D 2 .  ? 1.476   15.243  -7.708  1.00 41.42 ? 145 HOH A O   1 
HETATM 783 O O   . HOH D 2 .  ? 6.015   -16.141 -9.406  1.00 50.17 ? 146 HOH A O   1 
HETATM 784 O O   . HOH D 2 .  ? -15.653 3.130   -2.449  1.00 37.48 ? 147 HOH A O   1 
# 
loop_
_atom_site_anisotrop.id 
_atom_site_anisotrop.type_symbol 
_atom_site_anisotrop.pdbx_label_atom_id 
_atom_site_anisotrop.pdbx_label_alt_id 
_atom_site_anisotrop.pdbx_label_comp_id 
_atom_site_anisotrop.pdbx_label_asym_id 
_atom_site_anisotrop.pdbx_label_seq_id 
_atom_site_anisotrop.pdbx_PDB_ins_code 
_atom_site_anisotrop.U[1][1] 
_atom_site_anisotrop.U[2][2] 
_atom_site_anisotrop.U[3][3] 
_atom_site_anisotrop.U[1][2] 
_atom_site_anisotrop.U[1][3] 
_atom_site_anisotrop.U[2][3] 
_atom_site_anisotrop.pdbx_auth_seq_id 
_atom_site_anisotrop.pdbx_auth_comp_id 
_atom_site_anisotrop.pdbx_auth_asym_id 
_atom_site_anisotrop.pdbx_auth_atom_id 
1   N N   . LYS A 2  ? 0.6788 0.4738 0.4054 -0.0244 0.1566  -0.0494 5  LYS B N   
2   C CA  . LYS A 2  ? 0.7642 0.5785 0.5293 -0.0171 0.1458  -0.0472 5  LYS B CA  
3   C C   . LYS A 2  ? 0.6991 0.5077 0.4727 -0.0312 0.1225  -0.0421 5  LYS B C   
4   O O   . LYS A 2  ? 0.7387 0.5469 0.5052 -0.0445 0.1173  -0.0364 5  LYS B O   
5   C CB  . LYS A 2  ? 0.7563 0.6256 0.5639 -0.0105 0.1577  -0.0430 5  LYS B CB  
6   C CG  . LYS A 2  ? 0.7651 0.6614 0.5811 -0.0317 0.1631  -0.0366 5  LYS B CG  
7   C CD  . LYS A 2  ? 0.7269 0.6835 0.5903 -0.0325 0.1673  -0.0329 5  LYS B CD  
8   C CE  . LYS A 2  ? 0.7303 0.7244 0.5978 -0.0521 0.1850  -0.0299 5  LYS B CE  
9   N NZ  . LYS A 2  ? 0.7230 0.7901 0.6311 -0.0386 0.2000  -0.0314 5  LYS B NZ  
10  N N   . VAL A 3  ? 0.5565 0.3579 0.3405 -0.0265 0.1098  -0.0440 6  VAL B N   
11  C CA  . VAL A 3  ? 0.5067 0.3086 0.2997 -0.0359 0.0889  -0.0402 6  VAL B CA  
12  C C   . VAL A 3  ? 0.4597 0.2936 0.2927 -0.0342 0.0856  -0.0338 6  VAL B C   
13  O O   . VAL A 3  ? 0.4748 0.3253 0.3313 -0.0234 0.0903  -0.0342 6  VAL B O   
14  C CB  . VAL A 3  ? 0.5143 0.2958 0.2960 -0.0370 0.0786  -0.0459 6  VAL B CB  
15  C CG1 . VAL A 3  ? 0.5030 0.2966 0.2949 -0.0458 0.0583  -0.0423 6  VAL B CG1 
16  C CG2 . VAL A 3  ? 0.6081 0.3544 0.3445 -0.0418 0.0831  -0.0544 6  VAL B CG2 
17  N N   . VAL A 4  ? 0.4082 0.2464 0.2428 -0.0435 0.0775  -0.0278 7  VAL B N   
18  C CA  . VAL A 4  ? 0.4113 0.2729 0.2742 -0.0465 0.0754  -0.0229 7  VAL B CA  
19  C C   . VAL A 4  ? 0.4216 0.2744 0.2838 -0.0474 0.0574  -0.0194 7  VAL B C   
20  O O   . VAL A 4  ? 0.4444 0.2772 0.2802 -0.0478 0.0489  -0.0181 7  VAL B O   
21  C CB  . VAL A 4  ? 0.4264 0.2964 0.2843 -0.0594 0.0880  -0.0195 7  VAL B CB  
22  C CG1 . VAL A 4  ? 0.4500 0.3311 0.3229 -0.0702 0.0822  -0.0151 7  VAL B CG1 
23  C CG2 . VAL A 4  ? 0.4255 0.3253 0.2980 -0.0542 0.1070  -0.0230 7  VAL B CG2 
24  N N   . ALA A 5  ? 0.3851 0.2560 0.2745 -0.0444 0.0516  -0.0181 8  ALA B N   
25  C CA  . ALA A 5  ? 0.3814 0.2479 0.2711 -0.0417 0.0368  -0.0154 8  ALA B CA  
26  C C   . ALA A 5  ? 0.3633 0.2411 0.2700 -0.0458 0.0360  -0.0128 8  ALA B C   
27  O O   . ALA A 5  ? 0.3450 0.2458 0.2726 -0.0495 0.0441  -0.0136 8  ALA B O   
28  C CB  . ALA A 5  ? 0.3549 0.2297 0.2557 -0.0348 0.0282  -0.0181 8  ALA B CB  
29  N N   . ARG A 6  ? 0.3478 0.2105 0.2422 -0.0435 0.0261  -0.0100 9  ARG B N   
30  C CA  . ARG A 6  ? 0.3320 0.1961 0.2328 -0.0489 0.0239  -0.0089 9  ARG B CA  
31  C C   . ARG A 6  ? 0.3496 0.2380 0.2790 -0.0399 0.0173  -0.0102 9  ARG B C   
32  O O   . ARG A 6  ? 0.3457 0.2381 0.2785 -0.0291 0.0108  -0.0105 9  ARG B O   
33  C CB  . ARG A 6  ? 0.3834 0.2089 0.2478 -0.0460 0.0175  -0.0056 9  ARG B CB  
34  C CG  . ARG A 6  ? 0.5287 0.3438 0.3890 -0.0501 0.0136  -0.0059 9  ARG B CG  
35  C CD  . ARG A 6  ? 0.6123 0.3722 0.4213 -0.0463 0.0107  -0.0028 9  ARG B CD  
36  N NE  . ARG A 6  ? 0.6788 0.4284 0.4705 -0.0197 0.0021  0.0000  9  ARG B NE  
37  C CZ  . ARG A 6  ? 0.7216 0.4789 0.5166 0.0012  -0.0065 -0.0002 9  ARG B CZ  
38  N NH1 . ARG A 6  ? 0.7396 0.4998 0.5211 0.0259  -0.0140 0.0025  9  ARG B NH1 
39  N NH2 . ARG A 6  ? 0.7235 0.4910 0.5350 -0.0016 -0.0077 -0.0032 9  ARG B NH2 
40  N N   . VAL A 7  ? 0.2988 0.2064 0.2470 -0.0463 0.0191  -0.0109 10 VAL B N   
41  C CA  . VAL A 7  ? 0.2943 0.2224 0.2650 -0.0377 0.0134  -0.0112 10 VAL B CA  
42  C C   . VAL A 7  ? 0.2713 0.1836 0.2292 -0.0335 0.0042  -0.0107 10 VAL B C   
43  O O   . VAL A 7  ? 0.3121 0.2045 0.2507 -0.0423 0.0029  -0.0110 10 VAL B O   
44  C CB  . VAL A 7  ? 0.2674 0.2282 0.2618 -0.0430 0.0172  -0.0117 10 VAL B CB  
45  C CG1 . VAL A 7  ? 0.2765 0.2529 0.2869 -0.0325 0.0102  -0.0109 10 VAL B CG1 
46  C CG2 . VAL A 7  ? 0.2915 0.2707 0.2970 -0.0394 0.0280  -0.0123 10 VAL B CG2 
47  N N   . ALA A 8  ? 0.3032 0.2227 0.2681 -0.0213 -0.0010 -0.0102 11 ALA B N   
48  C CA  . ALA A 8  ? 0.3122 0.2263 0.2694 -0.0132 -0.0078 -0.0100 11 ALA B CA  
49  C C   . ALA A 8  ? 0.2766 0.2129 0.2547 -0.0103 -0.0094 -0.0096 11 ALA B C   
50  O O   . ALA A 8  ? 0.2733 0.2233 0.2670 -0.0104 -0.0059 -0.0087 11 ALA B O   
51  C CB  . ALA A 8  ? 0.3166 0.2275 0.2611 -0.0002 -0.0119 -0.0092 11 ALA B CB  
52  N N   . GLU A 9  ? 0.2748 0.2073 0.2460 -0.0061 -0.0140 -0.0102 12 GLU B N   
53  C CA  . GLU A 9  ? 0.2679 0.2177 0.2528 -0.0033 -0.0158 -0.0091 12 GLU B CA  
54  C C   . GLU A 9  ? 0.2678 0.2305 0.2613 0.0024  -0.0139 -0.0069 12 GLU B C   
55  O O   . GLU A 9  ? 0.3018 0.2677 0.2902 0.0064  -0.0143 -0.0072 12 GLU B O   
56  C CB  . GLU A 9  ? 0.2930 0.2312 0.2610 0.0002  -0.0205 -0.0111 12 GLU B CB  
57  C CG  . GLU A 9  ? 0.2991 0.2526 0.2753 0.0026  -0.0231 -0.0100 12 GLU B CG  
58  C CD  . GLU A 9  ? 0.2970 0.2681 0.2892 -0.0048 -0.0245 -0.0088 12 GLU B CD  
59  O OE1 . GLU A 9  ? 0.2950 0.2794 0.3020 -0.0001 -0.0214 -0.0050 12 GLU B OE1 
60  O OE2 . GLU A 9  ? 0.3590 0.3309 0.3455 -0.0154 -0.0288 -0.0120 12 GLU B OE2 
61  N N   . ALA A 10 ? 0.2527 0.2234 0.2560 0.0021  -0.0121 -0.0043 13 ALA B N   
62  C CA  . ALA A 10 ? 0.2812 0.2552 0.2845 0.0012  -0.0088 -0.0021 13 ALA B CA  
63  C C   . ALA A 10 ? 0.2551 0.2404 0.2545 0.0045  -0.0103 -0.0015 13 ALA B C   
64  O O   . ALA A 10 ? 0.2778 0.2627 0.2729 0.0103  -0.0135 -0.0017 13 ALA B O   
65  C CB  . ALA A 10 ? 0.2718 0.2382 0.2751 0.0028  -0.0053 0.0017  13 ALA B CB  
66  N N   A TYR A 11 ? 0.2687 0.2674 0.2685 -0.0009 -0.0075 -0.0014 14 TYR B N   
67  N N   B TYR A 11 ? 0.2687 0.2674 0.2685 -0.0009 -0.0075 -0.0014 14 TYR B N   
68  C CA  A TYR A 11 ? 0.2699 0.2907 0.2689 0.0013  -0.0062 -0.0005 14 TYR B CA  
69  C CA  B TYR A 11 ? 0.2699 0.2907 0.2689 0.0013  -0.0062 -0.0005 14 TYR B CA  
70  C C   A TYR A 11 ? 0.2669 0.2769 0.2597 -0.0022 -0.0028 0.0040  14 TYR B C   
71  C C   B TYR A 11 ? 0.2669 0.2769 0.2597 -0.0022 -0.0028 0.0040  14 TYR B C   
72  O O   A TYR A 11 ? 0.2847 0.2744 0.2723 -0.0087 0.0000  0.0068  14 TYR B O   
73  O O   B TYR A 11 ? 0.2847 0.2744 0.2723 -0.0087 0.0000  0.0068  14 TYR B O   
74  C CB  A TYR A 11 ? 0.2747 0.3245 0.2787 -0.0081 -0.0041 -0.0017 14 TYR B CB  
75  C CB  B TYR A 11 ? 0.2747 0.3245 0.2787 -0.0081 -0.0041 -0.0017 14 TYR B CB  
76  C CG  A TYR A 11 ? 0.3346 0.3975 0.3409 0.0011  -0.0093 -0.0049 14 TYR B CG  
77  C CG  B TYR A 11 ? 0.3346 0.3975 0.3409 0.0011  -0.0093 -0.0049 14 TYR B CG  
78  C CD1 A TYR A 11 ? 0.5598 0.6213 0.5665 -0.0093 -0.0107 -0.0067 14 TYR B CD1 
79  C CD1 B TYR A 11 ? 0.5598 0.6213 0.5665 -0.0093 -0.0107 -0.0067 14 TYR B CD1 
80  C CD2 A TYR A 11 ? 0.3364 0.4038 0.3370 0.0222  -0.0128 -0.0059 14 TYR B CD2 
81  C CD2 B TYR A 11 ? 0.3364 0.4038 0.3370 0.0222  -0.0128 -0.0059 14 TYR B CD2 
82  C CE1 A TYR A 11 ? 0.6489 0.7197 0.6527 0.0011  -0.0163 -0.0085 14 TYR B CE1 
83  C CE1 B TYR A 11 ? 0.6489 0.7197 0.6527 0.0011  -0.0163 -0.0085 14 TYR B CE1 
84  C CE2 A TYR A 11 ? 0.3835 0.4548 0.3777 0.0349  -0.0176 -0.0073 14 TYR B CE2 
85  C CE2 B TYR A 11 ? 0.3835 0.4548 0.3777 0.0349  -0.0176 -0.0073 14 TYR B CE2 
86  C CZ  A TYR A 11 ? 0.6446 0.7194 0.6415 0.0244  -0.0199 -0.0081 14 TYR B CZ  
87  C CZ  B TYR A 11 ? 0.6446 0.7194 0.6415 0.0244  -0.0199 -0.0081 14 TYR B CZ  
88  O OH  A TYR A 11 ? 0.7505 0.8270 0.7367 0.0384  -0.0253 -0.0085 14 TYR B OH  
89  O OH  B TYR A 11 ? 0.7505 0.8270 0.7367 0.0384  -0.0253 -0.0085 14 TYR B OH  
90  N N   . ALA A 12 ? 0.2957 0.3426 0.2820 0.0506  0.0150  0.0380  15 ALA B N   
91  C CA  . ALA A 12 ? 0.2987 0.3473 0.2872 0.0467  0.0137  0.0409  15 ALA B CA  
92  C C   . ALA A 12 ? 0.2675 0.3228 0.2618 0.0331  0.0117  0.0481  15 ALA B C   
93  O O   . ALA A 12 ? 0.2819 0.3235 0.2778 0.0273  0.0086  0.0493  15 ALA B O   
94  C CB  . ALA A 12 ? 0.3278 0.3937 0.3086 0.0569  0.0144  0.0413  15 ALA B CB  
95  N N   . GLU A 13 ? 0.2774 0.3525 0.2736 0.0278  0.0122  0.0530  16 GLU B N   
96  C CA  . GLU A 13 ? 0.3099 0.3892 0.3079 0.0119  0.0087  0.0612  16 GLU B CA  
97  C C   . GLU A 13 ? 0.3333 0.3844 0.3326 0.0046  0.0047  0.0591  16 GLU B C   
98  O O   . GLU A 13 ? 0.3487 0.3911 0.3451 -0.0069 -0.0006 0.0645  16 GLU B O   
99  C CB  . GLU A 13 ? 0.4174 0.5285 0.4175 0.0059  0.0095  0.0672  16 GLU B CB  
100 C CG  . GLU A 13 ? 0.7928 0.9163 0.7918 -0.0123 0.0059  0.0781  16 GLU B CG  
101 C CD  . GLU A 13 ? 0.9924 1.1452 0.9951 -0.0242 0.0048  0.0848  16 GLU B CD  
102 O OE1 . GLU A 13 ? 1.0501 1.2376 1.0577 -0.0153 0.0092  0.0837  16 GLU B OE1 
103 O OE2 . GLU A 13 ? 1.0536 1.1955 1.0534 -0.0423 -0.0014 0.0912  16 GLU B OE2 
104 N N   . ASP A 14 ? 0.2736 0.3081 0.2745 0.0118  0.0065  0.0511  17 ASP B N   
105 C CA  . ASP A 14 ? 0.2721 0.2832 0.2738 0.0078  0.0037  0.0476  17 ASP B CA  
106 C C   . ASP A 14 ? 0.2960 0.2898 0.2999 0.0125  0.0027  0.0425  17 ASP B C   
107 O O   . ASP A 14 ? 0.3116 0.2884 0.3158 0.0112  -0.0003 0.0391  17 ASP B O   
108 C CB  . ASP A 14 ? 0.2853 0.2926 0.2869 0.0117  0.0071  0.0423  17 ASP B CB  
109 C CG  . ASP A 14 ? 0.2958 0.3188 0.2956 0.0072  0.0064  0.0464  17 ASP B CG  
110 O OD1 . ASP A 14 ? 0.3848 0.4141 0.3839 -0.0038 0.0017  0.0529  17 ASP B OD1 
111 O OD2 . ASP A 14 ? 0.3324 0.3612 0.3305 0.0141  0.0094  0.0434  17 ASP B OD2 
112 N N   . VAL A 15 ? 0.2880 0.2867 0.2925 0.0187  0.0043  0.0415  18 VAL B N   
113 C CA  . VAL A 15 ? 0.2702 0.2562 0.2787 0.0233  0.0031  0.0359  18 VAL B CA  
114 C C   . VAL A 15 ? 0.2901 0.2644 0.2975 0.0197  -0.0039 0.0382  18 VAL B C   
115 O O   . VAL A 15 ? 0.3292 0.3062 0.3304 0.0141  -0.0077 0.0456  18 VAL B O   
116 C CB  . VAL A 15 ? 0.2906 0.2827 0.2975 0.0300  0.0048  0.0345  18 VAL B CB  
117 C CG1 . VAL A 15 ? 0.3393 0.3215 0.3513 0.0328  0.0021  0.0295  18 VAL B CG1 
118 C CG2 . VAL A 15 ? 0.2915 0.2869 0.2949 0.0349  0.0097  0.0313  18 VAL B CG2 
119 N N   . GLY A 16 ? 0.2955 0.2569 0.3076 0.0231  -0.0059 0.0317  19 GLY B N   
120 C CA  . GLY A 16 ? 0.3043 0.2509 0.3136 0.0235  -0.0143 0.0320  19 GLY B CA  
121 C C   . GLY A 16 ? 0.3685 0.2990 0.3690 0.0180  -0.0203 0.0343  19 GLY B C   
122 O O   . GLY A 16 ? 0.4370 0.3490 0.4303 0.0188  -0.0294 0.0348  19 GLY B O   
123 N N   . LYS A 17 ? 0.3485 0.2828 0.3472 0.0127  -0.0169 0.0355  20 LYS B N   
124 C CA  . LYS A 17 ? 0.3523 0.2703 0.3402 0.0052  -0.0237 0.0385  20 LYS B CA  
125 C C   . LYS A 17 ? 0.3750 0.2812 0.3629 0.0114  -0.0233 0.0293  20 LYS B C   
126 O O   . LYS A 17 ? 0.3786 0.2688 0.3555 0.0060  -0.0292 0.0303  20 LYS B O   
127 C CB  . LYS A 17 ? 0.3622 0.2951 0.3470 -0.0064 -0.0218 0.0469  20 LYS B CB  
128 C CG  . LYS A 17 ? 0.4208 0.3702 0.4040 -0.0128 -0.0215 0.0563  20 LYS B CG  
129 C CD  . LYS A 17 ? 0.4306 0.4015 0.4128 -0.0236 -0.0195 0.0638  20 LYS B CD  
130 C CE  . LYS A 17 ? 0.5128 0.5023 0.4914 -0.0326 -0.0202 0.0742  20 LYS B CE  
131 N NZ  . LYS A 17 ? 0.5497 0.5688 0.5307 -0.0422 -0.0175 0.0808  20 LYS B NZ  
132 N N   . ARG A 18 ? 0.3432 0.2572 0.3418 0.0217  -0.0167 0.0205  21 ARG B N   
133 C CA  . ARG A 18 ? 0.3076 0.2162 0.3065 0.0281  -0.0143 0.0113  21 ARG B CA  
134 C C   . ARG A 18 ? 0.3219 0.2307 0.3146 0.0215  -0.0114 0.0132  21 ARG B C   
135 O O   . ARG A 18 ? 0.3536 0.2469 0.3367 0.0220  -0.0155 0.0096  21 ARG B O   
136 C CB  . ARG A 18 ? 0.4221 0.3089 0.4135 0.0360  -0.0239 0.0055  21 ARG B CB  
137 C CG  . ARG A 18 ? 0.4586 0.3495 0.4554 0.0483  -0.0195 -0.0066 21 ARG B CG  
138 C CD  . ARG A 18 ? 0.4908 0.3644 0.4820 0.0613  -0.0297 -0.0139 21 ARG B CD  
139 N NE  . ARG A 18 ? 0.5968 0.4366 0.5661 0.0583  -0.0425 -0.0111 21 ARG B NE  
140 C CZ  . ARG A 18 ? 0.6150 0.4363 0.5709 0.0646  -0.0469 -0.0183 21 ARG B CZ  
141 N NH1 . ARG A 18 ? 0.6816 0.4677 0.6146 0.0595  -0.0605 -0.0146 21 ARG B NH1 
142 N NH2 . ARG A 18 ? 0.5133 0.3503 0.4766 0.0752  -0.0380 -0.0289 21 ARG B NH2 
143 N N   . VAL A 19 ? 0.3205 0.2458 0.3166 0.0161  -0.0056 0.0186  22 VAL B N   
144 C CA  . VAL A 19 ? 0.3447 0.2733 0.3355 0.0108  -0.0035 0.0205  22 VAL B CA  
145 C C   . VAL A 19 ? 0.2996 0.2402 0.2955 0.0152  0.0062  0.0167  22 VAL B C   
146 O O   . VAL A 19 ? 0.3259 0.2754 0.3287 0.0189  0.0108  0.0159  22 VAL B O   
147 C CB  . VAL A 19 ? 0.4088 0.3471 0.3964 0.0006  -0.0071 0.0305  22 VAL B CB  
148 C CG1 . VAL A 19 ? 0.5043 0.4633 0.4993 0.0027  -0.0019 0.0343  22 VAL B CG1 
149 C CG2 . VAL A 19 ? 0.4339 0.3578 0.4137 -0.0076 -0.0174 0.0359  22 VAL B CG2 
150 N N   . VAL A 20 ? 0.2963 0.2338 0.2858 0.0142  0.0081  0.0145  23 VAL B N   
151 C CA  . VAL A 20 ? 0.3115 0.2558 0.3000 0.0164  0.0160  0.0125  23 VAL B CA  
152 C C   . VAL A 20 ? 0.2891 0.2363 0.2699 0.0124  0.0141  0.0166  23 VAL B C   
153 O O   . VAL A 20 ? 0.3218 0.2614 0.2964 0.0083  0.0089  0.0169  23 VAL B O   
154 C CB  . VAL A 20 ? 0.3119 0.2520 0.2994 0.0202  0.0219  0.0045  23 VAL B CB  
155 C CG1 . VAL A 20 ? 0.4082 0.3540 0.4064 0.0243  0.0248  0.0004  23 VAL B CG1 
156 C CG2 . VAL A 20 ? 0.3104 0.2383 0.2888 0.0209  0.0189  0.0000  23 VAL B CG2 
157 N N   . ARG A 21 ? 0.2535 0.2103 0.2337 0.0145  0.0172  0.0193  24 ARG B N   
158 C CA  . ARG A 21 ? 0.2829 0.2464 0.2566 0.0133  0.0148  0.0228  24 ARG B CA  
159 C C   . ARG A 21 ? 0.2818 0.2355 0.2450 0.0153  0.0183  0.0189  24 ARG B C   
160 O O   . ARG A 21 ? 0.2781 0.2270 0.2377 0.0186  0.0236  0.0168  24 ARG B O   
161 C CB  . ARG A 21 ? 0.2687 0.2481 0.2448 0.0178  0.0148  0.0269  24 ARG B CB  
162 C CG  . ARG A 21 ? 0.3016 0.2939 0.2864 0.0154  0.0122  0.0315  24 ARG B CG  
163 C CD  . ARG A 21 ? 0.3003 0.3123 0.2864 0.0106  0.0076  0.0375  24 ARG B CD  
164 N NE  . ARG A 21 ? 0.3228 0.3483 0.3152 0.0053  0.0052  0.0432  24 ARG B NE  
165 C CZ  . ARG A 21 ? 0.2911 0.3329 0.2855 -0.0050 0.0003  0.0498  24 ARG B CZ  
166 N NH1 . ARG A 21 ? 0.2844 0.3311 0.2762 -0.0103 -0.0033 0.0509  24 ARG B NH1 
167 N NH2 . ARG A 21 ? 0.3343 0.3876 0.3321 -0.0114 -0.0012 0.0559  24 ARG B NH2 
168 N N   . VAL A 22 ? 0.2929 0.2419 0.2488 0.0119  0.0148  0.0185  25 VAL B N   
169 C CA  . VAL A 22 ? 0.2963 0.2338 0.2396 0.0128  0.0176  0.0146  25 VAL B CA  
170 C C   . VAL A 22 ? 0.3214 0.2632 0.2571 0.0114  0.0115  0.0177  25 VAL B C   
171 O O   . VAL A 22 ? 0.3253 0.2736 0.2646 0.0058  0.0045  0.0205  25 VAL B O   
172 C CB  . VAL A 22 ? 0.3416 0.2666 0.2817 0.0115  0.0185  0.0085  25 VAL B CB  
173 C CG1 . VAL A 22 ? 0.3613 0.2774 0.2872 0.0127  0.0232  0.0045  25 VAL B CG1 
174 C CG2 . VAL A 22 ? 0.3315 0.2572 0.2820 0.0139  0.0224  0.0052  25 VAL B CG2 
175 N N   . ASP A 23 ? 0.2911 0.2293 0.2153 0.0155  0.0131  0.0176  26 ASP B N   
176 C CA  . ASP A 23 ? 0.3308 0.2763 0.2487 0.0161  0.0062  0.0204  26 ASP B CA  
177 C C   . ASP A 23 ? 0.3313 0.2649 0.2381 0.0112  0.0029  0.0175  26 ASP B C   
178 O O   . ASP A 23 ? 0.3248 0.2442 0.2273 0.0092  0.0065  0.0127  26 ASP B O   
179 C CB  . ASP A 23 ? 0.3304 0.2761 0.2387 0.0249  0.0064  0.0218  26 ASP B CB  
180 C CG  . ASP A 23 ? 0.3431 0.2664 0.2318 0.0260  0.0102  0.0193  26 ASP B CG  
181 O OD1 . ASP A 23 ? 0.3666 0.2786 0.2490 0.0207  0.0133  0.0160  26 ASP B OD1 
182 O OD2 . ASP A 23 ? 0.3710 0.2870 0.2484 0.0327  0.0097  0.0206  26 ASP B OD2 
183 N N   . LYS A 24 ? 0.3104 0.2520 0.2121 0.0106  -0.0048 0.0199  27 LYS B N   
184 C CA  . LYS A 24 ? 0.3462 0.2764 0.2364 0.0052  -0.0102 0.0174  27 LYS B CA  
185 C C   . LYS A 24 ? 0.3634 0.2720 0.2348 0.0085  -0.0045 0.0123  27 LYS B C   
186 O O   . LYS A 24 ? 0.4000 0.2947 0.2609 0.0053  -0.0061 0.0079  27 LYS B O   
187 C CB  . LYS A 24 ? 0.3682 0.3147 0.2577 0.0035  -0.0203 0.0212  27 LYS B CB  
188 C CG  . LYS A 24 ? 0.3559 0.3089 0.2384 0.0142  -0.0204 0.0225  27 LYS B CG  
189 C CD  . LYS A 24 ? 0.3949 0.3686 0.2784 0.0137  -0.0314 0.0253  27 LYS B CD  
190 C CE  . LYS A 24 ? 0.4740 0.4520 0.3481 0.0277  -0.0335 0.0258  27 LYS B CE  
191 N NZ  . LYS A 24 ? 0.4689 0.4684 0.3433 0.0283  -0.0450 0.0274  27 LYS B NZ  
192 N N   . TYR A 25 ? 0.3588 0.2631 0.2235 0.0144  0.0019  0.0129  28 TYR B N   
193 C CA  . TYR A 25 ? 0.3933 0.2791 0.2385 0.0151  0.0081  0.0096  28 TYR B CA  
194 C C   . TYR A 25 ? 0.3672 0.2480 0.2164 0.0127  0.0174  0.0047  28 TYR B C   
195 O O   . TYR A 25 ? 0.4148 0.2857 0.2527 0.0117  0.0198  -0.0006 28 TYR B O   
196 C CB  . TYR A 25 ? 0.4121 0.2913 0.2454 0.0199  0.0102  0.0131  28 TYR B CB  
197 C CG  . TYR A 25 ? 0.4585 0.3445 0.2874 0.0263  0.0000  0.0167  28 TYR B CG  
198 C CD1 . TYR A 25 ? 0.4992 0.3795 0.3126 0.0269  -0.0069 0.0163  28 TYR B CD1 
199 C CD2 . TYR A 25 ? 0.4486 0.3485 0.2885 0.0331  -0.0031 0.0199  28 TYR B CD2 
200 C CE1 . TYR A 25 ? 0.5126 0.4034 0.3235 0.0341  -0.0171 0.0191  28 TYR B CE1 
201 C CE2 . TYR A 25 ? 0.4111 0.3223 0.2479 0.0417  -0.0125 0.0220  28 TYR B CE2 
202 C CZ  . TYR A 25 ? 0.4488 0.3565 0.2720 0.0421  -0.0197 0.0217  28 TYR B CZ  
203 O OH  . TYR A 25 ? 0.5163 0.4393 0.3377 0.0521  -0.0299 0.0233  28 TYR B OH  
204 N N   . GLU A 26 ? 0.3830 0.2715 0.2476 0.0131  0.0224  0.0054  29 GLU B N   
205 C CA  . GLU A 26 ? 0.3799 0.2685 0.2511 0.0123  0.0303  0.0001  29 GLU B CA  
206 C C   . GLU A 26 ? 0.3803 0.2665 0.2554 0.0124  0.0252  -0.0046 29 GLU B C   
207 O O   . GLU A 26 ? 0.3872 0.2684 0.2574 0.0147  0.0296  -0.0115 29 GLU B O   
208 C CB  . GLU A 26 ? 0.3872 0.2852 0.2745 0.0125  0.0345  0.0020  29 GLU B CB  
209 C CG  . GLU A 26 ? 0.3874 0.2819 0.2669 0.0102  0.0424  0.0035  29 GLU B CG  
210 C CD  . GLU A 26 ? 0.4051 0.2891 0.2678 0.0111  0.0384  0.0088  29 GLU B CD  
211 O OE1 . GLU A 26 ? 0.4062 0.2940 0.2741 0.0155  0.0317  0.0124  29 GLU B OE1 
212 O OE2 . GLU A 26 ? 0.4538 0.3260 0.2967 0.0082  0.0416  0.0091  29 GLU B OE2 
213 N N   . ARG A 27 ? 0.3384 0.2278 0.2205 0.0100  0.0152  -0.0010 30 ARG B N   
214 C CA  . ARG A 27 ? 0.3659 0.2465 0.2473 0.0081  0.0080  -0.0046 30 ARG B CA  
215 C C   . ARG A 27 ? 0.3796 0.2444 0.2405 0.0086  0.0051  -0.0101 30 ARG B C   
216 O O   . ARG A 27 ? 0.4103 0.2621 0.2641 0.0119  0.0040  -0.0174 30 ARG B O   
217 C CB  . ARG A 27 ? 0.3774 0.2654 0.2673 0.0013  -0.0026 0.0022  30 ARG B CB  
218 C CG  . ARG A 27 ? 0.3302 0.2307 0.2384 0.0007  -0.0014 0.0064  30 ARG B CG  
219 C CD  . ARG A 27 ? 0.3329 0.2371 0.2460 -0.0086 -0.0122 0.0120  30 ARG B CD  
220 N NE  . ARG A 27 ? 0.3452 0.2610 0.2556 -0.0148 -0.0193 0.0170  30 ARG B NE  
221 C CZ  . ARG A 27 ? 0.3341 0.2751 0.2548 -0.0147 -0.0191 0.0232  30 ARG B CZ  
222 N NH1 . ARG A 27 ? 0.3209 0.2742 0.2527 -0.0087 -0.0123 0.0250  30 ARG B NH1 
223 N NH2 . ARG A 27 ? 0.3566 0.3116 0.2756 -0.0195 -0.0265 0.0270  30 ARG B NH2 
224 N N   . ALA A 28 ? 0.4090 0.2734 0.2583 0.0071  0.0031  -0.0073 31 ALA B N   
225 C CA  . ALA A 28 ? 0.4585 0.3074 0.2861 0.0076  -0.0002 -0.0125 31 ALA B CA  
226 C C   . ALA A 28 ? 0.4738 0.3165 0.2902 0.0137  0.0114  -0.0200 31 ALA B C   
227 O O   . ALA A 28 ? 0.4965 0.3260 0.2991 0.0172  0.0099  -0.0279 31 ALA B O   
228 C CB  . ALA A 28 ? 0.4780 0.3293 0.2954 0.0057  -0.0049 -0.0075 31 ALA B CB  
229 N N   . LYS A 29 ? 0.4665 0.3194 0.2879 0.0147  0.0227  -0.0177 32 LYS B N   
230 C CA  . LYS A 29 ? 0.4744 0.3286 0.2873 0.0178  0.0351  -0.0236 32 LYS B CA  
231 C C   . LYS A 29 ? 0.4358 0.2942 0.2589 0.0240  0.0381  -0.0317 32 LYS B C   
232 O O   . LYS A 29 ? 0.4785 0.3350 0.2901 0.0300  0.0431  -0.0404 32 LYS B O   
233 C CB  . LYS A 29 ? 0.4471 0.3107 0.2634 0.0140  0.0446  -0.0178 32 LYS B CB  
234 C CG  . LYS A 29 ? 0.4852 0.3401 0.2866 0.0107  0.0406  -0.0106 32 LYS B CG  
235 C CD  . LYS A 29 ? 0.5255 0.3828 0.3276 0.0067  0.0471  -0.0045 32 LYS B CD  
236 C CE  . LYS A 29 ? 0.6642 0.5071 0.4454 0.0058  0.0419  0.0018  32 LYS B CE  
237 N NZ  . LYS A 29 ? 0.6879 0.5250 0.4614 0.0007  0.0474  0.0073  32 LYS B NZ  
238 N N   . VAL A 30 ? 0.4299 0.2950 0.2736 0.0240  0.0348  -0.0295 33 VAL B N   
239 C CA  . VAL A 30 ? 0.4270 0.2944 0.2803 0.0313  0.0355  -0.0369 33 VAL B CA  
240 C C   . VAL A 30 ? 0.4327 0.2788 0.2718 0.0362  0.0242  -0.0436 33 VAL B C   
241 O O   . VAL A 30 ? 0.4713 0.3132 0.3053 0.0465  0.0254  -0.0537 33 VAL B O   
242 C CB  . VAL A 30 ? 0.4231 0.3001 0.2993 0.0294  0.0334  -0.0317 33 VAL B CB  
243 C CG1 . VAL A 30 ? 0.5005 0.3758 0.3842 0.0380  0.0310  -0.0391 33 VAL B CG1 
244 C CG2 . VAL A 30 ? 0.5029 0.3972 0.3898 0.0255  0.0437  -0.0268 33 VAL B CG2 
245 N N   . GLY A 31 ? 0.4561 0.3473 0.2892 0.0227  0.0746  -0.0310 34 GLY B N   
246 C CA  . GLY A 31 ? 0.4579 0.3375 0.2743 0.0228  0.0688  -0.0449 34 GLY B CA  
247 C C   . GLY A 31 ? 0.4562 0.3389 0.3029 0.0240  0.0573  -0.0495 34 GLY B C   
248 O O   . GLY A 31 ? 0.4959 0.3693 0.3449 0.0265  0.0605  -0.0617 34 GLY B O   
249 N N   . VAL A 32 ? 0.3951 0.2886 0.2639 0.0221  0.0449  -0.0399 35 VAL B N   
250 C CA  . VAL A 32 ? 0.3877 0.2853 0.2839 0.0221  0.0350  -0.0417 35 VAL B CA  
251 C C   . VAL A 32 ? 0.3863 0.2880 0.2811 0.0174  0.0173  -0.0360 35 VAL B C   
252 O O   . VAL A 32 ? 0.3959 0.3004 0.2775 0.0159  0.0130  -0.0283 35 VAL B O   
253 C CB  . VAL A 32 ? 0.3855 0.2955 0.3167 0.0244  0.0407  -0.0365 35 VAL B CB  
254 C CG1 . VAL A 32 ? 0.4031 0.3127 0.3449 0.0298  0.0575  -0.0421 35 VAL B CG1 
255 C CG2 . VAL A 32 ? 0.3777 0.2969 0.3142 0.0219  0.0414  -0.0254 35 VAL B CG2 
256 N N   . LYS A 33 ? 0.3971 0.2996 0.3079 0.0156  0.0077  -0.0386 36 LYS B N   
257 C CA  . LYS A 33 ? 0.3519 0.2619 0.2697 0.0113  -0.0067 -0.0331 36 LYS B CA  
258 C C   . LYS A 33 ? 0.3380 0.2579 0.2839 0.0113  -0.0071 -0.0280 36 LYS B C   
259 O O   . LYS A 33 ? 0.3463 0.2667 0.3067 0.0138  -0.0002 -0.0293 36 LYS B O   
260 C CB  . LYS A 33 ? 0.3483 0.2503 0.2584 0.0063  -0.0179 -0.0402 36 LYS B CB  
261 C CG  . LYS A 33 ? 0.4032 0.2928 0.2807 0.0039  -0.0195 -0.0480 36 LYS B CG  
262 C CD  . LYS A 33 ? 0.4855 0.3834 0.3472 0.0018  -0.0277 -0.0395 36 LYS B CD  
263 C CE  . LYS A 33 ? 0.5591 0.4447 0.3821 -0.0012 -0.0284 -0.0459 36 LYS B CE  
264 N NZ  . LYS A 33 ? 0.6908 0.5853 0.4987 -0.0022 -0.0367 -0.0340 36 LYS B NZ  
265 N N   . VAL A 34 ? 0.3299 0.2588 0.2839 0.0084  -0.0154 -0.0220 37 VAL B N   
266 C CA  . VAL A 34 ? 0.3123 0.2490 0.2870 0.0064  -0.0168 -0.0186 37 VAL B CA  
267 C C   . VAL A 34 ? 0.3003 0.2315 0.2831 0.0048  -0.0199 -0.0227 37 VAL B C   
268 O O   . VAL A 34 ? 0.3295 0.2529 0.3055 0.0024  -0.0258 -0.0273 37 VAL B O   
269 C CB  . VAL A 34 ? 0.3139 0.2600 0.2937 0.0037  -0.0235 -0.0133 37 VAL B CB  
270 C CG1 . VAL A 34 ? 0.3264 0.2788 0.3216 -0.0001 -0.0248 -0.0112 37 VAL B CG1 
271 C CG2 . VAL A 34 ? 0.3321 0.2816 0.3090 0.0073  -0.0190 -0.0081 37 VAL B CG2 
272 N N   . GLY A 35 ? 0.2763 0.2107 0.2743 0.0055  -0.0167 -0.0205 38 GLY B N   
273 C CA  . GLY A 35 ? 0.2758 0.2048 0.2848 0.0054  -0.0198 -0.0214 38 GLY B CA  
274 C C   . GLY A 35 ? 0.3120 0.2338 0.3254 0.0120  -0.0116 -0.0262 38 GLY B C   
275 O O   . GLY A 35 ? 0.3395 0.2591 0.3693 0.0141  -0.0128 -0.0245 38 GLY B O   
276 N N   . ASP A 36 ? 0.2932 0.2114 0.2933 0.0158  -0.0028 -0.0313 39 ASP B N   
277 C CA  . ASP A 36 ? 0.2929 0.2081 0.2995 0.0226  0.0092  -0.0353 39 ASP B CA  
278 C C   . ASP A 36 ? 0.2868 0.2177 0.3152 0.0234  0.0131  -0.0280 39 ASP B C   
279 O O   . ASP A 36 ? 0.3167 0.2572 0.3484 0.0181  0.0077  -0.0216 39 ASP B O   
280 C CB  . ASP A 36 ? 0.3189 0.2271 0.3013 0.0248  0.0189  -0.0417 39 ASP B CB  
281 C CG  . ASP A 36 ? 0.4105 0.3008 0.3708 0.0240  0.0165  -0.0520 39 ASP B CG  
282 O OD1 . ASP A 36 ? 0.4730 0.3529 0.4428 0.0255  0.0140  -0.0570 39 ASP B OD1 
283 O OD2 . ASP A 36 ? 0.4285 0.3144 0.3616 0.0214  0.0162  -0.0549 39 ASP B OD2 
284 N N   . TYR A 37 ? 0.2897 0.2230 0.3335 0.0296  0.0235  -0.0296 40 TYR B N   
285 C CA  . TYR A 37 ? 0.3172 0.2675 0.3856 0.0295  0.0269  -0.0227 40 TYR B CA  
286 C C   . TYR A 37 ? 0.3239 0.2779 0.3879 0.0315  0.0424  -0.0244 40 TYR B C   
287 O O   . TYR A 37 ? 0.3442 0.2876 0.3915 0.0360  0.0532  -0.0318 40 TYR B O   
288 C CB  . TYR A 37 ? 0.3024 0.2578 0.4014 0.0353  0.0255  -0.0199 40 TYR B CB  
289 C CG  . TYR A 37 ? 0.2810 0.2343 0.3847 0.0315  0.0095  -0.0144 40 TYR B CG  
290 C CD1 . TYR A 37 ? 0.2680 0.2359 0.3851 0.0251  -0.0011 -0.0047 40 TYR B CD1 
291 C CD2 . TYR A 37 ? 0.3316 0.2673 0.4235 0.0325  0.0048  -0.0189 40 TYR B CD2 
292 C CE1 . TYR A 37 ? 0.2819 0.2476 0.3986 0.0206  -0.0147 0.0014  40 TYR B CE1 
293 C CE2 . TYR A 37 ? 0.3400 0.2736 0.4353 0.0278  -0.0088 -0.0122 40 TYR B CE2 
294 C CZ  . TYR A 37 ? 0.3383 0.2873 0.4452 0.0221  -0.0179 -0.0016 40 TYR B CZ  
295 O OH  . TYR A 37 ? 0.3832 0.3299 0.4899 0.0165  -0.0302 0.0060  40 TYR B OH  
296 N N   . VAL A 38 ? 0.2880 0.2561 0.3654 0.0267  0.0439  -0.0178 41 VAL B N   
297 C CA  . VAL A 38 ? 0.2730 0.2463 0.3505 0.0269  0.0592  -0.0170 41 VAL B CA  
298 C C   . VAL A 38 ? 0.2910 0.2844 0.4046 0.0247  0.0611  -0.0107 41 VAL B C   
299 O O   . VAL A 38 ? 0.2581 0.2608 0.3883 0.0198  0.0477  -0.0057 41 VAL B O   
300 C CB  . VAL A 38 ? 0.2910 0.2583 0.3441 0.0207  0.0594  -0.0143 41 VAL B CB  
301 C CG1 . VAL A 38 ? 0.3285 0.2794 0.3475 0.0231  0.0581  -0.0191 41 VAL B CG1 
302 C CG2 . VAL A 38 ? 0.2964 0.2679 0.3553 0.0129  0.0467  -0.0094 41 VAL B CG2 
303 N N   . GLU A 39 ? 0.2828 0.2842 0.4080 0.0274  0.0779  -0.0104 42 GLU B N   
304 C CA  . GLU A 39 ? 0.2874 0.3103 0.4465 0.0223  0.0802  -0.0031 42 GLU B CA  
305 C C   . GLU A 39 ? 0.3263 0.3471 0.4722 0.0114  0.0814  0.0010  42 GLU B C   
306 O O   . GLU A 39 ? 0.3099 0.3168 0.4266 0.0115  0.0903  -0.0005 42 GLU B O   
307 C CB  . GLU A 39 ? 0.2992 0.3348 0.4834 0.0300  0.0996  -0.0037 42 GLU B CB  
308 C CG  . GLU A 39 ? 0.3791 0.4424 0.6078 0.0244  0.0996  0.0052  42 GLU B CG  
309 C CD  . GLU A 39 ? 0.5028 0.5813 0.7564 0.0299  0.1230  0.0059  42 GLU B CD  
310 O OE1 . GLU A 39 ? 0.5383 0.6421 0.8308 0.0239  0.1241  0.0139  42 GLU B OE1 
311 O OE2 . GLU A 39 ? 0.4861 0.5521 0.7208 0.0394  0.1404  -0.0018 42 GLU B OE2 
312 N N   . VAL A 40 ? 0.2867 0.3198 0.4526 0.0016  0.0714  0.0063  43 VAL B N   
313 C CA  . VAL A 40 ? 0.2869 0.3176 0.4476 -0.0099 0.0733  0.0099  43 VAL B CA  
314 C C   . VAL A 40 ? 0.2850 0.3382 0.4832 -0.0160 0.0806  0.0156  43 VAL B C   
315 O O   . VAL A 40 ? 0.2896 0.3627 0.5200 -0.0172 0.0714  0.0184  43 VAL B O   
316 C CB  . VAL A 40 ? 0.2761 0.3003 0.4274 -0.0188 0.0557  0.0092  43 VAL B CB  
317 C CG1 . VAL A 40 ? 0.3411 0.3576 0.4865 -0.0301 0.0587  0.0112  43 VAL B CG1 
318 C CG2 . VAL A 40 ? 0.3980 0.4051 0.5196 -0.0124 0.0484  0.0045  43 VAL B CG2 
319 N N   . LYS A 41 ? 0.2780 0.3300 0.4740 -0.0202 0.0966  0.0190  44 LYS B N   
320 C CA  . LYS A 41 ? 0.2516 0.3258 0.4840 -0.0266 0.1075  0.0251  44 LYS B CA  
321 C C   . LYS A 41 ? 0.2622 0.3283 0.4884 -0.0409 0.1120  0.0299  44 LYS B C   
322 O O   . LYS A 41 ? 0.3097 0.3511 0.5009 -0.0414 0.1141  0.0294  44 LYS B O   
323 C CB  . LYS A 41 ? 0.2793 0.3628 0.5211 -0.0156 0.1298  0.0251  44 LYS B CB  
324 C CG  . LYS A 41 ? 0.5449 0.6565 0.8310 -0.0211 0.1430  0.0321  44 LYS B CG  
325 C CD  . LYS A 41 ? 0.5987 0.7254 0.9064 -0.0062 0.1606  0.0298  44 LYS B CD  
326 C CE  . LYS A 41 ? 0.6943 0.8540 1.0534 -0.0110 0.1753  0.0378  44 LYS B CE  
327 N NZ  . LYS A 41 ? 0.7120 0.9012 1.1229 -0.0142 0.1572  0.0433  44 LYS B NZ  
328 N N   . LYS A 42 ? 0.3469 0.4322 0.6083 -0.0538 0.1111  0.0353  45 LYS B N   
329 C CA  . LYS A 42 ? 0.4022 0.4787 0.6617 -0.0683 0.1181  0.0403  45 LYS B CA  
330 C C   . LYS A 42 ? 0.4188 0.4894 0.6655 -0.0636 0.1430  0.0457  45 LYS B C   
331 O O   . LYS A 42 ? 0.4014 0.4861 0.6576 -0.0530 0.1574  0.0457  45 LYS B O   
332 C CB  . LYS A 42 ? 0.5546 0.6573 0.8595 -0.0842 0.1124  0.0450  45 LYS B CB  
333 C CG  . LYS A 42 ? 0.7199 0.8089 1.0182 -0.1015 0.0952  0.0421  45 LYS B CG  
334 C CD  . LYS A 42 ? 0.8409 0.9151 1.1372 -0.1163 0.1064  0.0470  45 LYS B CD  
335 C CE  . LYS A 42 ? 0.8924 0.9492 1.1815 -0.1338 0.0902  0.0414  45 LYS B CE  
336 N NZ  . LYS A 42 ? 0.8912 0.9277 1.1773 -0.1480 0.1017  0.0462  45 LYS B NZ  
337 N N   . VAL A 43 ? 0.4034 0.4506 0.6255 -0.0710 0.1487  0.0500  46 VAL B N   
338 C CA  . VAL A 43 ? 0.4325 0.4724 0.6379 -0.0687 0.1715  0.0575  46 VAL B CA  
339 C C   . VAL A 43 ? 0.5706 0.6358 0.8158 -0.0791 0.1881  0.0657  46 VAL B C   
340 O O   . VAL A 43 ? 0.5642 0.6472 0.8204 -0.0715 0.2065  0.0671  46 VAL B O   
341 C CB  . VAL A 43 ? 0.4009 0.4072 0.5689 -0.0724 0.1714  0.0625  46 VAL B CB  
342 C CG1 . VAL A 43 ? 0.4721 0.4722 0.6236 -0.0731 0.1945  0.0736  46 VAL B CG1 
343 C CG2 . VAL A 43 ? 0.4033 0.3897 0.5352 -0.0601 0.1577  0.0555  46 VAL B CG2 
344 O OXT . VAL A 43 ? 0.6066 0.6750 0.8747 -0.0957 0.1842  0.0705  46 VAL B OXT 
345 N N   . LYS B 2  ? 0.5099 0.5764 0.7884 0.0422  0.0220  0.0529  5  LYS A N   
346 C CA  . LYS B 2  ? 0.4739 0.5255 0.7120 0.0386  0.0251  0.0416  5  LYS A CA  
347 C C   . LYS B 2  ? 0.4519 0.4817 0.6699 0.0261  0.0101  0.0500  5  LYS A C   
348 O O   . LYS B 2  ? 0.4985 0.5165 0.7298 0.0263  0.0005  0.0550  5  LYS A O   
349 C CB  . LYS B 2  ? 0.5211 0.5663 0.7598 0.0520  0.0320  0.0184  5  LYS A CB  
350 C CG  . LYS B 2  ? 0.5804 0.6525 0.8281 0.0681  0.0490  0.0036  5  LYS A CG  
351 C CD  . LYS B 2  ? 0.6316 0.7006 0.8552 0.0776  0.0550  -0.0230 5  LYS A CD  
352 C CE  . LYS B 2  ? 0.6253 0.6838 0.8788 0.0924  0.0519  -0.0471 5  LYS A CE  
353 N NZ  . LYS B 2  ? 0.6030 0.6784 0.8409 0.1094  0.0625  -0.0788 5  LYS A NZ  
354 N N   . VAL B 3  ? 0.2987 0.3253 0.4864 0.0164  0.0085  0.0528  6  VAL A N   
355 C CA  . VAL B 3  ? 0.2618 0.2718 0.4250 0.0076  -0.0024 0.0560  6  VAL A CA  
356 C C   . VAL B 3  ? 0.2874 0.2850 0.4292 0.0105  0.0037  0.0425  6  VAL A C   
357 O O   . VAL B 3  ? 0.3008 0.3021 0.4252 0.0122  0.0126  0.0338  6  VAL A O   
358 C CB  . VAL B 3  ? 0.3152 0.3267 0.4614 -0.0026 -0.0091 0.0618  6  VAL A CB  
359 C CG1 . VAL B 3  ? 0.3261 0.3255 0.4459 -0.0082 -0.0193 0.0621  6  VAL A CG1 
360 C CG2 . VAL B 3  ? 0.3381 0.3641 0.5120 -0.0060 -0.0170 0.0730  6  VAL A CG2 
361 N N   . VAL B 4  ? 0.2432 0.2284 0.3896 0.0107  -0.0020 0.0434  7  VAL A N   
362 C CA  . VAL B 4  ? 0.2603 0.2342 0.3987 0.0133  0.0013  0.0303  7  VAL A CA  
363 C C   . VAL B 4  ? 0.2612 0.2264 0.3822 0.0051  -0.0054 0.0393  7  VAL A C   
364 O O   . VAL B 4  ? 0.3096 0.2762 0.4372 0.0013  -0.0132 0.0561  7  VAL A O   
365 C CB  . VAL B 4  ? 0.3126 0.2808 0.4868 0.0223  0.0013  0.0216  7  VAL A CB  
366 C CG1 . VAL B 4  ? 0.3192 0.2733 0.4933 0.0225  -0.0005 0.0089  7  VAL A CG1 
367 C CG2 . VAL B 4  ? 0.2918 0.2742 0.4766 0.0338  0.0112  0.0071  7  VAL A CG2 
368 N N   . ALA B 5  ? 0.2745 0.2352 0.3730 0.0036  -0.0019 0.0294  8  ALA A N   
369 C CA  . ALA B 5  ? 0.2785 0.2357 0.3609 -0.0026 -0.0056 0.0368  8  ALA A CA  
370 C C   . ALA B 5  ? 0.2620 0.2119 0.3471 -0.0016 -0.0036 0.0251  8  ALA A C   
371 O O   . ALA B 5  ? 0.2702 0.2195 0.3561 0.0039  0.0003  0.0075  8  ALA A O   
372 C CB  . ALA B 5  ? 0.3053 0.2669 0.3558 -0.0063 -0.0055 0.0372  8  ALA A CB  
373 N N   . ARG B 6  ? 0.2515 0.2002 0.3382 -0.0067 -0.0065 0.0356  9  ARG A N   
374 C CA  . ARG B 6  ? 0.2367 0.1802 0.3318 -0.0078 -0.0068 0.0270  9  ARG A CA  
375 C C   . ARG B 6  ? 0.2818 0.2302 0.3442 -0.0084 -0.0031 0.0188  9  ARG A C   
376 O O   . ARG B 6  ? 0.2874 0.2423 0.3260 -0.0102 -0.0016 0.0266  9  ARG A O   
377 C CB  . ARG B 6  ? 0.2782 0.2228 0.3973 -0.0137 -0.0106 0.0475  9  ARG A CB  
378 C CG  . ARG B 6  ? 0.3096 0.2524 0.4406 -0.0175 -0.0116 0.0428  9  ARG A CG  
379 C CD  . ARG B 6  ? 0.4259 0.3712 0.5947 -0.0240 -0.0150 0.0676  9  ARG A CD  
380 N NE  . ARG B 6  ? 0.5217 0.4853 0.6742 -0.0262 -0.0115 0.0954  9  ARG A NE  
381 C CZ  . ARG B 6  ? 0.5473 0.5292 0.6785 -0.0283 -0.0060 0.1060  9  ARG A CZ  
382 N NH1 . ARG B 6  ? 0.5155 0.5185 0.6289 -0.0276 -0.0031 0.1283  9  ARG A NH1 
383 N NH2 . ARG B 6  ? 0.5959 0.5782 0.7230 -0.0295 -0.0037 0.0933  9  ARG A NH2 
384 N N   . VAL B 7  ? 0.2612 0.2074 0.3242 -0.0057 -0.0031 0.0013  10 VAL A N   
385 C CA  . VAL B 7  ? 0.2678 0.2195 0.3034 -0.0048 -0.0007 -0.0056 10 VAL A CA  
386 C C   . VAL B 7  ? 0.2586 0.2137 0.2979 -0.0100 -0.0021 0.0027  10 VAL A C   
387 O O   . VAL B 7  ? 0.2332 0.1862 0.3006 -0.0133 -0.0064 0.0030  10 VAL A O   
388 C CB  . VAL B 7  ? 0.2485 0.2029 0.2812 0.0015  -0.0013 -0.0266 10 VAL A CB  
389 C CG1 . VAL B 7  ? 0.2825 0.2445 0.2920 0.0023  -0.0007 -0.0299 10 VAL A CG1 
390 C CG2 . VAL B 7  ? 0.2798 0.2389 0.3062 0.0081  0.0037  -0.0317 10 VAL A CG2 
391 N N   . ALA B 8  ? 0.2836 0.2453 0.2990 -0.0101 0.0012  0.0087  11 ALA A N   
392 C CA  . ALA B 8  ? 0.2649 0.2356 0.2803 -0.0122 0.0024  0.0148  11 ALA A CA  
393 C C   . ALA B 8  ? 0.2591 0.2323 0.2554 -0.0082 0.0031  0.0042  11 ALA A C   
394 O O   . ALA B 8  ? 0.2716 0.2407 0.2507 -0.0045 0.0038  -0.0020 11 ALA A O   
395 C CB  . ALA B 8  ? 0.2599 0.2409 0.2654 -0.0129 0.0057  0.0305  11 ALA A CB  
396 N N   . GLU B 9  ? 0.2646 0.2469 0.2683 -0.0091 0.0029  0.0053  12 GLU A N   
397 C CA  . GLU B 9  ? 0.2337 0.2203 0.2245 -0.0046 0.0021  -0.0027 12 GLU A CA  
398 C C   . GLU B 9  ? 0.2677 0.2534 0.2358 0.0004  0.0060  -0.0006 12 GLU A C   
399 O O   . GLU B 9  ? 0.3000 0.2894 0.2628 0.0008  0.0095  0.0056  12 GLU A O   
400 C CB  . GLU B 9  ? 0.2765 0.2759 0.2863 -0.0068 0.0007  -0.0002 12 GLU A CB  
401 C CG  . GLU B 9  ? 0.2699 0.2764 0.2713 -0.0015 -0.0018 -0.0072 12 GLU A CG  
402 C CD  . GLU B 9  ? 0.2941 0.2973 0.2881 0.0011  -0.0091 -0.0203 12 GLU A CD  
403 O OE1 . GLU B 9  ? 0.3285 0.3273 0.3007 0.0061  -0.0073 -0.0211 12 GLU A OE1 
404 O OE2 . GLU B 9  ? 0.3527 0.3603 0.3649 -0.0015 -0.0171 -0.0295 12 GLU A OE2 
405 N N   . ALA B 10 ? 0.2819 0.2641 0.2382 0.0048  0.0044  -0.0059 13 ALA A N   
406 C CA  . ALA B 10 ? 0.2910 0.2683 0.2351 0.0093  0.0056  -0.0047 13 ALA A CA  
407 C C   . ALA B 10 ? 0.2880 0.2743 0.2337 0.0139  0.0075  -0.0053 13 ALA A C   
408 O O   . ALA B 10 ? 0.2952 0.2926 0.2509 0.0146  0.0070  -0.0052 13 ALA A O   
409 C CB  . ALA B 10 ? 0.2930 0.2665 0.2314 0.0126  0.0033  -0.0044 13 ALA A CB  
410 N N   A TYR B 11 ? 0.2973 0.2807 0.2353 0.0182  0.0087  -0.0079 14 TYR A N   
411 N N   B TYR B 11 ? 0.2973 0.2807 0.2353 0.0182  0.0087  -0.0079 14 TYR A N   
412 C CA  A TYR B 11 ? 0.2950 0.2891 0.2338 0.0264  0.0115  -0.0122 14 TYR A CA  
413 C CA  B TYR B 11 ? 0.2950 0.2891 0.2338 0.0264  0.0115  -0.0122 14 TYR A CA  
414 C C   A TYR B 11 ? 0.2999 0.2883 0.2451 0.0315  0.0076  -0.0137 14 TYR A C   
415 C C   B TYR B 11 ? 0.2999 0.2883 0.2451 0.0315  0.0076  -0.0137 14 TYR A C   
416 O O   A TYR B 11 ? 0.3212 0.2956 0.2653 0.0304  0.0032  -0.0115 14 TYR A O   
417 O O   B TYR B 11 ? 0.3212 0.2956 0.2653 0.0304  0.0032  -0.0115 14 TYR A O   
418 C CB  A TYR B 11 ? 0.3325 0.3250 0.2601 0.0322  0.0116  -0.0208 14 TYR A CB  
419 C CB  B TYR B 11 ? 0.3325 0.3250 0.2601 0.0322  0.0116  -0.0208 14 TYR A CB  
420 C CG  A TYR B 11 ? 0.4479 0.4594 0.3673 0.0317  0.0169  -0.0170 14 TYR A CG  
421 C CG  B TYR B 11 ? 0.4479 0.4594 0.3673 0.0317  0.0169  -0.0170 14 TYR A CG  
422 C CD1 A TYR B 11 ? 0.7510 0.7743 0.6564 0.0409  0.0183  -0.0270 14 TYR A CD1 
423 C CD1 B TYR B 11 ? 0.7510 0.7743 0.6564 0.0409  0.0183  -0.0270 14 TYR A CD1 
424 C CD2 A TYR B 11 ? 0.4092 0.4294 0.3363 0.0232  0.0199  -0.0030 14 TYR A CD2 
425 C CD2 B TYR B 11 ? 0.4092 0.4294 0.3363 0.0232  0.0199  -0.0030 14 TYR A CD2 
426 C CE1 A TYR B 11 ? 0.8800 0.9282 0.7747 0.0417  0.0239  -0.0196 14 TYR A CE1 
427 C CE1 B TYR B 11 ? 0.8800 0.9282 0.7747 0.0417  0.0239  -0.0196 14 TYR A CE1 
428 C CE2 A TYR B 11 ? 0.5001 0.5402 0.4236 0.0223  0.0248  0.0071  14 TYR A CE2 
429 C CE2 B TYR B 11 ? 0.5001 0.5402 0.4236 0.0223  0.0248  0.0071  14 TYR A CE2 
430 C CZ  A TYR B 11 ? 0.8333 0.8900 0.7380 0.0317  0.0275  0.0007  14 TYR A CZ  
431 C CZ  B TYR B 11 ? 0.8333 0.8900 0.7380 0.0317  0.0275  0.0007  14 TYR A CZ  
432 O OH  A TYR B 11 ? 1.0270 1.1100 0.9249 0.0321  0.0329  0.0143  14 TYR A OH  
433 O OH  B TYR B 11 ? 1.0270 1.1100 0.9249 0.0321  0.0329  0.0143  14 TYR A OH  
434 N N   . ALA B 12 ? 0.2863 0.3530 0.2589 0.0589  0.0084  0.0228  15 ALA A N   
435 C CA  . ALA B 12 ? 0.3123 0.3730 0.2817 0.0615  0.0058  0.0216  15 ALA A CA  
436 C C   . ALA B 12 ? 0.2918 0.3286 0.2519 0.0676  -0.0001 0.0141  15 ALA A C   
437 O O   . ALA B 12 ? 0.3296 0.3512 0.2877 0.0626  -0.0030 0.0149  15 ALA A O   
438 C CB  . ALA B 12 ? 0.3251 0.4131 0.2966 0.0707  0.0063  0.0247  15 ALA A CB  
439 N N   . GLU B 13 ? 0.3212 0.3539 0.2752 0.0772  -0.0033 0.0074  16 GLU A N   
440 C CA  . GLU B 13 ? 0.3870 0.3942 0.3326 0.0827  -0.0123 0.0007  16 GLU A CA  
441 C C   . GLU B 13 ? 0.3194 0.3038 0.2654 0.0693  -0.0141 0.0029  16 GLU A C   
442 O O   . GLU B 13 ? 0.3827 0.3454 0.3237 0.0688  -0.0226 0.0016  16 GLU A O   
443 C CB  . GLU B 13 ? 0.5189 0.5260 0.4567 0.0980  -0.0174 -0.0089 16 GLU A CB  
444 C CG  . GLU B 13 ? 0.9141 0.9229 0.8465 0.1154  -0.0240 -0.0158 16 GLU A CG  
445 C CD  . GLU B 13 ? 1.1847 1.1706 1.1167 0.1121  -0.0317 -0.0136 16 GLU A CD  
446 O OE1 . GLU B 13 ? 1.2496 1.2483 1.1868 0.1101  -0.0282 -0.0075 16 GLU A OE1 
447 O OE2 . GLU B 13 ? 1.2924 1.2480 1.2189 0.1104  -0.0421 -0.0166 16 GLU A OE2 
448 N N   . ASP B 14 ? 0.3000 0.2901 0.2526 0.0581  -0.0073 0.0073  17 ASP A N   
449 C CA  . ASP B 14 ? 0.3110 0.2864 0.2653 0.0462  -0.0076 0.0094  17 ASP A CA  
450 C C   . ASP B 14 ? 0.3150 0.2913 0.2721 0.0363  -0.0042 0.0142  17 ASP A C   
451 O O   . ASP B 14 ? 0.3497 0.3179 0.3072 0.0272  -0.0046 0.0164  17 ASP A O   
452 C CB  . ASP B 14 ? 0.3557 0.3377 0.3161 0.0415  -0.0025 0.0100  17 ASP A CB  
453 C CG  . ASP B 14 ? 0.3795 0.3607 0.3358 0.0494  -0.0063 0.0055  17 ASP A CG  
454 O OD1 . ASP B 14 ? 0.4149 0.3805 0.3630 0.0549  -0.0148 0.0008  17 ASP A OD1 
455 O OD2 . ASP B 14 ? 0.3461 0.3414 0.3067 0.0500  -0.0021 0.0067  17 ASP A OD2 
456 N N   . VAL B 15 ? 0.3058 0.2942 0.2646 0.0378  -0.0015 0.0163  18 VAL A N   
457 C CA  . VAL B 15 ? 0.2967 0.2878 0.2574 0.0285  0.0017  0.0196  18 VAL A CA  
458 C C   . VAL B 15 ? 0.3032 0.2819 0.2575 0.0245  -0.0037 0.0221  18 VAL A C   
459 O O   . VAL B 15 ? 0.3546 0.3251 0.3041 0.0310  -0.0111 0.0223  18 VAL A O   
460 C CB  . VAL B 15 ? 0.3010 0.3074 0.2649 0.0305  0.0037  0.0221  18 VAL A CB  
461 C CG1 . VAL B 15 ? 0.3559 0.3634 0.3195 0.0214  0.0051  0.0241  18 VAL A CG1 
462 C CG2 . VAL B 15 ? 0.3047 0.3245 0.2762 0.0311  0.0076  0.0229  18 VAL A CG2 
463 N N   . GLY B 16 ? 0.3094 0.2881 0.2638 0.0140  -0.0009 0.0240  19 GLY A N   
464 C CA  . GLY B 16 ? 0.3016 0.2738 0.2503 0.0073  -0.0055 0.0291  19 GLY A CA  
465 C C   . GLY B 16 ? 0.3862 0.3449 0.3327 0.0038  -0.0120 0.0321  19 GLY A C   
466 O O   . GLY B 16 ? 0.4138 0.3661 0.3560 -0.0028 -0.0185 0.0390  19 GLY A O   
467 N N   . LYS B 17 ? 0.3340 0.2887 0.2839 0.0066  -0.0118 0.0286  20 LYS A N   
468 C CA  . LYS B 17 ? 0.3839 0.3245 0.3325 0.0030  -0.0200 0.0315  20 LYS A CA  
469 C C   . LYS B 17 ? 0.3727 0.3223 0.3269 -0.0067 -0.0147 0.0338  20 LYS A C   
470 O O   . LYS B 17 ? 0.3896 0.3300 0.3444 -0.0115 -0.0213 0.0373  20 LYS A O   
471 C CB  . LYS B 17 ? 0.4101 0.3390 0.3568 0.0145  -0.0259 0.0250  20 LYS A CB  
472 C CG  . LYS B 17 ? 0.4210 0.3442 0.3627 0.0271  -0.0315 0.0212  20 LYS A CG  
473 C CD  . LYS B 17 ? 0.4623 0.3773 0.4007 0.0399  -0.0372 0.0129  20 LYS A CD  
474 C CE  . LYS B 17 ? 0.5926 0.5004 0.5255 0.0544  -0.0456 0.0079  20 LYS A CE  
475 N NZ  . LYS B 17 ? 0.6272 0.5295 0.5550 0.0687  -0.0512 -0.0026 20 LYS A NZ  
476 N N   . ARG B 18 ? 0.3613 0.3286 0.3201 -0.0094 -0.0039 0.0317  21 ARG A N   
477 C CA  . ARG B 18 ? 0.3209 0.3003 0.2864 -0.0157 0.0020  0.0321  21 ARG A CA  
478 C C   . ARG B 18 ? 0.2998 0.2731 0.2706 -0.0125 -0.0001 0.0298  21 ARG A C   
479 O O   . ARG B 18 ? 0.3089 0.2836 0.2834 -0.0190 -0.0025 0.0341  21 ARG A O   
480 C CB  . ARG B 18 ? 0.3376 0.3241 0.3015 -0.0275 -0.0002 0.0411  21 ARG A CB  
481 C CG  . ARG B 18 ? 0.3966 0.3977 0.3560 -0.0319 0.0048  0.0426  21 ARG A CG  
482 C CD  . ARG B 18 ? 0.4426 0.4556 0.4003 -0.0449 0.0023  0.0539  21 ARG A CD  
483 N NE  . ARG B 18 ? 0.4608 0.4935 0.4267 -0.0486 0.0090  0.0537  21 ARG A NE  
484 C CZ  . ARG B 18 ? 0.4961 0.5319 0.4665 -0.0576 0.0039  0.0633  21 ARG A CZ  
485 N NH1 . ARG B 18 ? 0.4524 0.5104 0.4317 -0.0596 0.0109  0.0626  21 ARG A NH1 
486 N NH2 . ARG B 18 ? 0.5079 0.5244 0.4750 -0.0642 -0.0095 0.0737  21 ARG A NH2 
487 N N   . VAL B 19 ? 0.3013 0.2710 0.2726 -0.0030 0.0008  0.0240  22 VAL A N   
488 C CA  . VAL B 19 ? 0.3398 0.3049 0.3141 0.0014  -0.0014 0.0213  22 VAL A CA  
489 C C   . VAL B 19 ? 0.3026 0.2800 0.2857 0.0042  0.0064  0.0178  22 VAL A C   
490 O O   . VAL B 19 ? 0.3416 0.3252 0.3255 0.0062  0.0108  0.0160  22 VAL A O   
491 C CB  . VAL B 19 ? 0.3981 0.3508 0.3644 0.0107  -0.0087 0.0182  22 VAL A CB  
492 C CG1 . VAL B 19 ? 0.4357 0.3911 0.4038 0.0175  -0.0083 0.0141  22 VAL A CG1 
493 C CG2 . VAL B 19 ? 0.4069 0.3414 0.3664 0.0084  -0.0206 0.0209  22 VAL A CG2 
494 N N   . VAL B 20 ? 0.2817 0.2614 0.2716 0.0032  0.0066  0.0177  23 VAL A N   
495 C CA  . VAL B 20 ? 0.2817 0.2698 0.2806 0.0066  0.0113  0.0154  23 VAL A CA  
496 C C   . VAL B 20 ? 0.2825 0.2670 0.2813 0.0101  0.0068  0.0156  23 VAL A C   
497 O O   . VAL B 20 ? 0.2952 0.2742 0.2928 0.0072  0.0021  0.0170  23 VAL A O   
498 C CB  . VAL B 20 ? 0.3044 0.3028 0.3144 0.0033  0.0165  0.0143  23 VAL A CB  
499 C CG1 . VAL B 20 ? 0.3726 0.3769 0.3813 0.0017  0.0211  0.0116  23 VAL A CG1 
500 C CG2 . VAL B 20 ? 0.2746 0.2765 0.2891 -0.0018 0.0151  0.0172  23 VAL A CG2 
501 N N   . ARG B 21 ? 0.2327 0.2219 0.2321 0.0153  0.0076  0.0153  24 ARG A N   
502 C CA  . ARG B 21 ? 0.2632 0.2535 0.2609 0.0191  0.0038  0.0157  24 ARG A CA  
503 C C   . ARG B 21 ? 0.2360 0.2327 0.2463 0.0161  0.0052  0.0183  24 ARG A C   
504 O O   . ARG B 21 ? 0.2419 0.2447 0.2612 0.0155  0.0083  0.0199  24 ARG A O   
505 C CB  . ARG B 21 ? 0.2618 0.2602 0.2542 0.0257  0.0040  0.0159  24 ARG A CB  
506 C CG  . ARG B 21 ? 0.2919 0.2857 0.2730 0.0311  0.0022  0.0127  24 ARG A CG  
507 C CD  . ARG B 21 ? 0.3078 0.2985 0.2780 0.0395  -0.0038 0.0082  24 ARG A CD  
508 N NE  . ARG B 21 ? 0.3607 0.3430 0.3210 0.0462  -0.0079 0.0037  24 ARG A NE  
509 C CZ  . ARG B 21 ? 0.3377 0.3081 0.2873 0.0537  -0.0163 -0.0029 24 ARG A CZ  
510 N NH1 . ARG B 21 ? 0.3293 0.2954 0.2758 0.0545  -0.0211 -0.0057 24 ARG A NH1 
511 N NH2 . ARG B 21 ? 0.3640 0.3252 0.3061 0.0607  -0.0214 -0.0070 24 ARG A NH2 
512 N N   . VAL B 22 ? 0.2671 0.2611 0.2787 0.0144  0.0013  0.0188  25 VAL A N   
513 C CA  . VAL B 22 ? 0.2410 0.2408 0.2656 0.0116  0.0015  0.0216  25 VAL A CA  
514 C C   . VAL B 22 ? 0.2495 0.2493 0.2696 0.0132  -0.0045 0.0230  25 VAL A C   
515 O O   . VAL B 22 ? 0.2821 0.2736 0.2913 0.0137  -0.0099 0.0203  25 VAL A O   
516 C CB  . VAL B 22 ? 0.2893 0.2897 0.3209 0.0064  0.0026  0.0216  25 VAL A CB  
517 C CG1 . VAL B 22 ? 0.2733 0.2826 0.3207 0.0056  0.0029  0.0238  25 VAL A CG1 
518 C CG2 . VAL B 22 ? 0.3038 0.3059 0.3354 0.0050  0.0079  0.0194  25 VAL A CG2 
519 N N   . ASP B 23 ? 0.2405 0.2485 0.2687 0.0135  -0.0049 0.0271  26 ASP A N   
520 C CA  . ASP B 23 ? 0.2635 0.2745 0.2857 0.0150  -0.0107 0.0287  26 ASP A CA  
521 C C   . ASP B 23 ? 0.2465 0.2549 0.2752 0.0105  -0.0152 0.0299  26 ASP A C   
522 O O   . ASP B 23 ? 0.2456 0.2534 0.2847 0.0065  -0.0132 0.0303  26 ASP A O   
523 C CB  . ASP B 23 ? 0.2711 0.2951 0.2966 0.0165  -0.0106 0.0348  26 ASP A CB  
524 C CG  . ASP B 23 ? 0.2827 0.3108 0.3265 0.0126  -0.0115 0.0414  26 ASP A CG  
525 O OD1 . ASP B 23 ? 0.2639 0.2883 0.3181 0.0103  -0.0120 0.0405  26 ASP A OD1 
526 O OD2 . ASP B 23 ? 0.2723 0.3090 0.3214 0.0119  -0.0126 0.0486  26 ASP A OD2 
527 N N   . LYS B 24 ? 0.2515 0.2612 0.2731 0.0113  -0.0216 0.0305  27 LYS A N   
528 C CA  . LYS B 24 ? 0.2493 0.2561 0.2752 0.0063  -0.0279 0.0320  27 LYS A CA  
529 C C   . LYS B 24 ? 0.2656 0.2819 0.3125 0.0026  -0.0257 0.0382  27 LYS A C   
530 O O   . LYS B 24 ? 0.2647 0.2820 0.3202 -0.0023 -0.0283 0.0402  27 LYS A O   
531 C CB  . LYS B 24 ? 0.3025 0.3101 0.3158 0.0084  -0.0359 0.0308  27 LYS A CB  
532 C CG  . LYS B 24 ? 0.3217 0.3448 0.3357 0.0115  -0.0344 0.0358  27 LYS A CG  
533 C CD  . LYS B 24 ? 0.3410 0.3676 0.3393 0.0143  -0.0422 0.0334  27 LYS A CD  
534 C CE  . LYS B 24 ? 0.3715 0.4181 0.3717 0.0149  -0.0418 0.0415  27 LYS A CE  
535 N NZ  . LYS B 24 ? 0.4735 0.5254 0.4608 0.0159  -0.0502 0.0399  27 LYS A NZ  
536 N N   . TYR B 25 ? 0.2506 0.2746 0.3068 0.0050  -0.0223 0.0419  28 TYR A N   
537 C CA  . TYR B 25 ? 0.2517 0.2824 0.3285 0.0038  -0.0222 0.0467  28 TYR A CA  
538 C C   . TYR B 25 ? 0.2651 0.2960 0.3528 0.0042  -0.0161 0.0427  28 TYR A C   
539 O O   . TYR B 25 ? 0.2656 0.3035 0.3660 0.0026  -0.0163 0.0435  28 TYR A O   
540 C CB  . TYR B 25 ? 0.2764 0.3119 0.3600 0.0056  -0.0233 0.0527  28 TYR A CB  
541 C CG  . TYR B 25 ? 0.2757 0.3176 0.3479 0.0049  -0.0285 0.0581  28 TYR A CG  
542 C CD1 . TYR B 25 ? 0.3434 0.3901 0.4171 0.0024  -0.0351 0.0623  28 TYR A CD1 
543 C CD2 . TYR B 25 ? 0.2498 0.2963 0.3096 0.0068  -0.0269 0.0592  28 TYR A CD2 
544 C CE1 . TYR B 25 ? 0.3421 0.3976 0.4035 0.0021  -0.0399 0.0666  28 TYR A CE1 
545 C CE2 . TYR B 25 ? 0.2941 0.3525 0.3427 0.0069  -0.0309 0.0639  28 TYR A CE2 
546 C CZ  . TYR B 25 ? 0.3189 0.3816 0.3676 0.0048  -0.0373 0.0671  28 TYR A CZ  
547 O OH  . TYR B 25 ? 0.3689 0.4460 0.4047 0.0053  -0.0413 0.0712  28 TYR A OH  
548 N N   . GLU B 26 ? 0.2519 0.2787 0.3349 0.0065  -0.0107 0.0384  29 GLU A N   
549 C CA  . GLU B 26 ? 0.2595 0.2887 0.3493 0.0073  -0.0047 0.0335  29 GLU A CA  
550 C C   . GLU B 26 ? 0.2725 0.3035 0.3574 0.0022  -0.0043 0.0330  29 GLU A C   
551 O O   . GLU B 26 ? 0.2513 0.2935 0.3473 0.0011  -0.0011 0.0325  29 GLU A O   
552 C CB  . GLU B 26 ? 0.2905 0.3141 0.3736 0.0097  -0.0001 0.0293  29 GLU A CB  
553 C CG  . GLU B 26 ? 0.3187 0.3420 0.4142 0.0137  -0.0001 0.0283  29 GLU A CG  
554 C CD  . GLU B 26 ? 0.2911 0.3130 0.3901 0.0133  -0.0065 0.0358  29 GLU A CD  
555 O OE1 . GLU B 26 ? 0.2988 0.3201 0.3855 0.0117  -0.0075 0.0395  29 GLU A OE1 
556 O OE2 . GLU B 26 ? 0.3247 0.3481 0.4392 0.0150  -0.0108 0.0386  29 GLU A OE2 
557 N N   . ARG B 27 ? 0.2393 0.2610 0.3083 -0.0008 -0.0087 0.0335  30 ARG A N   
558 C CA  . ARG B 27 ? 0.2792 0.2992 0.3443 -0.0076 -0.0118 0.0350  30 ARG A CA  
559 C C   . ARG B 27 ? 0.2385 0.2691 0.3168 -0.0123 -0.0157 0.0403  30 ARG A C   
560 O O   . ARG B 27 ? 0.2546 0.2957 0.3406 -0.0181 -0.0147 0.0436  30 ARG A O   
561 C CB  . ARG B 27 ? 0.2585 0.2622 0.3046 -0.0083 -0.0191 0.0333  30 ARG A CB  
562 C CG  . ARG B 27 ? 0.2346 0.2292 0.2681 -0.0047 -0.0162 0.0289  30 ARG A CG  
563 C CD  . ARG B 27 ? 0.2910 0.2687 0.3082 -0.0055 -0.0254 0.0265  30 ARG A CD  
564 N NE  . ARG B 27 ? 0.2837 0.2550 0.2926 -0.0027 -0.0339 0.0244  30 ARG A NE  
565 C CZ  . ARG B 27 ? 0.2809 0.2511 0.2785 0.0061  -0.0343 0.0192  30 ARG A CZ  
566 N NH1 . ARG B 27 ? 0.2775 0.2527 0.2728 0.0118  -0.0269 0.0174  30 ARG A NH1 
567 N NH2 . ARG B 27 ? 0.2983 0.2652 0.2869 0.0090  -0.0423 0.0163  30 ARG A NH2 
568 N N   . ALA B 28 ? 0.2526 0.2836 0.3340 -0.0107 -0.0207 0.0425  31 ALA A N   
569 C CA  . ALA B 28 ? 0.2500 0.2917 0.3446 -0.0153 -0.0256 0.0482  31 ALA A CA  
570 C C   . ALA B 28 ? 0.2577 0.3188 0.3738 -0.0128 -0.0188 0.0492  31 ALA A C   
571 O O   . ALA B 28 ? 0.2808 0.3568 0.4081 -0.0179 -0.0194 0.0537  31 ALA A O   
572 C CB  . ALA B 28 ? 0.2663 0.3056 0.3594 -0.0134 -0.0323 0.0506  31 ALA A CB  
573 N N   . LYS B 29 ? 0.2189 0.2810 0.3409 -0.0045 -0.0129 0.0447  32 LYS A N   
574 C CA  . LYS B 29 ? 0.2076 0.2866 0.3493 0.0011  -0.0074 0.0424  32 LYS A CA  
575 C C   . LYS B 29 ? 0.2227 0.3145 0.3644 -0.0010 -0.0002 0.0398  32 LYS A C   
576 O O   . LYS B 29 ? 0.2444 0.3588 0.4012 -0.0004 0.0028  0.0409  32 LYS A O   
577 C CB  . LYS B 29 ? 0.2098 0.2810 0.3555 0.0100  -0.0056 0.0373  32 LYS A CB  
578 C CG  . LYS B 29 ? 0.2688 0.3321 0.4180 0.0113  -0.0132 0.0426  32 LYS A CG  
579 C CD  . LYS B 29 ? 0.3108 0.3645 0.4635 0.0174  -0.0136 0.0397  32 LYS A CD  
580 C CE  . LYS B 29 ? 0.4387 0.4876 0.5968 0.0170  -0.0223 0.0481  32 LYS A CE  
581 N NZ  . LYS B 29 ? 0.5007 0.5394 0.6644 0.0209  -0.0251 0.0477  32 LYS A NZ  
582 N N   . VAL B 30 ? 0.2390 0.3196 0.3642 -0.0035 0.0025  0.0371  33 VAL A N   
583 C CA  . VAL B 30 ? 0.2174 0.3105 0.3403 -0.0069 0.0086  0.0361  33 VAL A CA  
584 C C   . VAL B 30 ? 0.2394 0.3430 0.3636 -0.0185 0.0043  0.0456  33 VAL A C   
585 O O   . VAL B 30 ? 0.2454 0.3730 0.3772 -0.0222 0.0090  0.0487  33 VAL A O   
586 C CB  . VAL B 30 ? 0.2608 0.3373 0.3657 -0.0069 0.0108  0.0320  33 VAL A CB  
587 C CG1 . VAL B 30 ? 0.3057 0.3946 0.4064 -0.0126 0.0154  0.0335  33 VAL A CG1 
588 C CG2 . VAL B 30 ? 0.3328 0.4028 0.4394 0.0029  0.0145  0.0239  33 VAL A CG2 
589 N N   . GLY B 31 ? 0.2863 0.3864 0.4467 0.0138  0.0220  0.0427  34 GLY A N   
590 C CA  . GLY B 31 ? 0.2680 0.3857 0.4443 0.0013  0.0180  0.0415  34 GLY A CA  
591 C C   . GLY B 31 ? 0.2588 0.3582 0.4097 -0.0118 0.0212  0.0371  34 GLY A C   
592 O O   . GLY B 31 ? 0.2634 0.3714 0.4266 -0.0223 0.0273  0.0357  34 GLY A O   
593 N N   . VAL B 32 ? 0.2431 0.3176 0.3612 -0.0114 0.0176  0.0351  35 VAL A N   
594 C CA  . VAL B 32 ? 0.2381 0.2929 0.3327 -0.0213 0.0199  0.0311  35 VAL A CA  
595 C C   . VAL B 32 ? 0.2413 0.2852 0.3166 -0.0244 0.0064  0.0292  35 VAL A C   
596 O O   . VAL B 32 ? 0.2872 0.3335 0.3592 -0.0181 -0.0024 0.0314  35 VAL A O   
597 C CB  . VAL B 32 ? 0.2815 0.3144 0.3555 -0.0173 0.0314  0.0290  35 VAL A CB  
598 C CG1 . VAL B 32 ? 0.3336 0.3723 0.4185 -0.0159 0.0468  0.0293  35 VAL A CG1 
599 C CG2 . VAL B 32 ? 0.3293 0.3513 0.3922 -0.0068 0.0289  0.0297  35 VAL A CG2 
600 N N   . LYS B 33 ? 0.2860 0.3160 0.3470 -0.0338 0.0058  0.0252  36 LYS A N   
601 C CA  . LYS B 33 ? 0.2628 0.2770 0.3018 -0.0362 -0.0029 0.0213  36 LYS A CA  
602 C C   . LYS B 33 ? 0.3054 0.2966 0.3248 -0.0344 0.0040  0.0186  36 LYS A C   
603 O O   . LYS B 33 ? 0.3021 0.2877 0.3216 -0.0338 0.0130  0.0196  36 LYS A O   
604 C CB  . LYS B 33 ? 0.2789 0.2946 0.3205 -0.0486 -0.0115 0.0176  36 LYS A CB  
605 C CG  . LYS B 33 ? 0.2911 0.3323 0.3575 -0.0525 -0.0209 0.0196  36 LYS A CG  
606 C CD  . LYS B 33 ? 0.3618 0.4081 0.4208 -0.0450 -0.0332 0.0209  36 LYS A CD  
607 C CE  . LYS B 33 ? 0.3583 0.4317 0.4451 -0.0470 -0.0456 0.0239  36 LYS A CE  
608 N NZ  . LYS B 33 ? 0.4929 0.5688 0.5691 -0.0377 -0.0581 0.0275  36 LYS A NZ  
609 N N   . VAL B 34 ? 0.2937 0.2711 0.2957 -0.0332 -0.0006 0.0149  37 VAL A N   
610 C CA  . VAL B 34 ? 0.3088 0.2664 0.2975 -0.0318 0.0036  0.0119  37 VAL A CA  
611 C C   . VAL B 34 ? 0.2806 0.2286 0.2679 -0.0402 0.0048  0.0107  37 VAL A C   
612 O O   . VAL B 34 ? 0.3324 0.2826 0.3232 -0.0492 0.0003  0.0093  37 VAL A O   
613 C CB  . VAL B 34 ? 0.3134 0.2604 0.2877 -0.0293 0.0001  0.0073  37 VAL A CB  
614 C CG1 . VAL B 34 ? 0.3538 0.2824 0.3204 -0.0282 0.0027  0.0034  37 VAL A CG1 
615 C CG2 . VAL B 34 ? 0.3342 0.2869 0.3069 -0.0212 0.0021  0.0105  37 VAL A CG2 
616 N N   . GLY B 35 ? 0.3053 0.2412 0.2866 -0.0381 0.0102  0.0119  38 GLY A N   
617 C CA  . GLY B 35 ? 0.3120 0.2353 0.2875 -0.0454 0.0122  0.0132  38 GLY A CA  
618 C C   . GLY B 35 ? 0.3276 0.2599 0.3100 -0.0489 0.0211  0.0180  38 GLY A C   
619 O O   . GLY B 35 ? 0.3473 0.2655 0.3189 -0.0535 0.0256  0.0205  38 GLY A O   
620 N N   . ASP B 36 ? 0.2940 0.2484 0.2932 -0.0462 0.0244  0.0196  39 ASP A N   
621 C CA  . ASP B 36 ? 0.2801 0.2434 0.2871 -0.0463 0.0358  0.0230  39 ASP A CA  
622 C C   . ASP B 36 ? 0.3110 0.2610 0.3026 -0.0379 0.0411  0.0224  39 ASP A C   
623 O O   . ASP B 36 ? 0.3506 0.2893 0.3322 -0.0319 0.0349  0.0200  39 ASP A O   
624 C CB  . ASP B 36 ? 0.2870 0.2781 0.3204 -0.0433 0.0369  0.0245  39 ASP A CB  
625 C CG  . ASP B 36 ? 0.3228 0.3308 0.3764 -0.0537 0.0325  0.0254  39 ASP A CG  
626 O OD1 . ASP B 36 ? 0.4246 0.4256 0.4763 -0.0647 0.0365  0.0264  39 ASP A OD1 
627 O OD2 . ASP B 36 ? 0.3130 0.3401 0.3841 -0.0513 0.0242  0.0255  39 ASP A OD2 
628 N N   . TYR B 37 ? 0.3015 0.2533 0.2924 -0.0377 0.0532  0.0242  40 TYR A N   
629 C CA  . TYR B 37 ? 0.3248 0.2627 0.2986 -0.0304 0.0581  0.0223  40 TYR A CA  
630 C C   . TYR B 37 ? 0.3552 0.3088 0.3453 -0.0220 0.0661  0.0214  40 TYR A C   
631 O O   . TYR B 37 ? 0.3613 0.3372 0.3752 -0.0230 0.0720  0.0235  40 TYR A O   
632 C CB  . TYR B 37 ? 0.3222 0.2417 0.2725 -0.0360 0.0667  0.0242  40 TYR A CB  
633 C CG  . TYR B 37 ? 0.3438 0.2416 0.2749 -0.0415 0.0569  0.0256  40 TYR A CG  
634 C CD1 . TYR B 37 ? 0.3680 0.2436 0.2765 -0.0368 0.0486  0.0237  40 TYR A CD1 
635 C CD2 . TYR B 37 ? 0.3435 0.2423 0.2810 -0.0512 0.0545  0.0286  40 TYR A CD2 
636 C CE1 . TYR B 37 ? 0.4130 0.2690 0.3074 -0.0397 0.0383  0.0253  40 TYR A CE1 
637 C CE2 . TYR B 37 ? 0.3587 0.2350 0.2794 -0.0547 0.0451  0.0298  40 TYR A CE2 
638 C CZ  . TYR B 37 ? 0.4449 0.3005 0.3448 -0.0481 0.0373  0.0283  40 TYR A CZ  
639 O OH  . TYR B 37 ? 0.4501 0.2837 0.3366 -0.0497 0.0270  0.0299  40 TYR A OH  
640 N N   . VAL B 38 ? 0.3213 0.2633 0.3009 -0.0137 0.0653  0.0181  41 VAL A N   
641 C CA  . VAL B 38 ? 0.3247 0.2757 0.3169 -0.0044 0.0725  0.0165  41 VAL A CA  
642 C C   . VAL B 38 ? 0.3550 0.2840 0.3229 -0.0005 0.0789  0.0115  41 VAL A C   
643 O O   . VAL B 38 ? 0.3653 0.2731 0.3089 -0.0032 0.0719  0.0096  41 VAL A O   
644 C CB  . VAL B 38 ? 0.3292 0.2871 0.3358 0.0024  0.0632  0.0172  41 VAL A CB  
645 C CG1 . VAL B 38 ? 0.3478 0.3278 0.3759 -0.0003 0.0570  0.0216  41 VAL A CG1 
646 C CG2 . VAL B 38 ? 0.3140 0.2536 0.3048 0.0023  0.0533  0.0150  41 VAL A CG2 
647 N N   . GLU B 39 ? 0.3588 0.2923 0.3333 0.0064  0.0914  0.0091  42 GLU A N   
648 C CA  . GLU B 39 ? 0.3655 0.2765 0.3164 0.0118  0.0965  0.0023  42 GLU A CA  
649 C C   . GLU B 39 ? 0.4022 0.3085 0.3617 0.0195  0.0878  -0.0002 42 GLU A C   
650 O O   . GLU B 39 ? 0.3787 0.3025 0.3651 0.0244  0.0861  0.0034  42 GLU A O   
651 C CB  . GLU B 39 ? 0.4386 0.3550 0.3926 0.0166  0.1168  -0.0004 42 GLU A CB  
652 C CG  . GLU B 39 ? 0.5322 0.4224 0.4571 0.0225  0.1240  -0.0091 42 GLU A CG  
653 C CD  . GLU B 39 ? 0.6723 0.5678 0.5990 0.0275  0.1476  -0.0126 42 GLU A CD  
654 O OE1 . GLU B 39 ? 0.7671 0.6397 0.6670 0.0329  0.1562  -0.0212 42 GLU A OE1 
655 O OE2 . GLU B 39 ? 0.6845 0.6072 0.6402 0.0258  0.1579  -0.0072 42 GLU A OE2 
656 N N   . VAL B 40 ? 0.4034 0.2854 0.3402 0.0198  0.0811  -0.0058 43 VAL A N   
657 C CA  . VAL B 40 ? 0.4129 0.2861 0.3564 0.0255  0.0744  -0.0090 43 VAL A CA  
658 C C   . VAL B 40 ? 0.4357 0.2872 0.3598 0.0308  0.0820  -0.0181 43 VAL A C   
659 O O   . VAL B 40 ? 0.5031 0.3357 0.3964 0.0273  0.0824  -0.0234 43 VAL A O   
660 C CB  . VAL B 40 ? 0.4207 0.2846 0.3593 0.0200  0.0583  -0.0087 43 VAL A CB  
661 C CG1 . VAL B 40 ? 0.4534 0.3082 0.4013 0.0240  0.0531  -0.0114 43 VAL A CG1 
662 C CG2 . VAL B 40 ? 0.4755 0.3579 0.4295 0.0154  0.0525  -0.0013 43 VAL A CG2 
663 N N   . LYS B 41 ? 0.4288 0.2806 0.3685 0.0398  0.0875  -0.0203 44 LYS A N   
664 C CA  . LYS B 41 ? 0.5265 0.3555 0.4478 0.0459  0.0959  -0.0307 44 LYS A CA  
665 C C   . LYS B 41 ? 0.4969 0.3148 0.4318 0.0521  0.0908  -0.0331 44 LYS A C   
666 O O   . LYS B 41 ? 0.4392 0.2725 0.4019 0.0550  0.0872  -0.0249 44 LYS A O   
667 C CB  . LYS B 41 ? 0.5937 0.4326 0.5193 0.0531  0.1168  -0.0325 44 LYS A CB  
668 C CG  . LYS B 41 ? 0.6907 0.5550 0.6572 0.0621  0.1220  -0.0261 44 LYS A CG  
669 C CD  . LYS B 41 ? 0.8819 0.7652 0.8625 0.0676  0.1418  -0.0262 44 LYS A CD  
670 C CE  . LYS B 41 ? 0.9919 0.8764 0.9500 0.0573  0.1494  -0.0259 44 LYS A CE  
671 N NZ  . LYS B 41 ? 1.0390 0.9549 1.0256 0.0575  0.1639  -0.0205 44 LYS A NZ  
672 N N   . LYS B 42 ? 0.5843 0.3730 0.4966 0.0537  0.0902  -0.0442 45 LYS A N   
673 C CA  . LYS B 42 ? 0.6886 0.4605 0.6107 0.0585  0.0862  -0.0481 45 LYS A CA  
674 C C   . LYS B 42 ? 0.6818 0.4631 0.6281 0.0716  0.0998  -0.0457 45 LYS A C   
675 O O   . LYS B 42 ? 0.6863 0.4792 0.6345 0.0780  0.1149  -0.0469 45 LYS A O   
676 C CB  . LYS B 42 ? 0.7466 0.4829 0.6360 0.0571  0.0832  -0.0629 45 LYS A CB  
677 C CG  . LYS B 42 ? 0.8780 0.5920 0.7763 0.0596  0.0774  -0.0682 45 LYS A CG  
678 C CD  . LYS B 42 ? 0.9918 0.6745 0.8623 0.0517  0.0637  -0.0808 45 LYS A CD  
679 C CE  . LYS B 42 ? 1.0291 0.7033 0.8595 0.0482  0.0643  -0.0878 45 LYS A CE  
680 N NZ  . LYS B 42 ? 1.0689 0.7413 0.8824 0.0580  0.0865  -0.0926 45 LYS A NZ  
681 N N   . VAL B 43 ? 0.6725 0.4499 0.6399 0.0756  0.0944  -0.0410 46 VAL A N   
682 C CA  . VAL B 43 ? 0.7016 0.4847 0.6928 0.0895  0.1042  -0.0378 46 VAL A CA  
683 C C   . VAL B 43 ? 0.8877 0.6424 0.8644 0.0990  0.1155  -0.0523 46 VAL A C   
684 O O   . VAL B 43 ? 1.0491 0.8106 1.0253 0.1076  0.1317  -0.0573 46 VAL A O   
685 C CB  . VAL B 43 ? 0.5888 0.3740 0.6036 0.0907  0.0943  -0.0260 46 VAL A CB  
686 C CG1 . VAL B 43 ? 0.5860 0.3666 0.6215 0.1066  0.1019  -0.0238 46 VAL A CG1 
687 C CG2 . VAL B 43 ? 0.5528 0.3686 0.5810 0.0847  0.0874  -0.0125 46 VAL A CG2 
688 O OXT . VAL B 43 ? 1.0566 0.7805 1.0220 0.0979  0.1098  -0.0599 46 VAL A OXT 
# 
loop_
_pdbx_poly_seq_scheme.asym_id 
_pdbx_poly_seq_scheme.entity_id 
_pdbx_poly_seq_scheme.seq_id 
_pdbx_poly_seq_scheme.mon_id 
_pdbx_poly_seq_scheme.ndb_seq_num 
_pdbx_poly_seq_scheme.pdb_seq_num 
_pdbx_poly_seq_scheme.auth_seq_num 
_pdbx_poly_seq_scheme.pdb_mon_id 
_pdbx_poly_seq_scheme.auth_mon_id 
_pdbx_poly_seq_scheme.pdb_strand_id 
_pdbx_poly_seq_scheme.pdb_ins_code 
_pdbx_poly_seq_scheme.hetero 
A 1 1  LYS 1  4  ?  ?   ?   B . n 
A 1 2  LYS 2  5  5  LYS LYS B . n 
A 1 3  VAL 3  6  6  VAL VAL B . n 
A 1 4  VAL 4  7  7  VAL VAL B . n 
A 1 5  ALA 5  8  8  ALA ALA B . n 
A 1 6  ARG 6  9  9  ARG ARG B . n 
A 1 7  VAL 7  10 10 VAL VAL B . n 
A 1 8  ALA 8  11 11 ALA ALA B . n 
A 1 9  GLU 9  12 12 GLU GLU B . n 
A 1 10 ALA 10 13 13 ALA ALA B . n 
A 1 11 TYR 11 14 14 TYR TYR B . n 
A 1 12 ALA 12 15 15 ALA ALA B . n 
A 1 13 GLU 13 16 16 GLU GLU B . n 
A 1 14 ASP 14 17 17 ASP ASP B . n 
A 1 15 VAL 15 18 18 VAL VAL B . n 
A 1 16 GLY 16 19 19 GLY GLY B . n 
A 1 17 LYS 17 20 20 LYS LYS B . n 
A 1 18 ARG 18 21 21 ARG ARG B . n 
A 1 19 VAL 19 22 22 VAL VAL B . n 
A 1 20 VAL 20 23 23 VAL VAL B . n 
A 1 21 ARG 21 24 24 ARG ARG B . n 
A 1 22 VAL 22 25 25 VAL VAL B . n 
A 1 23 ASP 23 26 26 ASP ASP B . n 
A 1 24 LYS 24 27 27 LYS LYS B . n 
A 1 25 TYR 25 28 28 TYR TYR B . n 
A 1 26 GLU 26 29 29 GLU GLU B . n 
A 1 27 ARG 27 30 30 ARG ARG B . n 
A 1 28 ALA 28 31 31 ALA ALA B . n 
A 1 29 LYS 29 32 32 LYS LYS B . n 
A 1 30 VAL 30 33 33 VAL VAL B . n 
A 1 31 GLY 31 34 34 GLY GLY B . n 
A 1 32 VAL 32 35 35 VAL VAL B . n 
A 1 33 LYS 33 36 36 LYS LYS B . n 
A 1 34 VAL 34 37 37 VAL VAL B . n 
A 1 35 GLY 35 38 38 GLY GLY B . n 
A 1 36 ASP 36 39 39 ASP ASP B . n 
A 1 37 TYR 37 40 40 TYR TYR B . n 
A 1 38 VAL 38 41 41 VAL VAL B . n 
A 1 39 GLU 39 42 42 GLU GLU B . n 
A 1 40 VAL 40 43 43 VAL VAL B . n 
A 1 41 LYS 41 44 44 LYS LYS B . n 
A 1 42 LYS 42 45 45 LYS LYS B . n 
A 1 43 VAL 43 46 46 VAL VAL B . n 
B 1 1  LYS 1  4  ?  ?   ?   A . n 
B 1 2  LYS 2  5  5  LYS LYS A . n 
B 1 3  VAL 3  6  6  VAL VAL A . n 
B 1 4  VAL 4  7  7  VAL VAL A . n 
B 1 5  ALA 5  8  8  ALA ALA A . n 
B 1 6  ARG 6  9  9  ARG ARG A . n 
B 1 7  VAL 7  10 10 VAL VAL A . n 
B 1 8  ALA 8  11 11 ALA ALA A . n 
B 1 9  GLU 9  12 12 GLU GLU A . n 
B 1 10 ALA 10 13 13 ALA ALA A . n 
B 1 11 TYR 11 14 14 TYR TYR A . n 
B 1 12 ALA 12 15 15 ALA ALA A . n 
B 1 13 GLU 13 16 16 GLU GLU A . n 
B 1 14 ASP 14 17 17 ASP ASP A . n 
B 1 15 VAL 15 18 18 VAL VAL A . n 
B 1 16 GLY 16 19 19 GLY GLY A . n 
B 1 17 LYS 17 20 20 LYS LYS A . n 
B 1 18 ARG 18 21 21 ARG ARG A . n 
B 1 19 VAL 19 22 22 VAL VAL A . n 
B 1 20 VAL 20 23 23 VAL VAL A . n 
B 1 21 ARG 21 24 24 ARG ARG A . n 
B 1 22 VAL 22 25 25 VAL VAL A . n 
B 1 23 ASP 23 26 26 ASP ASP A . n 
B 1 24 LYS 24 27 27 LYS LYS A . n 
B 1 25 TYR 25 28 28 TYR TYR A . n 
B 1 26 GLU 26 29 29 GLU GLU A . n 
B 1 27 ARG 27 30 30 ARG ARG A . n 
B 1 28 ALA 28 31 31 ALA ALA A . n 
B 1 29 LYS 29 32 32 LYS LYS A . n 
B 1 30 VAL 30 33 33 VAL VAL A . n 
B 1 31 GLY 31 34 34 GLY GLY A . n 
B 1 32 VAL 32 35 35 VAL VAL A . n 
B 1 33 LYS 33 36 36 LYS LYS A . n 
B 1 34 VAL 34 37 37 VAL VAL A . n 
B 1 35 GLY 35 38 38 GLY GLY A . n 
B 1 36 ASP 36 39 39 ASP ASP A . n 
B 1 37 TYR 37 40 40 TYR TYR A . n 
B 1 38 VAL 38 41 41 VAL VAL A . n 
B 1 39 GLU 39 42 42 GLU GLU A . n 
B 1 40 VAL 40 43 43 VAL VAL A . n 
B 1 41 LYS 41 44 44 LYS LYS A . n 
B 1 42 LYS 42 45 45 LYS LYS A . n 
B 1 43 VAL 43 46 46 VAL VAL A . n 
# 
loop_
_pdbx_nonpoly_scheme.asym_id 
_pdbx_nonpoly_scheme.entity_id 
_pdbx_nonpoly_scheme.mon_id 
_pdbx_nonpoly_scheme.ndb_seq_num 
_pdbx_nonpoly_scheme.pdb_seq_num 
_pdbx_nonpoly_scheme.auth_seq_num 
_pdbx_nonpoly_scheme.pdb_mon_id 
_pdbx_nonpoly_scheme.auth_mon_id 
_pdbx_nonpoly_scheme.pdb_strand_id 
_pdbx_nonpoly_scheme.pdb_ins_code 
C 2 HOH 1  101 74  HOH HOH B . 
C 2 HOH 2  102 97  HOH HOH B . 
C 2 HOH 3  103 60  HOH HOH B . 
C 2 HOH 4  104 67  HOH HOH B . 
C 2 HOH 5  105 100 HOH HOH B . 
C 2 HOH 6  106 11  HOH HOH B . 
C 2 HOH 7  107 96  HOH HOH B . 
C 2 HOH 8  108 4   HOH HOH B . 
C 2 HOH 9  109 80  HOH HOH B . 
C 2 HOH 10 110 55  HOH HOH B . 
C 2 HOH 11 111 41  HOH HOH B . 
C 2 HOH 12 112 50  HOH HOH B . 
C 2 HOH 13 113 23  HOH HOH B . 
C 2 HOH 14 114 93  HOH HOH B . 
C 2 HOH 15 115 48  HOH HOH B . 
C 2 HOH 16 116 29  HOH HOH B . 
C 2 HOH 17 117 26  HOH HOH B . 
C 2 HOH 18 118 20  HOH HOH B . 
C 2 HOH 19 119 7   HOH HOH B . 
C 2 HOH 20 120 40  HOH HOH B . 
C 2 HOH 21 121 21  HOH HOH B . 
C 2 HOH 22 122 91  HOH HOH B . 
C 2 HOH 23 123 76  HOH HOH B . 
C 2 HOH 24 124 10  HOH HOH B . 
C 2 HOH 25 125 85  HOH HOH B . 
C 2 HOH 26 126 49  HOH HOH B . 
C 2 HOH 27 127 15  HOH HOH B . 
C 2 HOH 28 128 56  HOH HOH B . 
C 2 HOH 29 129 66  HOH HOH B . 
C 2 HOH 30 130 38  HOH HOH B . 
C 2 HOH 31 131 16  HOH HOH B . 
C 2 HOH 32 132 12  HOH HOH B . 
C 2 HOH 33 133 61  HOH HOH B . 
C 2 HOH 34 134 69  HOH HOH B . 
C 2 HOH 35 135 102 HOH HOH B . 
C 2 HOH 36 136 81  HOH HOH B . 
C 2 HOH 37 137 45  HOH HOH B . 
C 2 HOH 38 138 58  HOH HOH B . 
C 2 HOH 39 139 42  HOH HOH B . 
C 2 HOH 40 140 1   HOH HOH B . 
C 2 HOH 41 141 47  HOH HOH B . 
C 2 HOH 42 142 75  HOH HOH B . 
C 2 HOH 43 143 71  HOH HOH B . 
C 2 HOH 44 144 79  HOH HOH B . 
C 2 HOH 45 145 31  HOH HOH B . 
C 2 HOH 46 146 90  HOH HOH B . 
C 2 HOH 47 147 99  HOH HOH B . 
C 2 HOH 48 148 43  HOH HOH B . 
C 2 HOH 49 149 59  HOH HOH B . 
D 2 HOH 1  101 83  HOH HOH A . 
D 2 HOH 2  102 28  HOH HOH A . 
D 2 HOH 3  103 70  HOH HOH A . 
D 2 HOH 4  104 63  HOH HOH A . 
D 2 HOH 5  105 88  HOH HOH A . 
D 2 HOH 6  106 25  HOH HOH A . 
D 2 HOH 7  107 52  HOH HOH A . 
D 2 HOH 8  108 77  HOH HOH A . 
D 2 HOH 9  109 62  HOH HOH A . 
D 2 HOH 10 110 36  HOH HOH A . 
D 2 HOH 11 111 53  HOH HOH A . 
D 2 HOH 12 112 18  HOH HOH A . 
D 2 HOH 13 113 6   HOH HOH A . 
D 2 HOH 14 114 5   HOH HOH A . 
D 2 HOH 15 115 65  HOH HOH A . 
D 2 HOH 16 116 3   HOH HOH A . 
D 2 HOH 17 117 30  HOH HOH A . 
D 2 HOH 18 118 54  HOH HOH A . 
D 2 HOH 19 119 33  HOH HOH A . 
D 2 HOH 20 120 8   HOH HOH A . 
D 2 HOH 21 121 2   HOH HOH A . 
D 2 HOH 22 122 32  HOH HOH A . 
D 2 HOH 23 123 9   HOH HOH A . 
D 2 HOH 24 124 35  HOH HOH A . 
D 2 HOH 25 125 64  HOH HOH A . 
D 2 HOH 26 126 82  HOH HOH A . 
D 2 HOH 27 127 68  HOH HOH A . 
D 2 HOH 28 128 13  HOH HOH A . 
D 2 HOH 29 129 19  HOH HOH A . 
D 2 HOH 30 130 34  HOH HOH A . 
D 2 HOH 31 131 14  HOH HOH A . 
D 2 HOH 32 132 27  HOH HOH A . 
D 2 HOH 33 133 98  HOH HOH A . 
D 2 HOH 34 134 17  HOH HOH A . 
D 2 HOH 35 135 87  HOH HOH A . 
D 2 HOH 36 136 37  HOH HOH A . 
D 2 HOH 37 137 46  HOH HOH A . 
D 2 HOH 38 138 101 HOH HOH A . 
D 2 HOH 39 139 84  HOH HOH A . 
D 2 HOH 40 140 73  HOH HOH A . 
D 2 HOH 41 141 86  HOH HOH A . 
D 2 HOH 42 142 89  HOH HOH A . 
D 2 HOH 43 143 92  HOH HOH A . 
D 2 HOH 44 144 39  HOH HOH A . 
D 2 HOH 45 145 78  HOH HOH A . 
D 2 HOH 46 146 72  HOH HOH A . 
D 2 HOH 47 147 44  HOH HOH A . 
# 
_pdbx_struct_assembly.id                   1 
_pdbx_struct_assembly.details              author_and_software_defined_assembly 
_pdbx_struct_assembly.method_details       PISA 
_pdbx_struct_assembly.oligomeric_details   dimeric 
_pdbx_struct_assembly.oligomeric_count     2 
# 
_pdbx_struct_assembly_gen.assembly_id       1 
_pdbx_struct_assembly_gen.oper_expression   1 
_pdbx_struct_assembly_gen.asym_id_list      A,B,C,D 
# 
loop_
_pdbx_struct_assembly_prop.biol_id 
_pdbx_struct_assembly_prop.type 
_pdbx_struct_assembly_prop.value 
_pdbx_struct_assembly_prop.details 
1 'ABSA (A^2)' 4350 ? 
1 MORE         -17  ? 
1 'SSA (A^2)'  4720 ? 
# 
_pdbx_struct_oper_list.id                   1 
_pdbx_struct_oper_list.type                 'identity operation' 
_pdbx_struct_oper_list.name                 1_555 
_pdbx_struct_oper_list.symmetry_operation   x,y,z 
_pdbx_struct_oper_list.matrix[1][1]         1.0000000000 
_pdbx_struct_oper_list.matrix[1][2]         0.0000000000 
_pdbx_struct_oper_list.matrix[1][3]         0.0000000000 
_pdbx_struct_oper_list.vector[1]            0.0000000000 
_pdbx_struct_oper_list.matrix[2][1]         0.0000000000 
_pdbx_struct_oper_list.matrix[2][2]         1.0000000000 
_pdbx_struct_oper_list.matrix[2][3]         0.0000000000 
_pdbx_struct_oper_list.vector[2]            0.0000000000 
_pdbx_struct_oper_list.matrix[3][1]         0.0000000000 
_pdbx_struct_oper_list.matrix[3][2]         0.0000000000 
_pdbx_struct_oper_list.matrix[3][3]         1.0000000000 
_pdbx_struct_oper_list.vector[3]            0.0000000000 
# 
loop_
_pdbx_audit_revision_history.ordinal 
_pdbx_audit_revision_history.data_content_type 
_pdbx_audit_revision_history.major_revision 
_pdbx_audit_revision_history.minor_revision 
_pdbx_audit_revision_history.revision_date 
1 'Structure model' 1 0 2021-09-29 
2 'Structure model' 1 1 2021-11-17 
3 'Structure model' 1 2 2023-11-29 
# 
_pdbx_audit_revision_details.ordinal             1 
_pdbx_audit_revision_details.revision_ordinal    1 
_pdbx_audit_revision_details.data_content_type   'Structure model' 
_pdbx_audit_revision_details.provider            repository 
_pdbx_audit_revision_details.type                'Initial release' 
_pdbx_audit_revision_details.description         ? 
_pdbx_audit_revision_details.details             ? 
# 
loop_
_pdbx_audit_revision_group.ordinal 
_pdbx_audit_revision_group.revision_ordinal 
_pdbx_audit_revision_group.data_content_type 
_pdbx_audit_revision_group.group 
1 2 'Structure model' 'Database references'    
2 3 'Structure model' 'Data collection'        
3 3 'Structure model' 'Database references'    
4 3 'Structure model' 'Refinement description' 
# 
loop_
_pdbx_audit_revision_category.ordinal 
_pdbx_audit_revision_category.revision_ordinal 
_pdbx_audit_revision_category.data_content_type 
_pdbx_audit_revision_category.category 
1 2 'Structure model' citation                      
2 2 'Structure model' citation_author               
3 3 'Structure model' chem_comp_atom                
4 3 'Structure model' chem_comp_bond                
5 3 'Structure model' citation                      
6 3 'Structure model' pdbx_initial_refinement_model 
# 
_pdbx_audit_revision_item.ordinal             1 
_pdbx_audit_revision_item.revision_ordinal    3 
_pdbx_audit_revision_item.data_content_type   'Structure model' 
_pdbx_audit_revision_item.item                '_citation.journal_id_ISSN' 
# 
loop_
_software.citation_id 
_software.classification 
_software.compiler_name 
_software.compiler_version 
_software.contact_author 
_software.contact_author_email 
_software.date 
_software.description 
_software.dependencies 
_software.hardware 
_software.language 
_software.location 
_software.mods 
_software.name 
_software.os 
_software.os_version 
_software.type 
_software.version 
_software.pdbx_ordinal 
? refinement        ? ? ? ? ? ? ? ? ? ? ? PHENIX      ? ? ? 1.14_3260 1 
? 'data extraction' ? ? ? ? ? ? ? ? ? ? ? PDB_EXTRACT ? ? ? 3.27      2 
? 'data reduction'  ? ? ? ? ? ? ? ? ? ? ? XDS         ? ? ? .         3 
? 'data scaling'    ? ? ? ? ? ? ? ? ? ? ? XDS         ? ? ? .         4 
? phasing           ? ? ? ? ? ? ? ? ? ? ? PHASER      ? ? ? .         5 
# 
loop_
_pdbx_validate_close_contact.id 
_pdbx_validate_close_contact.PDB_model_num 
_pdbx_validate_close_contact.auth_atom_id_1 
_pdbx_validate_close_contact.auth_asym_id_1 
_pdbx_validate_close_contact.auth_comp_id_1 
_pdbx_validate_close_contact.auth_seq_id_1 
_pdbx_validate_close_contact.PDB_ins_code_1 
_pdbx_validate_close_contact.label_alt_id_1 
_pdbx_validate_close_contact.auth_atom_id_2 
_pdbx_validate_close_contact.auth_asym_id_2 
_pdbx_validate_close_contact.auth_comp_id_2 
_pdbx_validate_close_contact.auth_seq_id_2 
_pdbx_validate_close_contact.PDB_ins_code_2 
_pdbx_validate_close_contact.label_alt_id_2 
_pdbx_validate_close_contact.dist 
1 1 O  B HOH 114 ? ? O B HOH 147 ? ? 1.76 
2 1 NZ A LYS 45  ? ? O A HOH 101 ? ? 1.78 
3 1 O  A HOH 137 ? ? O A HOH 138 ? ? 1.95 
4 1 O  A HOH 108 ? ? O A HOH 145 ? ? 1.98 
5 1 N  A LYS 5   ? ? O A HOH 102 ? ? 2.04 
6 1 O  B HOH 120 ? ? O B HOH 135 ? ? 2.18 
# 
_pdbx_validate_symm_contact.id                1 
_pdbx_validate_symm_contact.PDB_model_num     1 
_pdbx_validate_symm_contact.auth_atom_id_1    O 
_pdbx_validate_symm_contact.auth_asym_id_1    B 
_pdbx_validate_symm_contact.auth_comp_id_1    HOH 
_pdbx_validate_symm_contact.auth_seq_id_1     141 
_pdbx_validate_symm_contact.PDB_ins_code_1    ? 
_pdbx_validate_symm_contact.label_alt_id_1    ? 
_pdbx_validate_symm_contact.site_symmetry_1   1_555 
_pdbx_validate_symm_contact.auth_atom_id_2    O 
_pdbx_validate_symm_contact.auth_asym_id_2    A 
_pdbx_validate_symm_contact.auth_comp_id_2    HOH 
_pdbx_validate_symm_contact.auth_seq_id_2     139 
_pdbx_validate_symm_contact.PDB_ins_code_2    ? 
_pdbx_validate_symm_contact.label_alt_id_2    ? 
_pdbx_validate_symm_contact.site_symmetry_2   3_645 
_pdbx_validate_symm_contact.dist              2.18 
# 
loop_
_pdbx_unobs_or_zero_occ_residues.id 
_pdbx_unobs_or_zero_occ_residues.PDB_model_num 
_pdbx_unobs_or_zero_occ_residues.polymer_flag 
_pdbx_unobs_or_zero_occ_residues.occupancy_flag 
_pdbx_unobs_or_zero_occ_residues.auth_asym_id 
_pdbx_unobs_or_zero_occ_residues.auth_comp_id 
_pdbx_unobs_or_zero_occ_residues.auth_seq_id 
_pdbx_unobs_or_zero_occ_residues.PDB_ins_code 
_pdbx_unobs_or_zero_occ_residues.label_asym_id 
_pdbx_unobs_or_zero_occ_residues.label_comp_id 
_pdbx_unobs_or_zero_occ_residues.label_seq_id 
1 1 Y 1 B LYS 4 ? A LYS 1 
2 1 Y 1 A LYS 4 ? B LYS 1 
# 
loop_
_chem_comp_atom.comp_id 
_chem_comp_atom.atom_id 
_chem_comp_atom.type_symbol 
_chem_comp_atom.pdbx_aromatic_flag 
_chem_comp_atom.pdbx_stereo_config 
_chem_comp_atom.pdbx_ordinal 
ALA N    N N N 1   
ALA CA   C N S 2   
ALA C    C N N 3   
ALA O    O N N 4   
ALA CB   C N N 5   
ALA OXT  O N N 6   
ALA H    H N N 7   
ALA H2   H N N 8   
ALA HA   H N N 9   
ALA HB1  H N N 10  
ALA HB2  H N N 11  
ALA HB3  H N N 12  
ALA HXT  H N N 13  
ARG N    N N N 14  
ARG CA   C N S 15  
ARG C    C N N 16  
ARG O    O N N 17  
ARG CB   C N N 18  
ARG CG   C N N 19  
ARG CD   C N N 20  
ARG NE   N N N 21  
ARG CZ   C N N 22  
ARG NH1  N N N 23  
ARG NH2  N N N 24  
ARG OXT  O N N 25  
ARG H    H N N 26  
ARG H2   H N N 27  
ARG HA   H N N 28  
ARG HB2  H N N 29  
ARG HB3  H N N 30  
ARG HG2  H N N 31  
ARG HG3  H N N 32  
ARG HD2  H N N 33  
ARG HD3  H N N 34  
ARG HE   H N N 35  
ARG HH11 H N N 36  
ARG HH12 H N N 37  
ARG HH21 H N N 38  
ARG HH22 H N N 39  
ARG HXT  H N N 40  
ASP N    N N N 41  
ASP CA   C N S 42  
ASP C    C N N 43  
ASP O    O N N 44  
ASP CB   C N N 45  
ASP CG   C N N 46  
ASP OD1  O N N 47  
ASP OD2  O N N 48  
ASP OXT  O N N 49  
ASP H    H N N 50  
ASP H2   H N N 51  
ASP HA   H N N 52  
ASP HB2  H N N 53  
ASP HB3  H N N 54  
ASP HD2  H N N 55  
ASP HXT  H N N 56  
GLU N    N N N 57  
GLU CA   C N S 58  
GLU C    C N N 59  
GLU O    O N N 60  
GLU CB   C N N 61  
GLU CG   C N N 62  
GLU CD   C N N 63  
GLU OE1  O N N 64  
GLU OE2  O N N 65  
GLU OXT  O N N 66  
GLU H    H N N 67  
GLU H2   H N N 68  
GLU HA   H N N 69  
GLU HB2  H N N 70  
GLU HB3  H N N 71  
GLU HG2  H N N 72  
GLU HG3  H N N 73  
GLU HE2  H N N 74  
GLU HXT  H N N 75  
GLY N    N N N 76  
GLY CA   C N N 77  
GLY C    C N N 78  
GLY O    O N N 79  
GLY OXT  O N N 80  
GLY H    H N N 81  
GLY H2   H N N 82  
GLY HA2  H N N 83  
GLY HA3  H N N 84  
GLY HXT  H N N 85  
HOH O    O N N 86  
HOH H1   H N N 87  
HOH H2   H N N 88  
LYS N    N N N 89  
LYS CA   C N S 90  
LYS C    C N N 91  
LYS O    O N N 92  
LYS CB   C N N 93  
LYS CG   C N N 94  
LYS CD   C N N 95  
LYS CE   C N N 96  
LYS NZ   N N N 97  
LYS OXT  O N N 98  
LYS H    H N N 99  
LYS H2   H N N 100 
LYS HA   H N N 101 
LYS HB2  H N N 102 
LYS HB3  H N N 103 
LYS HG2  H N N 104 
LYS HG3  H N N 105 
LYS HD2  H N N 106 
LYS HD3  H N N 107 
LYS HE2  H N N 108 
LYS HE3  H N N 109 
LYS HZ1  H N N 110 
LYS HZ2  H N N 111 
LYS HZ3  H N N 112 
LYS HXT  H N N 113 
TYR N    N N N 114 
TYR CA   C N S 115 
TYR C    C N N 116 
TYR O    O N N 117 
TYR CB   C N N 118 
TYR CG   C Y N 119 
TYR CD1  C Y N 120 
TYR CD2  C Y N 121 
TYR CE1  C Y N 122 
TYR CE2  C Y N 123 
TYR CZ   C Y N 124 
TYR OH   O N N 125 
TYR OXT  O N N 126 
TYR H    H N N 127 
TYR H2   H N N 128 
TYR HA   H N N 129 
TYR HB2  H N N 130 
TYR HB3  H N N 131 
TYR HD1  H N N 132 
TYR HD2  H N N 133 
TYR HE1  H N N 134 
TYR HE2  H N N 135 
TYR HH   H N N 136 
TYR HXT  H N N 137 
VAL N    N N N 138 
VAL CA   C N S 139 
VAL C    C N N 140 
VAL O    O N N 141 
VAL CB   C N N 142 
VAL CG1  C N N 143 
VAL CG2  C N N 144 
VAL OXT  O N N 145 
VAL H    H N N 146 
VAL H2   H N N 147 
VAL HA   H N N 148 
VAL HB   H N N 149 
VAL HG11 H N N 150 
VAL HG12 H N N 151 
VAL HG13 H N N 152 
VAL HG21 H N N 153 
VAL HG22 H N N 154 
VAL HG23 H N N 155 
VAL HXT  H N N 156 
# 
loop_
_chem_comp_bond.comp_id 
_chem_comp_bond.atom_id_1 
_chem_comp_bond.atom_id_2 
_chem_comp_bond.value_order 
_chem_comp_bond.pdbx_aromatic_flag 
_chem_comp_bond.pdbx_stereo_config 
_chem_comp_bond.pdbx_ordinal 
ALA N   CA   sing N N 1   
ALA N   H    sing N N 2   
ALA N   H2   sing N N 3   
ALA CA  C    sing N N 4   
ALA CA  CB   sing N N 5   
ALA CA  HA   sing N N 6   
ALA C   O    doub N N 7   
ALA C   OXT  sing N N 8   
ALA CB  HB1  sing N N 9   
ALA CB  HB2  sing N N 10  
ALA CB  HB3  sing N N 11  
ALA OXT HXT  sing N N 12  
ARG N   CA   sing N N 13  
ARG N   H    sing N N 14  
ARG N   H2   sing N N 15  
ARG CA  C    sing N N 16  
ARG CA  CB   sing N N 17  
ARG CA  HA   sing N N 18  
ARG C   O    doub N N 19  
ARG C   OXT  sing N N 20  
ARG CB  CG   sing N N 21  
ARG CB  HB2  sing N N 22  
ARG CB  HB3  sing N N 23  
ARG CG  CD   sing N N 24  
ARG CG  HG2  sing N N 25  
ARG CG  HG3  sing N N 26  
ARG CD  NE   sing N N 27  
ARG CD  HD2  sing N N 28  
ARG CD  HD3  sing N N 29  
ARG NE  CZ   sing N N 30  
ARG NE  HE   sing N N 31  
ARG CZ  NH1  sing N N 32  
ARG CZ  NH2  doub N N 33  
ARG NH1 HH11 sing N N 34  
ARG NH1 HH12 sing N N 35  
ARG NH2 HH21 sing N N 36  
ARG NH2 HH22 sing N N 37  
ARG OXT HXT  sing N N 38  
ASP N   CA   sing N N 39  
ASP N   H    sing N N 40  
ASP N   H2   sing N N 41  
ASP CA  C    sing N N 42  
ASP CA  CB   sing N N 43  
ASP CA  HA   sing N N 44  
ASP C   O    doub N N 45  
ASP C   OXT  sing N N 46  
ASP CB  CG   sing N N 47  
ASP CB  HB2  sing N N 48  
ASP CB  HB3  sing N N 49  
ASP CG  OD1  doub N N 50  
ASP CG  OD2  sing N N 51  
ASP OD2 HD2  sing N N 52  
ASP OXT HXT  sing N N 53  
GLU N   CA   sing N N 54  
GLU N   H    sing N N 55  
GLU N   H2   sing N N 56  
GLU CA  C    sing N N 57  
GLU CA  CB   sing N N 58  
GLU CA  HA   sing N N 59  
GLU C   O    doub N N 60  
GLU C   OXT  sing N N 61  
GLU CB  CG   sing N N 62  
GLU CB  HB2  sing N N 63  
GLU CB  HB3  sing N N 64  
GLU CG  CD   sing N N 65  
GLU CG  HG2  sing N N 66  
GLU CG  HG3  sing N N 67  
GLU CD  OE1  doub N N 68  
GLU CD  OE2  sing N N 69  
GLU OE2 HE2  sing N N 70  
GLU OXT HXT  sing N N 71  
GLY N   CA   sing N N 72  
GLY N   H    sing N N 73  
GLY N   H2   sing N N 74  
GLY CA  C    sing N N 75  
GLY CA  HA2  sing N N 76  
GLY CA  HA3  sing N N 77  
GLY C   O    doub N N 78  
GLY C   OXT  sing N N 79  
GLY OXT HXT  sing N N 80  
HOH O   H1   sing N N 81  
HOH O   H2   sing N N 82  
LYS N   CA   sing N N 83  
LYS N   H    sing N N 84  
LYS N   H2   sing N N 85  
LYS CA  C    sing N N 86  
LYS CA  CB   sing N N 87  
LYS CA  HA   sing N N 88  
LYS C   O    doub N N 89  
LYS C   OXT  sing N N 90  
LYS CB  CG   sing N N 91  
LYS CB  HB2  sing N N 92  
LYS CB  HB3  sing N N 93  
LYS CG  CD   sing N N 94  
LYS CG  HG2  sing N N 95  
LYS CG  HG3  sing N N 96  
LYS CD  CE   sing N N 97  
LYS CD  HD2  sing N N 98  
LYS CD  HD3  sing N N 99  
LYS CE  NZ   sing N N 100 
LYS CE  HE2  sing N N 101 
LYS CE  HE3  sing N N 102 
LYS NZ  HZ1  sing N N 103 
LYS NZ  HZ2  sing N N 104 
LYS NZ  HZ3  sing N N 105 
LYS OXT HXT  sing N N 106 
TYR N   CA   sing N N 107 
TYR N   H    sing N N 108 
TYR N   H2   sing N N 109 
TYR CA  C    sing N N 110 
TYR CA  CB   sing N N 111 
TYR CA  HA   sing N N 112 
TYR C   O    doub N N 113 
TYR C   OXT  sing N N 114 
TYR CB  CG   sing N N 115 
TYR CB  HB2  sing N N 116 
TYR CB  HB3  sing N N 117 
TYR CG  CD1  doub Y N 118 
TYR CG  CD2  sing Y N 119 
TYR CD1 CE1  sing Y N 120 
TYR CD1 HD1  sing N N 121 
TYR CD2 CE2  doub Y N 122 
TYR CD2 HD2  sing N N 123 
TYR CE1 CZ   doub Y N 124 
TYR CE1 HE1  sing N N 125 
TYR CE2 CZ   sing Y N 126 
TYR CE2 HE2  sing N N 127 
TYR CZ  OH   sing N N 128 
TYR OH  HH   sing N N 129 
TYR OXT HXT  sing N N 130 
VAL N   CA   sing N N 131 
VAL N   H    sing N N 132 
VAL N   H2   sing N N 133 
VAL CA  C    sing N N 134 
VAL CA  CB   sing N N 135 
VAL CA  HA   sing N N 136 
VAL C   O    doub N N 137 
VAL C   OXT  sing N N 138 
VAL CB  CG1  sing N N 139 
VAL CB  CG2  sing N N 140 
VAL CB  HB   sing N N 141 
VAL CG1 HG11 sing N N 142 
VAL CG1 HG12 sing N N 143 
VAL CG1 HG13 sing N N 144 
VAL CG2 HG21 sing N N 145 
VAL CG2 HG22 sing N N 146 
VAL CG2 HG23 sing N N 147 
VAL OXT HXT  sing N N 148 
# 
_pdbx_audit_support.funding_organization   'Japan Society for the Promotion of Science (JSPS)' 
_pdbx_audit_support.country                Japan 
_pdbx_audit_support.grant_number           18H01328 
_pdbx_audit_support.ordinal                1 
# 
_pdbx_entity_nonpoly.entity_id   2 
_pdbx_entity_nonpoly.name        water 
_pdbx_entity_nonpoly.comp_id     HOH 
# 
_pdbx_initial_refinement_model.id               1 
_pdbx_initial_refinement_model.entity_id_list   ? 
_pdbx_initial_refinement_model.type             'experimental model' 
_pdbx_initial_refinement_model.source_name      PDB 
_pdbx_initial_refinement_model.accession_code   7DXX 
_pdbx_initial_refinement_model.details          ? 
# 
_pdbx_struct_assembly_auth_evidence.id                     1 
_pdbx_struct_assembly_auth_evidence.assembly_id            1 
_pdbx_struct_assembly_auth_evidence.experimental_support   none 
_pdbx_struct_assembly_auth_evidence.details                ? 
# 
